data_6YAB
#
_entry.id   6YAB
#
_cell.length_a   78.021
_cell.length_b   304.312
_cell.length_c   128.5
_cell.angle_alpha   90
_cell.angle_beta   90
_cell.angle_gamma   90
#
_symmetry.space_group_name_H-M   'C 2 2 21'
#
loop_
_entity.id
_entity.type
_entity.pdbx_description
1 polymer Lipoprotein
2 polymer Lipoprotein
3 polymer Lipoprotein
4 non-polymer 'NICKEL (II) ION'
5 non-polymer URIDINE
6 non-polymer 'CACODYLATE ION'
7 non-polymer 'ACETATE ION'
8 water water
#
loop_
_entity_poly.entity_id
_entity_poly.type
_entity_poly.pdbx_seq_one_letter_code
_entity_poly.pdbx_strand_id
1 'polypeptide(L)'
;SSHHHHHHMSGENLYFQGASAAIVTDTGGVDDKSFNQSAWEGLQAWGKEHNLSKDNGFTYFQSTSEADYANNLQQAAGSY
NLIFGVGFALNNAVKDAAKEHTDLNYVLIDDVIKDQKNVASVTFADNESGYLAGVAAAKTTKTKQVGFVGGIESEVISRF
EAGFKAGVASVDPSIKVQVDYAGSFGDAAKGKTIAAAQYAAGADIVYQVAGGTGAGVFAEAKSLNESRPENEKVWVIGVD
RDQEAEGKYTSKDGKESNFVLVSTLKQVGTTVKDISNKAERGEFPGGQVIVYSLKDKGVDLAVTNLSEEGKKAVEDAKAK
ILDGSVKVPEK
;
CCC,BBB
2 'polypeptide(L)'
;HHHHHHMSGENLYFQGASAAIVTDTGGVDDKSFNQSAWEGLQAWGKEHNLSKDNGFTYFQSTSEADYANNLQQAAGSYNL
IFGVGFALNNAVKDAAKEHTDLNYVLIDDVIKDQKNVASVTFADNESGYLAGVAAAKTTKTKQVGFVGGIESEVISRFEA
GFKAGVASVDPSIKVQVDYAGSFGDAAKGKTIAAAQYAAGADIVYQVAGGTGAGVFAEAKSLNESRPENEKVWVIGVDRD
QEAEGKYTSKDGKESNFVLVSTLKQVGTTVKDISNKAERGEFPGGQVIVYSLKDKGVDLAVTNLSEEGKKAVEDAKAKIL
DGSVKVPEK
;
AAA
3 'polypeptide(L)'
;SSHHHHHHMSGENLYFQGASAAIVTDTGGVDDKSFNQSAWEGLQAWGKEHNLSKDNGFTYFQSTSEADYANNLQQAAGSY
NLIFGVGFALNNAVKDAAKEHTDLNYVLIDDVIKDQKNVASVTFADNESGYLAGVAAAKTTKTKQVGFVGGIESEVISRF
EAGFKAGVASVDPSIKVQVDYAGSFGDAAKGKTIAAAQYAAGADIVYQVAGGTGAGVFAEAKSLNESRPENEKVWVIGVD
RDQEAEGKYTSKDGKESNFVLVSTLKQVGTTVKDISNKAERGEFPGGQVIVYSLKDKGVDLAVTNLSEEGKKAVEDAKAK
ILDGSVKVPE
;
DDD
#
# COMPACT_ATOMS: atom_id res chain seq x y z
N SER A 1 -53.79 -14.37 -23.69
CA SER A 1 -54.96 -13.80 -22.95
C SER A 1 -55.07 -14.51 -21.62
N SER A 2 -55.10 -15.83 -21.68
CA SER A 2 -55.13 -16.72 -20.49
C SER A 2 -54.31 -17.97 -20.79
N HIS A 3 -53.81 -18.59 -19.73
CA HIS A 3 -52.95 -19.80 -19.81
C HIS A 3 -53.39 -20.75 -18.72
N HIS A 4 -54.61 -21.29 -18.78
CA HIS A 4 -55.17 -22.12 -17.67
C HIS A 4 -54.36 -23.42 -17.51
N HIS A 5 -54.08 -24.12 -18.61
CA HIS A 5 -53.21 -25.32 -18.62
C HIS A 5 -51.73 -24.90 -18.61
N HIS A 6 -51.12 -24.86 -17.44
CA HIS A 6 -49.75 -24.34 -17.20
C HIS A 6 -49.06 -25.18 -16.14
N HIS A 7 -47.74 -25.25 -16.17
CA HIS A 7 -46.95 -25.96 -15.14
C HIS A 7 -45.77 -25.08 -14.74
N HIS A 8 -45.44 -25.11 -13.46
CA HIS A 8 -44.35 -24.32 -12.83
C HIS A 8 -43.04 -25.07 -13.05
N MET A 9 -42.05 -24.42 -13.66
CA MET A 9 -40.67 -24.95 -13.78
C MET A 9 -39.79 -24.19 -12.78
N SER A 10 -39.29 -24.88 -11.76
CA SER A 10 -38.41 -24.29 -10.69
C SER A 10 -37.10 -23.82 -11.32
N GLY A 11 -36.48 -22.75 -10.81
CA GLY A 11 -35.23 -22.17 -11.35
C GLY A 11 -34.07 -23.14 -11.27
N GLU A 12 -34.09 -24.02 -10.26
CA GLU A 12 -33.03 -25.03 -10.07
C GLU A 12 -32.95 -25.93 -11.32
N ASN A 13 -34.05 -26.08 -12.08
CA ASN A 13 -34.14 -27.07 -13.19
C ASN A 13 -33.94 -26.39 -14.55
N LEU A 14 -33.97 -25.05 -14.56
CA LEU A 14 -33.91 -24.23 -15.79
C LEU A 14 -32.45 -23.98 -16.15
N TYR A 15 -32.11 -24.18 -17.43
CA TYR A 15 -30.87 -23.61 -17.99
C TYR A 15 -31.10 -23.06 -19.38
N PHE A 16 -30.26 -22.09 -19.73
CA PHE A 16 -30.03 -21.54 -21.08
C PHE A 16 -28.84 -22.25 -21.76
N GLN A 17 -29.09 -22.88 -22.90
CA GLN A 17 -28.05 -23.58 -23.70
C GLN A 17 -27.20 -22.49 -24.36
N GLY A 18 -25.89 -22.54 -24.16
CA GLY A 18 -24.90 -21.64 -24.78
C GLY A 18 -24.51 -22.08 -26.19
N ALA A 19 -23.94 -21.13 -26.94
CA ALA A 19 -23.27 -21.31 -28.24
C ALA A 19 -21.75 -21.12 -28.07
N SER A 20 -20.97 -21.59 -29.04
CA SER A 20 -19.52 -21.35 -29.16
C SER A 20 -19.26 -20.62 -30.48
N ALA A 21 -18.66 -19.43 -30.40
CA ALA A 21 -18.53 -18.47 -31.51
C ALA A 21 -17.05 -18.28 -31.85
N ALA A 22 -16.70 -18.37 -33.13
CA ALA A 22 -15.34 -18.16 -33.64
C ALA A 22 -15.36 -17.14 -34.78
N ILE A 23 -14.29 -16.36 -34.90
CA ILE A 23 -14.05 -15.52 -36.08
C ILE A 23 -12.92 -16.15 -36.90
N VAL A 24 -13.14 -16.18 -38.21
CA VAL A 24 -12.08 -16.41 -39.21
C VAL A 24 -11.73 -15.05 -39.80
N THR A 25 -10.47 -14.71 -39.63
CA THR A 25 -9.90 -13.36 -39.85
C THR A 25 -9.44 -13.25 -41.31
N ASP A 26 -9.58 -12.06 -41.92
CA ASP A 26 -8.93 -11.76 -43.21
C ASP A 26 -7.44 -11.43 -42.96
N THR A 27 -6.71 -11.08 -44.01
CA THR A 27 -5.23 -10.87 -44.04
C THR A 27 -4.74 -9.89 -42.94
N GLY A 28 -5.54 -8.89 -42.56
CA GLY A 28 -5.09 -7.87 -41.58
C GLY A 28 -4.65 -8.48 -40.25
N GLY A 29 -5.34 -9.53 -39.78
CA GLY A 29 -5.06 -10.15 -38.47
C GLY A 29 -5.67 -9.37 -37.31
N VAL A 30 -5.78 -10.00 -36.15
CA VAL A 30 -6.51 -9.46 -34.95
C VAL A 30 -5.72 -8.29 -34.36
N ASP A 31 -4.53 -7.97 -34.89
CA ASP A 31 -3.69 -6.82 -34.46
C ASP A 31 -3.62 -5.75 -35.56
N ASP A 32 -4.62 -5.69 -36.45
CA ASP A 32 -4.66 -4.70 -37.57
C ASP A 32 -5.09 -3.31 -37.05
N LYS A 33 -5.42 -3.14 -35.77
CA LYS A 33 -5.79 -1.82 -35.16
C LYS A 33 -7.12 -1.31 -35.74
N SER A 34 -7.84 -2.14 -36.50
CA SER A 34 -9.00 -1.68 -37.32
C SER A 34 -10.02 -2.80 -37.44
N PHE A 35 -10.18 -3.37 -38.63
CA PHE A 35 -11.34 -4.21 -39.00
C PHE A 35 -11.35 -5.52 -38.19
N ASN A 36 -10.30 -6.35 -38.32
CA ASN A 36 -10.24 -7.69 -37.69
C ASN A 36 -10.12 -7.50 -36.17
N GLN A 37 -9.38 -6.49 -35.73
CA GLN A 37 -9.21 -6.20 -34.28
C GLN A 37 -10.57 -5.88 -33.67
N SER A 38 -11.38 -5.05 -34.35
CA SER A 38 -12.75 -4.70 -33.89
C SER A 38 -13.56 -5.98 -33.67
N ALA A 39 -13.53 -6.91 -34.62
CA ALA A 39 -14.24 -8.21 -34.56
C ALA A 39 -13.78 -8.97 -33.30
N TRP A 40 -12.46 -9.07 -33.11
CA TRP A 40 -11.83 -9.82 -32.01
C TRP A 40 -12.20 -9.21 -30.64
N GLU A 41 -12.20 -7.86 -30.55
CA GLU A 41 -12.57 -7.15 -29.29
C GLU A 41 -14.05 -7.43 -28.97
N GLY A 42 -14.90 -7.48 -29.98
CA GLY A 42 -16.33 -7.80 -29.84
C GLY A 42 -16.53 -9.23 -29.36
N LEU A 43 -15.79 -10.18 -29.93
CA LEU A 43 -15.93 -11.59 -29.52
C LEU A 43 -15.41 -11.79 -28.09
N GLN A 44 -14.30 -11.14 -27.73
CA GLN A 44 -13.74 -11.19 -26.35
C GLN A 44 -14.77 -10.63 -25.37
N ALA A 45 -15.42 -9.52 -25.73
CA ALA A 45 -16.46 -8.89 -24.87
C ALA A 45 -17.68 -9.81 -24.77
N TRP A 46 -18.05 -10.48 -25.85
CA TRP A 46 -19.14 -11.48 -25.81
C TRP A 46 -18.75 -12.63 -24.88
N GLY A 47 -17.53 -13.15 -25.01
CA GLY A 47 -16.99 -14.23 -24.17
C GLY A 47 -17.04 -13.88 -22.68
N LYS A 48 -16.64 -12.65 -22.34
CA LYS A 48 -16.64 -12.11 -20.95
C LYS A 48 -18.08 -12.14 -20.41
N GLU A 49 -19.05 -11.66 -21.19
CA GLU A 49 -20.49 -11.61 -20.81
C GLU A 49 -20.98 -13.04 -20.52
N HIS A 50 -20.43 -14.05 -21.19
CA HIS A 50 -20.89 -15.47 -21.10
C HIS A 50 -19.97 -16.30 -20.20
N ASN A 51 -19.02 -15.67 -19.50
CA ASN A 51 -18.14 -16.34 -18.51
C ASN A 51 -17.25 -17.36 -19.22
N LEU A 52 -16.80 -17.05 -20.43
CA LEU A 52 -15.99 -17.95 -21.29
C LEU A 52 -14.54 -17.46 -21.32
N SER A 53 -13.65 -18.23 -21.94
CA SER A 53 -12.24 -17.82 -22.17
C SER A 53 -11.77 -18.35 -23.53
N LYS A 54 -10.64 -17.85 -24.01
CA LYS A 54 -10.11 -18.20 -25.35
C LYS A 54 -9.91 -19.71 -25.43
N ASP A 55 -10.42 -20.33 -26.50
CA ASP A 55 -10.39 -21.79 -26.78
C ASP A 55 -11.26 -22.56 -25.78
N ASN A 56 -12.09 -21.86 -25.01
CA ASN A 56 -13.16 -22.47 -24.15
C ASN A 56 -14.46 -21.67 -24.33
N GLY A 57 -15.02 -21.70 -25.56
CA GLY A 57 -16.26 -20.99 -25.93
C GLY A 57 -16.08 -20.01 -27.07
N PHE A 58 -14.89 -19.47 -27.27
CA PHE A 58 -14.60 -18.52 -28.38
C PHE A 58 -13.12 -18.55 -28.74
N THR A 59 -12.83 -18.26 -29.99
CA THR A 59 -11.44 -18.13 -30.49
C THR A 59 -11.43 -17.44 -31.85
N TYR A 60 -10.23 -17.29 -32.40
CA TYR A 60 -10.01 -16.73 -33.74
C TYR A 60 -9.06 -17.64 -34.51
N PHE A 61 -9.27 -17.75 -35.81
CA PHE A 61 -8.35 -18.43 -36.76
C PHE A 61 -7.87 -17.37 -37.74
N GLN A 62 -6.57 -17.05 -37.67
CA GLN A 62 -5.93 -16.03 -38.53
C GLN A 62 -5.72 -16.62 -39.92
N SER A 63 -6.09 -15.90 -40.97
CA SER A 63 -5.81 -16.25 -42.38
C SER A 63 -4.66 -15.39 -42.87
N THR A 64 -3.68 -16.01 -43.54
CA THR A 64 -2.51 -15.32 -44.16
C THR A 64 -2.67 -15.25 -45.69
N SER A 65 -3.55 -16.08 -46.26
CA SER A 65 -3.85 -16.11 -47.72
C SER A 65 -5.28 -16.56 -47.96
N GLU A 66 -5.76 -16.41 -49.18
CA GLU A 66 -7.13 -16.82 -49.62
C GLU A 66 -7.32 -18.30 -49.37
N ALA A 67 -6.28 -19.11 -49.62
CA ALA A 67 -6.33 -20.58 -49.51
C ALA A 67 -6.57 -21.01 -48.05
N ASP A 68 -6.18 -20.18 -47.08
CA ASP A 68 -6.35 -20.42 -45.62
C ASP A 68 -7.86 -20.36 -45.22
N TYR A 69 -8.70 -19.63 -45.97
CA TYR A 69 -10.10 -19.34 -45.55
C TYR A 69 -10.84 -20.65 -45.26
N ALA A 70 -10.87 -21.54 -46.26
CA ALA A 70 -11.56 -22.84 -46.25
C ALA A 70 -11.05 -23.72 -45.12
N ASN A 71 -9.72 -23.79 -44.95
CA ASN A 71 -9.06 -24.61 -43.90
CA ASN A 71 -9.06 -24.61 -43.89
C ASN A 71 -9.48 -24.08 -42.52
N ASN A 72 -9.47 -22.76 -42.33
CA ASN A 72 -9.83 -22.13 -41.05
C ASN A 72 -11.31 -22.41 -40.73
N LEU A 73 -12.20 -22.25 -41.71
CA LEU A 73 -13.66 -22.46 -41.53
C LEU A 73 -13.92 -23.91 -41.13
N GLN A 74 -13.27 -24.86 -41.80
CA GLN A 74 -13.43 -26.32 -41.57
C GLN A 74 -12.93 -26.65 -40.15
N GLN A 75 -11.79 -26.07 -39.75
CA GLN A 75 -11.21 -26.24 -38.39
C GLN A 75 -12.20 -25.71 -37.35
N ALA A 76 -12.81 -24.54 -37.61
CA ALA A 76 -13.79 -23.89 -36.71
C ALA A 76 -15.02 -24.79 -36.52
N ALA A 77 -15.42 -25.54 -37.54
CA ALA A 77 -16.59 -26.44 -37.53
C ALA A 77 -16.41 -27.57 -36.49
N GLY A 78 -15.20 -27.86 -36.05
CA GLY A 78 -14.90 -28.84 -34.99
C GLY A 78 -15.62 -28.53 -33.68
N SER A 79 -15.52 -27.31 -33.18
CA SER A 79 -15.96 -26.93 -31.81
C SER A 79 -16.95 -25.76 -31.80
N TYR A 80 -17.10 -25.01 -32.90
CA TYR A 80 -17.91 -23.76 -32.93
C TYR A 80 -19.14 -23.97 -33.81
N ASN A 81 -20.29 -23.44 -33.36
CA ASN A 81 -21.58 -23.55 -34.08
C ASN A 81 -22.06 -22.17 -34.52
N LEU A 82 -21.29 -21.11 -34.26
CA LEU A 82 -21.44 -19.79 -34.91
C LEU A 82 -20.07 -19.35 -35.41
N ILE A 83 -19.92 -19.21 -36.72
CA ILE A 83 -18.61 -18.94 -37.36
C ILE A 83 -18.74 -17.68 -38.22
N PHE A 84 -17.90 -16.69 -37.92
CA PHE A 84 -17.86 -15.39 -38.63
C PHE A 84 -16.75 -15.43 -39.68
N GLY A 85 -17.08 -15.13 -40.93
CA GLY A 85 -16.11 -14.75 -41.95
C GLY A 85 -15.92 -13.25 -42.00
N VAL A 86 -14.81 -12.75 -41.48
CA VAL A 86 -14.55 -11.29 -41.35
C VAL A 86 -13.83 -10.77 -42.59
N GLY A 87 -14.59 -10.37 -43.62
CA GLY A 87 -14.06 -9.72 -44.83
C GLY A 87 -14.78 -10.19 -46.08
N PHE A 88 -14.97 -9.31 -47.05
CA PHE A 88 -15.71 -9.63 -48.30
C PHE A 88 -15.01 -10.78 -49.03
N ALA A 89 -13.68 -10.85 -48.98
CA ALA A 89 -12.85 -11.88 -49.65
C ALA A 89 -13.26 -13.29 -49.19
N LEU A 90 -13.87 -13.42 -48.02
CA LEU A 90 -14.26 -14.75 -47.49
C LEU A 90 -15.61 -15.24 -48.06
N ASN A 91 -16.22 -14.48 -48.97
CA ASN A 91 -17.55 -14.79 -49.54
C ASN A 91 -17.67 -16.26 -49.94
N ASN A 92 -16.86 -16.71 -50.91
CA ASN A 92 -17.01 -18.05 -51.54
C ASN A 92 -16.72 -19.15 -50.50
N ALA A 93 -15.68 -18.98 -49.69
CA ALA A 93 -15.30 -20.01 -48.69
C ALA A 93 -16.44 -20.15 -47.65
N VAL A 94 -17.10 -19.06 -47.28
CA VAL A 94 -18.25 -19.14 -46.33
C VAL A 94 -19.43 -19.85 -47.02
N LYS A 95 -19.76 -19.49 -48.27
CA LYS A 95 -20.83 -20.17 -49.05
C LYS A 95 -20.63 -21.69 -48.98
N ASP A 96 -19.41 -22.16 -49.28
CA ASP A 96 -19.02 -23.60 -49.36
C ASP A 96 -19.12 -24.25 -47.98
N ALA A 97 -18.63 -23.59 -46.94
CA ALA A 97 -18.63 -24.13 -45.56
C ALA A 97 -20.08 -24.26 -45.05
N ALA A 98 -20.93 -23.25 -45.30
CA ALA A 98 -22.36 -23.27 -44.91
C ALA A 98 -23.11 -24.43 -45.57
N LYS A 99 -22.80 -24.73 -46.84
CA LYS A 99 -23.43 -25.86 -47.60
C LYS A 99 -22.99 -27.21 -47.03
N GLU A 100 -21.73 -27.37 -46.63
CA GLU A 100 -21.18 -28.64 -46.05
C GLU A 100 -21.68 -28.87 -44.61
N HIS A 101 -21.96 -27.80 -43.85
CA HIS A 101 -22.34 -27.86 -42.42
C HIS A 101 -23.66 -27.12 -42.19
N THR A 102 -24.77 -27.64 -42.69
CA THR A 102 -26.12 -27.00 -42.60
C THR A 102 -26.60 -26.88 -41.15
N ASP A 103 -25.99 -27.65 -40.23
CA ASP A 103 -26.35 -27.67 -38.79
C ASP A 103 -25.64 -26.51 -38.06
N LEU A 104 -24.68 -25.82 -38.69
CA LEU A 104 -23.95 -24.71 -38.04
C LEU A 104 -24.39 -23.40 -38.67
N ASN A 105 -24.19 -22.29 -37.97
CA ASN A 105 -24.60 -20.93 -38.44
C ASN A 105 -23.34 -20.14 -38.81
N TYR A 106 -23.43 -19.40 -39.91
CA TYR A 106 -22.30 -18.65 -40.51
C TYR A 106 -22.72 -17.19 -40.72
N VAL A 107 -21.78 -16.27 -40.53
CA VAL A 107 -21.98 -14.82 -40.74
C VAL A 107 -20.89 -14.36 -41.70
N LEU A 108 -21.27 -13.63 -42.76
CA LEU A 108 -20.29 -12.95 -43.64
C LEU A 108 -20.34 -11.45 -43.34
N ILE A 109 -19.21 -10.88 -42.97
CA ILE A 109 -19.06 -9.42 -42.75
C ILE A 109 -18.51 -8.78 -44.04
N ASP A 110 -19.25 -7.79 -44.56
CA ASP A 110 -18.88 -6.84 -45.65
C ASP A 110 -19.34 -7.33 -47.02
N ASP A 111 -20.16 -8.38 -47.10
CA ASP A 111 -20.73 -8.80 -48.41
C ASP A 111 -21.98 -9.65 -48.16
N VAL A 112 -22.68 -10.05 -49.22
CA VAL A 112 -24.02 -10.70 -49.14
C VAL A 112 -23.93 -12.08 -49.77
N ILE A 113 -24.45 -13.08 -49.06
CA ILE A 113 -24.72 -14.44 -49.59
C ILE A 113 -26.24 -14.61 -49.60
N LYS A 114 -26.80 -15.02 -50.73
CA LYS A 114 -28.27 -15.16 -50.92
C LYS A 114 -28.67 -16.63 -50.83
N ASP A 115 -29.88 -16.88 -50.33
CA ASP A 115 -30.62 -18.17 -50.43
C ASP A 115 -29.89 -19.27 -49.63
N GLN A 116 -29.26 -18.89 -48.51
CA GLN A 116 -28.61 -19.85 -47.59
C GLN A 116 -29.13 -19.56 -46.19
N LYS A 117 -29.99 -20.46 -45.68
CA LYS A 117 -30.77 -20.33 -44.42
C LYS A 117 -29.85 -20.25 -43.21
N ASN A 118 -28.65 -20.81 -43.26
CA ASN A 118 -27.69 -20.84 -42.14
C ASN A 118 -26.61 -19.77 -42.33
N VAL A 119 -26.82 -18.80 -43.24
CA VAL A 119 -25.89 -17.65 -43.45
C VAL A 119 -26.62 -16.33 -43.25
N ALA A 120 -26.03 -15.46 -42.42
CA ALA A 120 -26.40 -14.04 -42.27
C ALA A 120 -25.29 -13.19 -42.90
N SER A 121 -25.68 -12.09 -43.49
CA SER A 121 -24.79 -11.15 -44.22
C SER A 121 -24.91 -9.79 -43.56
N VAL A 122 -23.78 -9.12 -43.38
CA VAL A 122 -23.70 -7.81 -42.69
C VAL A 122 -22.98 -6.86 -43.63
N THR A 123 -23.59 -5.73 -43.93
CA THR A 123 -22.97 -4.65 -44.72
C THR A 123 -23.04 -3.37 -43.91
N PHE A 124 -22.08 -2.50 -44.19
CA PHE A 124 -21.98 -1.15 -43.58
C PHE A 124 -22.00 -0.12 -44.70
N ALA A 125 -22.73 0.97 -44.48
CA ALA A 125 -22.75 2.17 -45.35
C ALA A 125 -21.49 2.99 -45.08
N ASP A 126 -20.34 2.45 -45.47
CA ASP A 126 -19.01 3.06 -45.31
C ASP A 126 -18.89 4.30 -46.21
N ASN A 127 -19.75 4.41 -47.24
CA ASN A 127 -19.85 5.66 -48.05
C ASN A 127 -20.27 6.82 -47.15
N GLU A 128 -21.22 6.58 -46.23
CA GLU A 128 -21.80 7.63 -45.36
C GLU A 128 -20.76 8.10 -44.35
N SER A 129 -20.05 7.19 -43.69
CA SER A 129 -18.96 7.55 -42.76
C SER A 129 -17.83 8.21 -43.55
N GLY A 130 -17.55 7.72 -44.76
CA GLY A 130 -16.50 8.25 -45.64
C GLY A 130 -16.77 9.70 -46.00
N TYR A 131 -18.01 10.02 -46.37
CA TYR A 131 -18.50 11.39 -46.65
C TYR A 131 -18.13 12.31 -45.49
N LEU A 132 -18.46 11.92 -44.25
CA LEU A 132 -18.18 12.75 -43.04
C LEU A 132 -16.66 12.94 -42.92
N ALA A 133 -15.87 11.92 -43.24
CA ALA A 133 -14.39 12.00 -43.19
C ALA A 133 -13.92 12.99 -44.25
N GLY A 134 -14.55 12.98 -45.43
CA GLY A 134 -14.27 13.93 -46.52
C GLY A 134 -14.57 15.38 -46.13
N VAL A 135 -15.70 15.62 -45.47
CA VAL A 135 -16.10 16.97 -44.97
C VAL A 135 -15.05 17.45 -43.97
N ALA A 136 -14.66 16.57 -43.06
CA ALA A 136 -13.62 16.85 -42.04
C ALA A 136 -12.31 17.20 -42.72
N ALA A 137 -11.90 16.41 -43.72
CA ALA A 137 -10.61 16.57 -44.42
C ALA A 137 -10.58 17.93 -45.13
N ALA A 138 -11.66 18.28 -45.83
CA ALA A 138 -11.82 19.51 -46.63
C ALA A 138 -11.79 20.74 -45.71
N LYS A 139 -12.24 20.61 -44.46
CA LYS A 139 -12.31 21.74 -43.51
C LYS A 139 -10.98 21.92 -42.78
N THR A 140 -9.96 21.06 -43.00
CA THR A 140 -8.67 21.21 -42.28
C THR A 140 -7.47 21.30 -43.23
N THR A 141 -7.57 20.86 -44.49
CA THR A 141 -6.44 20.93 -45.47
C THR A 141 -5.96 22.37 -45.61
N LYS A 142 -4.66 22.61 -45.56
CA LYS A 142 -4.02 23.91 -45.89
C LYS A 142 -3.48 23.86 -47.33
N THR A 143 -2.91 22.72 -47.73
CA THR A 143 -2.30 22.49 -49.07
C THR A 143 -3.39 22.25 -50.12
N LYS A 144 -4.64 22.05 -49.70
CA LYS A 144 -5.78 21.71 -50.58
C LYS A 144 -5.49 20.42 -51.37
N GLN A 145 -4.67 19.53 -50.81
CA GLN A 145 -4.44 18.18 -51.38
C GLN A 145 -4.49 17.11 -50.27
N VAL A 146 -5.29 16.07 -50.48
CA VAL A 146 -5.49 14.95 -49.50
C VAL A 146 -5.31 13.61 -50.22
N GLY A 147 -4.99 12.58 -49.44
CA GLY A 147 -4.64 11.23 -49.91
C GLY A 147 -5.63 10.20 -49.40
N PHE A 148 -5.87 9.19 -50.22
CA PHE A 148 -6.70 7.98 -49.93
C PHE A 148 -5.86 6.76 -50.28
N VAL A 149 -5.52 5.94 -49.28
CA VAL A 149 -4.78 4.66 -49.43
C VAL A 149 -5.76 3.50 -49.19
N GLY A 150 -6.21 2.86 -50.28
CA GLY A 150 -7.10 1.70 -50.25
C GLY A 150 -6.31 0.42 -50.09
N GLY A 151 -6.95 -0.63 -49.58
CA GLY A 151 -6.35 -1.98 -49.52
C GLY A 151 -6.43 -2.65 -50.89
N ILE A 152 -7.56 -3.25 -51.19
CA ILE A 152 -7.82 -4.01 -52.44
C ILE A 152 -9.00 -3.36 -53.13
N GLU A 153 -8.80 -3.01 -54.41
CA GLU A 153 -9.86 -2.45 -55.29
C GLU A 153 -11.03 -3.42 -55.21
N SER A 154 -12.22 -2.91 -54.94
CA SER A 154 -13.42 -3.70 -54.56
C SER A 154 -14.63 -2.76 -54.39
N GLU A 155 -15.82 -3.34 -54.51
CA GLU A 155 -17.12 -2.69 -54.21
C GLU A 155 -17.02 -2.05 -52.82
N VAL A 156 -16.45 -2.77 -51.85
CA VAL A 156 -16.42 -2.35 -50.42
C VAL A 156 -15.55 -1.10 -50.26
N ILE A 157 -14.32 -1.11 -50.76
CA ILE A 157 -13.39 0.03 -50.58
C ILE A 157 -13.83 1.18 -51.49
N SER A 158 -14.52 0.88 -52.59
CA SER A 158 -15.06 1.91 -53.52
C SER A 158 -16.16 2.72 -52.83
N ARG A 159 -16.95 2.11 -51.95
CA ARG A 159 -17.93 2.85 -51.13
C ARG A 159 -17.20 3.89 -50.27
N PHE A 160 -16.12 3.50 -49.61
CA PHE A 160 -15.33 4.42 -48.76
C PHE A 160 -14.82 5.57 -49.64
N GLU A 161 -14.26 5.23 -50.79
CA GLU A 161 -13.58 6.16 -51.72
C GLU A 161 -14.60 7.14 -52.30
N ALA A 162 -15.72 6.63 -52.81
CA ALA A 162 -16.78 7.42 -53.46
C ALA A 162 -17.39 8.38 -52.43
N GLY A 163 -17.67 7.89 -51.23
CA GLY A 163 -18.20 8.71 -50.12
C GLY A 163 -17.20 9.79 -49.72
N PHE A 164 -15.93 9.44 -49.60
CA PHE A 164 -14.84 10.36 -49.19
C PHE A 164 -14.69 11.48 -50.23
N LYS A 165 -14.61 11.13 -51.52
CA LYS A 165 -14.50 12.12 -52.63
C LYS A 165 -15.70 13.07 -52.61
N ALA A 166 -16.91 12.52 -52.50
CA ALA A 166 -18.18 13.30 -52.50
C ALA A 166 -18.19 14.27 -51.32
N GLY A 167 -17.70 13.84 -50.16
CA GLY A 167 -17.70 14.64 -48.92
C GLY A 167 -16.75 15.81 -49.05
N VAL A 168 -15.57 15.58 -49.60
CA VAL A 168 -14.56 16.64 -49.86
C VAL A 168 -15.17 17.66 -50.83
N ALA A 169 -15.82 17.20 -51.89
CA ALA A 169 -16.40 18.02 -52.99
C ALA A 169 -17.54 18.90 -52.47
N SER A 170 -18.29 18.41 -51.48
CA SER A 170 -19.44 19.12 -50.84
C SER A 170 -18.95 20.40 -50.13
N VAL A 171 -17.70 20.41 -49.64
CA VAL A 171 -17.12 21.58 -48.92
C VAL A 171 -16.38 22.46 -49.92
N ASP A 172 -15.48 21.86 -50.72
CA ASP A 172 -14.56 22.58 -51.65
C ASP A 172 -14.17 21.68 -52.81
N PRO A 173 -14.83 21.81 -54.00
CA PRO A 173 -14.55 20.93 -55.14
C PRO A 173 -13.13 21.09 -55.72
N SER A 174 -12.46 22.19 -55.37
CA SER A 174 -11.08 22.55 -55.82
C SER A 174 -10.03 21.65 -55.17
N ILE A 175 -10.36 20.97 -54.07
CA ILE A 175 -9.40 20.09 -53.32
C ILE A 175 -9.10 18.85 -54.17
N LYS A 176 -7.83 18.48 -54.26
CA LYS A 176 -7.33 17.30 -55.02
C LYS A 176 -7.29 16.09 -54.08
N VAL A 177 -7.88 14.97 -54.50
CA VAL A 177 -7.83 13.69 -53.73
C VAL A 177 -6.97 12.70 -54.51
N GLN A 178 -5.75 12.42 -54.03
CA GLN A 178 -4.87 11.39 -54.62
C GLN A 178 -5.32 10.02 -54.11
N VAL A 179 -5.63 9.10 -55.02
CA VAL A 179 -6.09 7.72 -54.69
C VAL A 179 -5.01 6.73 -55.12
N ASP A 180 -4.58 5.86 -54.21
CA ASP A 180 -3.63 4.75 -54.50
C ASP A 180 -4.05 3.53 -53.67
N TYR A 181 -3.89 2.34 -54.24
CA TYR A 181 -4.25 1.05 -53.62
C TYR A 181 -2.99 0.23 -53.39
N ALA A 182 -2.91 -0.42 -52.23
CA ALA A 182 -1.77 -1.25 -51.82
C ALA A 182 -1.85 -2.63 -52.48
N GLY A 183 -3.07 -3.08 -52.80
CA GLY A 183 -3.31 -4.45 -53.30
C GLY A 183 -3.31 -5.50 -52.20
N SER A 184 -3.34 -5.09 -50.92
CA SER A 184 -3.38 -5.99 -49.74
C SER A 184 -3.92 -5.26 -48.50
N PHE A 185 -4.52 -6.00 -47.58
CA PHE A 185 -4.94 -5.53 -46.23
C PHE A 185 -3.91 -5.92 -45.17
N GLY A 186 -2.78 -6.55 -45.54
CA GLY A 186 -1.75 -6.95 -44.57
C GLY A 186 -0.32 -6.64 -45.01
N ASP A 187 -0.12 -5.56 -45.79
CA ASP A 187 1.19 -5.17 -46.38
C ASP A 187 1.60 -3.78 -45.89
N ALA A 188 2.15 -3.70 -44.68
CA ALA A 188 2.52 -2.42 -44.02
C ALA A 188 3.57 -1.66 -44.86
N ALA A 189 4.54 -2.36 -45.43
CA ALA A 189 5.64 -1.76 -46.23
C ALA A 189 5.05 -1.01 -47.42
N LYS A 190 4.02 -1.57 -48.06
CA LYS A 190 3.35 -0.93 -49.23
C LYS A 190 2.61 0.33 -48.75
N GLY A 191 1.96 0.27 -47.58
CA GLY A 191 1.29 1.44 -46.98
C GLY A 191 2.27 2.58 -46.75
N LYS A 192 3.44 2.28 -46.19
CA LYS A 192 4.49 3.28 -45.90
C LYS A 192 4.98 3.96 -47.19
N THR A 193 5.29 3.20 -48.24
CA THR A 193 5.83 3.80 -49.51
C THR A 193 4.73 4.61 -50.20
N ILE A 194 3.46 4.16 -50.18
CA ILE A 194 2.36 4.95 -50.80
C ILE A 194 2.14 6.26 -50.03
N ALA A 195 2.13 6.19 -48.70
CA ALA A 195 1.94 7.38 -47.84
C ALA A 195 3.10 8.37 -48.08
N ALA A 196 4.34 7.88 -48.09
CA ALA A 196 5.55 8.70 -48.33
C ALA A 196 5.38 9.50 -49.63
N ALA A 197 4.92 8.83 -50.71
CA ALA A 197 4.76 9.42 -52.05
C ALA A 197 3.62 10.44 -52.05
N GLN A 198 2.52 10.14 -51.34
CA GLN A 198 1.32 11.03 -51.28
C GLN A 198 1.66 12.31 -50.52
N TYR A 199 2.45 12.19 -49.43
CA TYR A 199 2.89 13.36 -48.61
C TYR A 199 3.88 14.20 -49.42
N ALA A 200 4.88 13.56 -50.03
CA ALA A 200 5.89 14.20 -50.90
C ALA A 200 5.21 14.98 -52.04
N ALA A 201 4.08 14.50 -52.58
CA ALA A 201 3.34 15.17 -53.67
C ALA A 201 2.47 16.33 -53.13
N GLY A 202 2.38 16.51 -51.81
CA GLY A 202 1.73 17.70 -51.22
C GLY A 202 0.43 17.41 -50.47
N ALA A 203 0.09 16.15 -50.20
CA ALA A 203 -1.06 15.81 -49.31
C ALA A 203 -0.68 16.21 -47.87
N ASP A 204 -1.59 16.85 -47.12
CA ASP A 204 -1.35 17.10 -45.67
C ASP A 204 -2.27 16.19 -44.84
N ILE A 205 -3.17 15.44 -45.46
CA ILE A 205 -4.07 14.46 -44.78
C ILE A 205 -4.11 13.18 -45.62
N VAL A 206 -3.91 12.01 -45.02
CA VAL A 206 -4.13 10.71 -45.69
C VAL A 206 -5.18 9.91 -44.90
N TYR A 207 -6.25 9.52 -45.58
CA TYR A 207 -7.27 8.56 -45.09
C TYR A 207 -6.86 7.16 -45.53
N GLN A 208 -6.54 6.31 -44.56
CA GLN A 208 -6.07 4.92 -44.83
C GLN A 208 -7.22 3.95 -44.59
N VAL A 209 -7.65 3.28 -45.66
CA VAL A 209 -8.76 2.29 -45.67
C VAL A 209 -8.17 0.98 -46.19
N ALA A 210 -7.26 0.39 -45.41
CA ALA A 210 -6.42 -0.72 -45.91
C ALA A 210 -6.06 -1.68 -44.79
N GLY A 211 -6.90 -1.78 -43.75
CA GLY A 211 -6.65 -2.74 -42.66
C GLY A 211 -5.25 -2.55 -42.08
N GLY A 212 -4.50 -3.64 -41.96
CA GLY A 212 -3.13 -3.69 -41.40
C GLY A 212 -2.10 -2.97 -42.28
N THR A 213 -2.37 -2.81 -43.57
CA THR A 213 -1.53 -2.01 -44.51
C THR A 213 -1.39 -0.59 -43.94
N GLY A 214 -2.43 -0.10 -43.25
CA GLY A 214 -2.52 1.24 -42.66
C GLY A 214 -1.45 1.47 -41.60
N ALA A 215 -0.93 0.44 -40.95
CA ALA A 215 0.16 0.57 -39.96
C ALA A 215 1.36 1.29 -40.60
N GLY A 216 1.62 1.02 -41.89
CA GLY A 216 2.70 1.70 -42.66
C GLY A 216 2.40 3.18 -42.84
N VAL A 217 1.14 3.54 -43.10
CA VAL A 217 0.72 4.97 -43.26
C VAL A 217 0.95 5.72 -41.94
N PHE A 218 0.65 5.09 -40.79
CA PHE A 218 0.89 5.69 -39.45
C PHE A 218 2.40 5.86 -39.24
N ALA A 219 3.18 4.84 -39.59
CA ALA A 219 4.65 4.84 -39.42
C ALA A 219 5.27 5.97 -40.25
N GLU A 220 4.80 6.18 -41.48
CA GLU A 220 5.31 7.25 -42.38
C GLU A 220 5.01 8.63 -41.79
N ALA A 221 3.76 8.87 -41.38
CA ALA A 221 3.31 10.15 -40.79
C ALA A 221 4.06 10.42 -39.50
N LYS A 222 4.33 9.39 -38.69
CA LYS A 222 5.09 9.58 -37.43
C LYS A 222 6.50 10.10 -37.77
N SER A 223 7.20 9.44 -38.70
CA SER A 223 8.58 9.80 -39.15
C SER A 223 8.62 11.26 -39.65
N LEU A 224 7.70 11.65 -40.52
CA LEU A 224 7.64 13.04 -41.04
C LEU A 224 7.43 14.03 -39.90
N ASN A 225 6.49 13.72 -39.01
CA ASN A 225 6.04 14.64 -37.93
C ASN A 225 7.10 14.74 -36.83
N GLU A 226 7.86 13.68 -36.58
CA GLU A 226 8.96 13.64 -35.57
C GLU A 226 10.07 14.61 -35.98
N SER A 227 10.35 14.73 -37.28
CA SER A 227 11.43 15.58 -37.85
C SER A 227 10.88 16.94 -38.30
N ARG A 228 9.77 17.42 -37.70
CA ARG A 228 9.13 18.68 -38.09
C ARG A 228 8.56 19.40 -36.86
N PRO A 229 8.38 20.73 -36.94
CA PRO A 229 7.61 21.47 -35.94
C PRO A 229 6.13 21.07 -35.94
N GLU A 230 5.49 21.18 -34.77
CA GLU A 230 4.10 20.73 -34.49
C GLU A 230 3.15 21.42 -35.48
N ASN A 231 3.35 22.70 -35.78
CA ASN A 231 2.43 23.48 -36.66
C ASN A 231 2.57 23.03 -38.12
N GLU A 232 3.60 22.27 -38.49
CA GLU A 232 3.84 21.77 -39.88
C GLU A 232 3.49 20.27 -39.97
N LYS A 233 2.77 19.74 -39.00
CA LYS A 233 2.48 18.29 -38.94
C LYS A 233 1.52 17.93 -40.08
N VAL A 234 1.54 16.65 -40.42
CA VAL A 234 0.72 16.04 -41.49
C VAL A 234 -0.25 15.07 -40.80
N TRP A 235 -1.49 14.99 -41.26
CA TRP A 235 -2.60 14.25 -40.59
C TRP A 235 -2.79 12.86 -41.22
N VAL A 236 -3.34 11.95 -40.42
CA VAL A 236 -3.90 10.63 -40.82
C VAL A 236 -5.37 10.61 -40.36
N ILE A 237 -6.27 10.08 -41.19
CA ILE A 237 -7.66 9.80 -40.77
C ILE A 237 -7.76 8.30 -40.46
N GLY A 238 -8.21 7.97 -39.24
CA GLY A 238 -8.36 6.60 -38.73
C GLY A 238 -9.53 5.88 -39.38
N VAL A 239 -9.55 4.55 -39.27
CA VAL A 239 -10.58 3.72 -39.94
C VAL A 239 -11.02 2.58 -39.01
N ASP A 240 -12.32 2.26 -39.05
CA ASP A 240 -12.95 1.08 -38.41
C ASP A 240 -13.06 1.30 -36.88
N ARG A 241 -11.94 1.50 -36.20
CA ARG A 241 -11.90 1.82 -34.76
C ARG A 241 -11.51 3.28 -34.59
N ASP A 242 -11.82 3.86 -33.43
CA ASP A 242 -11.27 5.19 -33.06
C ASP A 242 -9.77 4.97 -32.80
N GLN A 243 -8.90 5.47 -33.68
CA GLN A 243 -7.45 5.18 -33.67
C GLN A 243 -6.68 6.38 -33.07
N GLU A 244 -7.34 7.27 -32.33
CA GLU A 244 -6.69 8.48 -31.71
C GLU A 244 -5.40 8.07 -30.97
N ALA A 245 -5.42 6.96 -30.24
CA ALA A 245 -4.27 6.51 -29.41
C ALA A 245 -3.04 6.22 -30.30
N GLU A 246 -3.23 5.90 -31.58
CA GLU A 246 -2.11 5.51 -32.49
C GLU A 246 -1.42 6.76 -33.06
N GLY A 247 -2.01 7.95 -32.90
CA GLY A 247 -1.51 9.22 -33.51
C GLY A 247 -0.61 10.03 -32.59
N LYS A 248 -0.33 9.55 -31.38
CA LYS A 248 0.53 10.24 -30.38
C LYS A 248 1.98 10.24 -30.88
N TYR A 249 2.64 11.40 -30.77
CA TYR A 249 4.07 11.58 -31.12
C TYR A 249 4.61 12.85 -30.47
N THR A 250 5.93 12.99 -30.46
CA THR A 250 6.65 14.20 -30.00
C THR A 250 7.23 14.92 -31.22
N SER A 251 6.84 16.20 -31.40
CA SER A 251 7.29 17.10 -32.49
C SER A 251 8.81 17.32 -32.41
N LYS A 252 9.41 17.90 -33.46
CA LYS A 252 10.86 18.22 -33.48
C LYS A 252 11.18 19.29 -32.43
N ASP A 253 10.28 20.29 -32.28
CA ASP A 253 10.40 21.39 -31.31
C ASP A 253 9.96 20.93 -29.89
N GLY A 254 9.89 19.62 -29.64
CA GLY A 254 9.68 19.05 -28.29
C GLY A 254 8.23 18.98 -27.87
N LYS A 255 7.29 19.58 -28.63
CA LYS A 255 5.84 19.62 -28.32
C LYS A 255 5.21 18.24 -28.51
N GLU A 256 4.30 17.84 -27.63
CA GLU A 256 3.62 16.54 -27.77
C GLU A 256 2.29 16.79 -28.45
N SER A 257 2.03 16.06 -29.54
CA SER A 257 0.76 16.24 -30.27
C SER A 257 0.16 14.91 -30.72
N ASN A 258 -0.86 15.02 -31.56
CA ASN A 258 -1.57 13.86 -32.13
C ASN A 258 -1.85 14.18 -33.60
N PHE A 259 -1.46 13.29 -34.52
CA PHE A 259 -1.67 13.49 -35.98
C PHE A 259 -2.93 12.75 -36.47
N VAL A 260 -3.76 12.18 -35.60
CA VAL A 260 -5.08 11.65 -36.00
C VAL A 260 -6.10 12.80 -36.00
N LEU A 261 -6.62 13.15 -37.18
CA LEU A 261 -7.60 14.25 -37.32
C LEU A 261 -8.97 13.74 -36.85
N VAL A 262 -9.35 12.57 -37.35
CA VAL A 262 -10.71 12.04 -37.25
C VAL A 262 -10.62 10.53 -37.50
N SER A 263 -11.61 9.74 -37.10
CA SER A 263 -11.63 8.28 -37.39
C SER A 263 -13.02 7.91 -37.90
N THR A 264 -13.12 7.18 -39.02
CA THR A 264 -14.40 6.54 -39.39
C THR A 264 -14.53 5.32 -38.48
N LEU A 265 -15.76 5.04 -38.04
CA LEU A 265 -16.04 3.91 -37.14
C LEU A 265 -16.89 2.92 -37.93
N LYS A 266 -16.60 1.64 -37.72
CA LYS A 266 -17.35 0.51 -38.29
C LYS A 266 -17.49 -0.48 -37.15
N GLN A 267 -18.69 -0.67 -36.63
CA GLN A 267 -18.86 -1.38 -35.33
C GLN A 267 -18.89 -2.89 -35.59
N VAL A 268 -17.79 -3.45 -36.07
CA VAL A 268 -17.68 -4.90 -36.39
C VAL A 268 -17.81 -5.69 -35.09
N GLY A 269 -17.07 -5.29 -34.04
CA GLY A 269 -17.12 -5.93 -32.71
C GLY A 269 -18.52 -5.97 -32.16
N THR A 270 -19.22 -4.84 -32.20
CA THR A 270 -20.61 -4.75 -31.69
C THR A 270 -21.50 -5.74 -32.45
N THR A 271 -21.36 -5.85 -33.77
CA THR A 271 -22.16 -6.78 -34.60
C THR A 271 -21.86 -8.22 -34.20
N VAL A 272 -20.60 -8.56 -33.99
CA VAL A 272 -20.16 -9.92 -33.61
C VAL A 272 -20.86 -10.28 -32.30
N LYS A 273 -20.81 -9.37 -31.33
CA LYS A 273 -21.41 -9.60 -29.99
C LYS A 273 -22.93 -9.72 -30.12
N ASP A 274 -23.58 -8.82 -30.86
CA ASP A 274 -25.07 -8.80 -30.98
C ASP A 274 -25.53 -10.07 -31.70
N ILE A 275 -24.86 -10.49 -32.77
CA ILE A 275 -25.30 -11.69 -33.54
C ILE A 275 -24.99 -12.96 -32.73
N SER A 276 -23.89 -12.97 -31.99
CA SER A 276 -23.55 -14.10 -31.10
C SER A 276 -24.67 -14.28 -30.07
N ASN A 277 -25.16 -13.19 -29.49
CA ASN A 277 -26.30 -13.22 -28.52
C ASN A 277 -27.56 -13.72 -29.20
N LYS A 278 -27.81 -13.30 -30.44
CA LYS A 278 -29.00 -13.78 -31.19
C LYS A 278 -28.87 -15.29 -31.43
N ALA A 279 -27.68 -15.77 -31.78
CA ALA A 279 -27.43 -17.21 -32.03
C ALA A 279 -27.66 -18.01 -30.75
N GLU A 280 -27.15 -17.55 -29.60
CA GLU A 280 -27.31 -18.30 -28.31
C GLU A 280 -28.79 -18.40 -27.99
N ARG A 281 -29.57 -17.33 -28.22
CA ARG A 281 -31.03 -17.29 -27.88
C ARG A 281 -31.85 -18.06 -28.92
N GLY A 282 -31.21 -18.71 -29.91
CA GLY A 282 -31.93 -19.46 -30.97
C GLY A 282 -32.71 -18.52 -31.90
N GLU A 283 -32.23 -17.30 -32.09
CA GLU A 283 -32.87 -16.28 -32.96
C GLU A 283 -31.86 -15.82 -34.02
N PHE A 284 -31.05 -16.73 -34.51
CA PHE A 284 -30.02 -16.40 -35.52
C PHE A 284 -30.74 -15.93 -36.78
N PRO A 285 -30.41 -14.72 -37.30
CA PRO A 285 -31.06 -14.19 -38.51
C PRO A 285 -30.58 -14.78 -39.85
N GLY A 286 -30.69 -16.11 -40.00
CA GLY A 286 -30.27 -16.81 -41.22
C GLY A 286 -31.06 -16.35 -42.42
N GLY A 287 -30.37 -16.12 -43.53
CA GLY A 287 -30.96 -15.71 -44.81
C GLY A 287 -31.21 -14.21 -44.89
N GLN A 288 -30.89 -13.47 -43.83
CA GLN A 288 -31.15 -12.01 -43.80
C GLN A 288 -29.88 -11.26 -44.13
N VAL A 289 -30.04 -10.04 -44.64
CA VAL A 289 -28.95 -9.06 -44.86
C VAL A 289 -29.16 -7.96 -43.83
N ILE A 290 -28.18 -7.73 -42.97
CA ILE A 290 -28.27 -6.68 -41.92
C ILE A 290 -27.46 -5.48 -42.41
N VAL A 291 -28.14 -4.35 -42.60
CA VAL A 291 -27.52 -3.10 -43.13
C VAL A 291 -27.34 -2.11 -41.98
N TYR A 292 -26.10 -1.78 -41.66
CA TYR A 292 -25.74 -0.75 -40.68
C TYR A 292 -25.39 0.51 -41.46
N SER A 293 -25.88 1.65 -40.97
CA SER A 293 -25.66 2.96 -41.61
C SER A 293 -25.48 4.00 -40.50
N LEU A 294 -25.44 5.26 -40.89
CA LEU A 294 -25.21 6.40 -39.96
C LEU A 294 -26.38 6.49 -38.98
N LYS A 295 -27.60 6.22 -39.46
CA LYS A 295 -28.86 6.34 -38.69
C LYS A 295 -28.80 5.46 -37.44
N ASP A 296 -28.37 4.19 -37.59
CA ASP A 296 -28.38 3.21 -36.46
C ASP A 296 -27.02 3.21 -35.76
N LYS A 297 -26.12 4.13 -36.11
CA LYS A 297 -24.77 4.29 -35.49
C LYS A 297 -23.90 3.04 -35.71
N GLY A 298 -24.20 2.22 -36.73
CA GLY A 298 -23.32 1.12 -37.17
C GLY A 298 -22.03 1.65 -37.76
N VAL A 299 -22.10 2.79 -38.44
CA VAL A 299 -20.90 3.58 -38.84
C VAL A 299 -21.07 4.96 -38.22
N ASP A 300 -19.97 5.66 -37.95
CA ASP A 300 -20.00 7.04 -37.43
C ASP A 300 -18.66 7.69 -37.76
N LEU A 301 -18.50 8.96 -37.37
CA LEU A 301 -17.16 9.61 -37.36
C LEU A 301 -16.84 9.99 -35.92
N ALA A 302 -15.68 9.58 -35.43
CA ALA A 302 -15.09 10.07 -34.18
C ALA A 302 -14.40 11.41 -34.49
N VAL A 303 -14.89 12.51 -33.88
CA VAL A 303 -14.49 13.88 -34.30
C VAL A 303 -13.09 14.25 -33.79
N THR A 304 -12.68 13.73 -32.63
CA THR A 304 -11.29 13.83 -32.11
C THR A 304 -10.74 15.28 -32.25
N ASN A 305 -9.83 15.55 -33.20
CA ASN A 305 -8.98 16.78 -33.22
C ASN A 305 -9.46 17.77 -34.28
N LEU A 306 -10.66 17.56 -34.81
CA LEU A 306 -11.30 18.46 -35.80
C LEU A 306 -11.64 19.82 -35.14
N SER A 307 -11.50 20.89 -35.92
CA SER A 307 -11.86 22.29 -35.56
C SER A 307 -13.37 22.36 -35.36
N GLU A 308 -13.86 23.36 -34.60
CA GLU A 308 -15.30 23.54 -34.31
C GLU A 308 -16.08 23.78 -35.61
N GLU A 309 -15.50 24.53 -36.55
CA GLU A 309 -16.10 24.76 -37.90
C GLU A 309 -16.31 23.40 -38.58
N GLY A 310 -15.27 22.56 -38.59
CA GLY A 310 -15.33 21.19 -39.14
C GLY A 310 -16.44 20.39 -38.50
N LYS A 311 -16.51 20.40 -37.18
CA LYS A 311 -17.54 19.66 -36.40
C LYS A 311 -18.95 20.11 -36.83
N LYS A 312 -19.17 21.41 -37.03
CA LYS A 312 -20.49 21.96 -37.44
C LYS A 312 -20.83 21.44 -38.84
N ALA A 313 -19.88 21.47 -39.77
CA ALA A 313 -20.04 20.98 -41.16
C ALA A 313 -20.35 19.48 -41.14
N VAL A 314 -19.69 18.72 -40.27
CA VAL A 314 -19.92 17.25 -40.10
C VAL A 314 -21.37 17.04 -39.62
N GLU A 315 -21.79 17.75 -38.58
CA GLU A 315 -23.14 17.57 -37.96
C GLU A 315 -24.21 17.95 -39.00
N ASP A 316 -23.95 18.98 -39.82
CA ASP A 316 -24.86 19.43 -40.90
C ASP A 316 -24.92 18.35 -41.97
N ALA A 317 -23.77 17.82 -42.37
CA ALA A 317 -23.64 16.76 -43.38
C ALA A 317 -24.34 15.51 -42.87
N LYS A 318 -24.09 15.13 -41.62
CA LYS A 318 -24.73 13.94 -41.00
C LYS A 318 -26.25 14.12 -41.10
N ALA A 319 -26.76 15.27 -40.65
CA ALA A 319 -28.20 15.57 -40.56
C ALA A 319 -28.83 15.46 -41.96
N LYS A 320 -28.15 15.96 -42.99
CA LYS A 320 -28.64 15.93 -44.39
C LYS A 320 -28.64 14.50 -44.95
N ILE A 321 -27.74 13.63 -44.50
CA ILE A 321 -27.68 12.19 -44.91
C ILE A 321 -28.89 11.47 -44.30
N LEU A 322 -29.18 11.73 -43.03
CA LEU A 322 -30.35 11.12 -42.33
C LEU A 322 -31.65 11.63 -42.95
N ASP A 323 -31.71 12.91 -43.32
CA ASP A 323 -32.89 13.62 -43.94
C ASP A 323 -33.24 12.98 -45.28
N GLY A 324 -32.22 12.66 -46.08
CA GLY A 324 -32.36 12.19 -47.47
C GLY A 324 -32.06 13.31 -48.45
N SER A 325 -31.84 14.54 -47.98
CA SER A 325 -31.53 15.73 -48.81
C SER A 325 -30.22 15.50 -49.57
N VAL A 326 -29.21 14.87 -48.94
CA VAL A 326 -27.94 14.49 -49.62
C VAL A 326 -27.89 12.96 -49.74
N LYS A 327 -27.75 12.47 -50.98
CA LYS A 327 -27.55 11.03 -51.27
C LYS A 327 -26.05 10.81 -51.52
N VAL A 328 -25.38 10.13 -50.60
CA VAL A 328 -23.94 9.78 -50.77
C VAL A 328 -23.86 8.69 -51.83
N PRO A 329 -23.00 8.82 -52.88
CA PRO A 329 -22.83 7.76 -53.86
C PRO A 329 -22.10 6.55 -53.25
N GLU A 330 -22.32 5.36 -53.82
CA GLU A 330 -21.66 4.12 -53.32
C GLU A 330 -20.47 3.78 -54.23
N LYS A 331 -20.48 4.30 -55.46
CA LYS A 331 -19.38 4.04 -56.44
C LYS A 331 -18.44 5.24 -56.45
N HIS B 1 -28.89 33.54 -7.81
CA HIS B 1 -27.89 32.55 -7.30
C HIS B 1 -26.52 32.91 -7.90
N HIS B 2 -26.36 32.71 -9.20
CA HIS B 2 -25.19 33.20 -9.97
C HIS B 2 -25.46 34.66 -10.39
N HIS B 3 -24.49 35.29 -11.04
CA HIS B 3 -24.48 36.75 -11.31
C HIS B 3 -23.63 36.99 -12.56
N HIS B 4 -22.32 37.08 -12.36
CA HIS B 4 -21.28 37.23 -13.40
C HIS B 4 -21.09 35.82 -13.97
N HIS B 5 -21.50 35.61 -15.22
CA HIS B 5 -21.29 34.33 -15.94
C HIS B 5 -20.85 34.65 -17.36
N HIS B 6 -19.89 33.90 -17.90
CA HIS B 6 -19.41 33.98 -19.30
C HIS B 6 -19.72 32.65 -19.99
N MET B 7 -20.00 32.67 -21.30
CA MET B 7 -20.25 31.45 -22.12
C MET B 7 -18.93 30.90 -22.67
N SER B 8 -18.85 29.58 -22.87
CA SER B 8 -17.68 28.87 -23.46
C SER B 8 -18.16 27.52 -24.04
N GLY B 9 -17.50 26.99 -25.08
CA GLY B 9 -17.84 25.68 -25.68
C GLY B 9 -16.64 25.02 -26.33
N GLU B 10 -16.43 23.72 -26.08
CA GLU B 10 -15.25 22.95 -26.56
C GLU B 10 -13.93 23.67 -26.25
N ASN B 11 -13.93 24.60 -25.30
CA ASN B 11 -12.69 25.11 -24.67
C ASN B 11 -12.42 24.39 -23.35
N LEU B 12 -13.45 23.73 -22.78
CA LEU B 12 -13.30 22.91 -21.55
C LEU B 12 -12.83 21.50 -21.94
N TYR B 13 -11.73 21.04 -21.34
CA TYR B 13 -11.12 19.72 -21.60
C TYR B 13 -10.75 19.10 -20.26
N PHE B 14 -10.95 17.79 -20.15
CA PHE B 14 -10.63 16.93 -18.98
C PHE B 14 -9.28 16.25 -19.23
N GLN B 15 -8.32 16.49 -18.34
CA GLN B 15 -6.93 15.93 -18.45
C GLN B 15 -7.07 14.44 -18.13
N GLY B 16 -6.56 13.58 -19.03
CA GLY B 16 -6.52 12.13 -18.78
C GLY B 16 -5.30 11.73 -17.99
N ALA B 17 -5.39 10.57 -17.31
CA ALA B 17 -4.27 9.83 -16.70
C ALA B 17 -3.81 8.69 -17.62
N SER B 18 -2.60 8.21 -17.42
CA SER B 18 -2.08 6.96 -18.02
C SER B 18 -1.78 5.96 -16.90
N ALA B 19 -2.45 4.81 -16.94
CA ALA B 19 -2.48 3.82 -15.84
C ALA B 19 -1.77 2.55 -16.34
N ALA B 20 -0.81 2.06 -15.55
CA ALA B 20 -0.13 0.79 -15.79
C ALA B 20 -0.27 -0.13 -14.57
N ILE B 21 -0.28 -1.42 -14.84
CA ILE B 21 -0.16 -2.45 -13.79
C ILE B 21 1.23 -3.05 -13.92
N VAL B 22 1.90 -3.19 -12.77
CA VAL B 22 3.09 -4.07 -12.66
C VAL B 22 2.62 -5.34 -11.98
N THR B 23 2.82 -6.43 -12.67
CA THR B 23 2.21 -7.75 -12.46
C THR B 23 3.16 -8.54 -11.55
N ASP B 24 2.59 -9.37 -10.67
CA ASP B 24 3.38 -10.37 -9.92
C ASP B 24 3.67 -11.56 -10.85
N THR B 25 4.30 -12.60 -10.32
CA THR B 25 4.84 -13.77 -11.05
C THR B 25 3.79 -14.46 -11.94
N GLY B 26 2.51 -14.45 -11.55
CA GLY B 26 1.44 -15.16 -12.29
C GLY B 26 1.34 -14.73 -13.74
N GLY B 27 1.49 -13.43 -14.00
CA GLY B 27 1.32 -12.86 -15.36
C GLY B 27 -0.14 -12.62 -15.70
N VAL B 28 -0.37 -11.81 -16.72
CA VAL B 28 -1.73 -11.33 -17.11
C VAL B 28 -2.57 -12.47 -17.70
N ASP B 29 -1.98 -13.68 -17.84
CA ASP B 29 -2.67 -14.90 -18.35
C ASP B 29 -2.76 -15.94 -17.24
N ASP B 30 -2.75 -15.51 -15.97
CA ASP B 30 -2.84 -16.41 -14.80
C ASP B 30 -4.29 -16.90 -14.58
N LYS B 31 -5.27 -16.43 -15.38
CA LYS B 31 -6.69 -16.86 -15.30
C LYS B 31 -7.32 -16.45 -13.96
N SER B 32 -6.63 -15.61 -13.19
CA SER B 32 -6.98 -15.32 -11.77
C SER B 32 -6.61 -13.90 -11.40
N PHE B 33 -5.63 -13.73 -10.53
CA PHE B 33 -5.35 -12.45 -9.82
C PHE B 33 -4.89 -11.37 -10.80
N ASN B 34 -3.76 -11.59 -11.49
CA ASN B 34 -3.14 -10.58 -12.39
C ASN B 34 -4.08 -10.38 -13.59
N GLN B 35 -4.69 -11.45 -14.10
CA GLN B 35 -5.63 -11.37 -15.25
C GLN B 35 -6.83 -10.50 -14.85
N SER B 36 -7.39 -10.66 -13.66
CA SER B 36 -8.50 -9.81 -13.16
C SER B 36 -8.09 -8.33 -13.22
N ALA B 37 -6.90 -8.01 -12.73
CA ALA B 37 -6.34 -6.63 -12.75
C ALA B 37 -6.28 -6.12 -14.20
N TRP B 38 -5.72 -6.92 -15.10
CA TRP B 38 -5.51 -6.62 -16.54
C TRP B 38 -6.86 -6.42 -17.25
N GLU B 39 -7.87 -7.24 -16.94
CA GLU B 39 -9.23 -7.11 -17.51
C GLU B 39 -9.86 -5.79 -17.06
N GLY B 40 -9.64 -5.42 -15.79
CA GLY B 40 -10.11 -4.13 -15.24
C GLY B 40 -9.42 -2.95 -15.92
N LEU B 41 -8.12 -3.05 -16.14
CA LEU B 41 -7.35 -1.96 -16.78
C LEU B 41 -7.73 -1.85 -18.25
N GLN B 42 -7.93 -2.98 -18.94
CA GLN B 42 -8.37 -3.02 -20.37
C GLN B 42 -9.74 -2.36 -20.48
N ALA B 43 -10.63 -2.66 -19.53
CA ALA B 43 -12.00 -2.09 -19.50
C ALA B 43 -11.91 -0.60 -19.24
N TRP B 44 -11.01 -0.17 -18.34
CA TRP B 44 -10.78 1.27 -18.07
C TRP B 44 -10.28 1.94 -19.35
N GLY B 45 -9.30 1.35 -20.03
CA GLY B 45 -8.70 1.83 -21.30
C GLY B 45 -9.76 2.04 -22.38
N LYS B 46 -10.65 1.06 -22.54
CA LYS B 46 -11.78 1.09 -23.51
C LYS B 46 -12.68 2.30 -23.20
N GLU B 47 -13.05 2.48 -21.93
CA GLU B 47 -13.95 3.59 -21.49
C GLU B 47 -13.27 4.93 -21.85
N HIS B 48 -11.93 5.01 -21.85
CA HIS B 48 -11.15 6.27 -22.06
C HIS B 48 -10.58 6.35 -23.49
N ASN B 49 -11.01 5.47 -24.39
CA ASN B 49 -10.62 5.51 -25.84
C ASN B 49 -9.12 5.29 -25.98
N LEU B 50 -8.54 4.41 -25.16
CA LEU B 50 -7.08 4.13 -25.16
C LEU B 50 -6.81 2.77 -25.79
N SER B 51 -5.55 2.43 -26.01
CA SER B 51 -5.10 1.08 -26.44
C SER B 51 -3.79 0.71 -25.75
N LYS B 52 -3.41 -0.57 -25.79
CA LYS B 52 -2.22 -1.08 -25.09
C LYS B 52 -0.98 -0.32 -25.60
N ASP B 53 -0.16 0.16 -24.67
CA ASP B 53 1.07 0.97 -24.88
C ASP B 53 0.71 2.37 -25.43
N ASN B 54 -0.57 2.75 -25.41
CA ASN B 54 -1.02 4.13 -25.74
C ASN B 54 -2.10 4.56 -24.73
N GLY B 55 -1.72 4.72 -23.45
CA GLY B 55 -2.63 5.16 -22.36
C GLY B 55 -2.71 4.15 -21.21
N PHE B 56 -2.47 2.88 -21.50
CA PHE B 56 -2.43 1.80 -20.49
C PHE B 56 -1.53 0.68 -21.01
N THR B 57 -0.92 -0.04 -20.08
CA THR B 57 -0.17 -1.27 -20.42
C THR B 57 0.03 -2.06 -19.13
N TYR B 58 0.79 -3.12 -19.27
CA TYR B 58 1.17 -4.01 -18.16
C TYR B 58 2.65 -4.30 -18.35
N PHE B 59 3.34 -4.44 -17.23
CA PHE B 59 4.73 -4.94 -17.18
C PHE B 59 4.71 -6.24 -16.39
N GLN B 60 5.00 -7.34 -17.08
CA GLN B 60 5.07 -8.69 -16.48
C GLN B 60 6.38 -8.80 -15.70
N SER B 61 6.29 -9.28 -14.46
CA SER B 61 7.45 -9.56 -13.59
C SER B 61 7.63 -11.08 -13.54
N THR B 62 8.87 -11.56 -13.71
CA THR B 62 9.25 -12.99 -13.63
C THR B 62 10.03 -13.26 -12.32
N SER B 63 10.54 -12.20 -11.68
CA SER B 63 11.33 -12.28 -10.42
C SER B 63 11.13 -11.00 -9.61
N GLU B 64 11.55 -11.02 -8.34
CA GLU B 64 11.43 -9.87 -7.41
C GLU B 64 12.20 -8.68 -8.00
N ALA B 65 13.37 -8.92 -8.62
CA ALA B 65 14.27 -7.88 -9.16
C ALA B 65 13.56 -7.14 -10.30
N ASP B 66 12.63 -7.80 -11.00
CA ASP B 66 11.85 -7.22 -12.12
C ASP B 66 10.89 -6.15 -11.58
N TYR B 67 10.43 -6.21 -10.32
CA TYR B 67 9.41 -5.28 -9.77
C TYR B 67 9.93 -3.86 -9.89
N ALA B 68 11.10 -3.58 -9.30
CA ALA B 68 11.74 -2.24 -9.25
C ALA B 68 11.98 -1.72 -10.68
N ASN B 69 12.51 -2.58 -11.56
CA ASN B 69 12.83 -2.24 -12.97
C ASN B 69 11.54 -1.90 -13.71
N ASN B 70 10.48 -2.70 -13.53
CA ASN B 70 9.16 -2.50 -14.20
C ASN B 70 8.55 -1.20 -13.68
N LEU B 71 8.57 -0.94 -12.37
CA LEU B 71 7.98 0.30 -11.78
C LEU B 71 8.71 1.53 -12.34
N GLN B 72 10.04 1.49 -12.40
CA GLN B 72 10.87 2.62 -12.89
C GLN B 72 10.56 2.86 -14.37
N GLN B 73 10.45 1.79 -15.15
CA GLN B 73 10.07 1.86 -16.60
C GLN B 73 8.69 2.50 -16.74
N ALA B 74 7.74 2.09 -15.90
CA ALA B 74 6.34 2.59 -15.90
C ALA B 74 6.33 4.09 -15.60
N ALA B 75 7.24 4.60 -14.78
CA ALA B 75 7.33 6.02 -14.37
C ALA B 75 7.62 6.92 -15.57
N GLY B 76 8.19 6.37 -16.66
CA GLY B 76 8.43 7.09 -17.92
C GLY B 76 7.15 7.72 -18.49
N SER B 77 6.07 6.94 -18.62
CA SER B 77 4.86 7.34 -19.38
C SER B 77 3.58 7.31 -18.55
N TYR B 78 3.58 6.67 -17.37
CA TYR B 78 2.36 6.42 -16.56
C TYR B 78 2.42 7.20 -15.24
N ASN B 79 1.29 7.78 -14.82
CA ASN B 79 1.19 8.60 -13.58
C ASN B 79 0.24 7.93 -12.57
N LEU B 80 -0.31 6.77 -12.90
CA LEU B 80 -0.99 5.88 -11.91
C LEU B 80 -0.43 4.48 -12.10
N ILE B 81 0.28 3.97 -11.10
CA ILE B 81 1.00 2.68 -11.23
C ILE B 81 0.51 1.74 -10.13
N PHE B 82 0.00 0.58 -10.56
CA PHE B 82 -0.53 -0.46 -9.66
C PHE B 82 0.54 -1.51 -9.45
N GLY B 83 0.85 -1.77 -8.18
CA GLY B 83 1.59 -2.98 -7.78
C GLY B 83 0.63 -4.10 -7.45
N VAL B 84 0.54 -5.10 -8.32
CA VAL B 84 -0.46 -6.19 -8.19
C VAL B 84 0.16 -7.37 -7.44
N GLY B 85 0.08 -7.34 -6.10
CA GLY B 85 0.57 -8.43 -5.24
C GLY B 85 1.27 -7.92 -4.00
N PHE B 86 1.11 -8.61 -2.86
CA PHE B 86 1.77 -8.24 -1.59
C PHE B 86 3.29 -8.16 -1.75
N ALA B 87 3.88 -9.05 -2.57
CA ALA B 87 5.35 -9.15 -2.78
C ALA B 87 5.90 -7.82 -3.31
N LEU B 88 5.06 -6.98 -3.93
CA LEU B 88 5.52 -5.71 -4.52
C LEU B 88 5.60 -4.58 -3.47
N ASN B 89 5.29 -4.88 -2.20
CA ASN B 89 5.26 -3.87 -1.10
C ASN B 89 6.50 -2.96 -1.13
N ASN B 90 7.70 -3.52 -0.92
CA ASN B 90 8.95 -2.73 -0.77
C ASN B 90 9.24 -1.92 -2.03
N ALA B 91 9.13 -2.54 -3.22
CA ALA B 91 9.46 -1.88 -4.50
C ALA B 91 8.51 -0.71 -4.72
N VAL B 92 7.24 -0.84 -4.35
CA VAL B 92 6.25 0.27 -4.48
C VAL B 92 6.60 1.38 -3.48
N LYS B 93 6.90 1.05 -2.22
CA LYS B 93 7.32 2.06 -1.20
C LYS B 93 8.46 2.92 -1.76
N ASP B 94 9.50 2.28 -2.31
CA ASP B 94 10.73 2.94 -2.83
C ASP B 94 10.39 3.78 -4.07
N ALA B 95 9.56 3.27 -4.98
CA ALA B 95 9.19 4.00 -6.23
C ALA B 95 8.35 5.23 -5.87
N ALA B 96 7.41 5.12 -4.94
CA ALA B 96 6.54 6.24 -4.49
C ALA B 96 7.38 7.35 -3.86
N LYS B 97 8.45 7.01 -3.12
CA LYS B 97 9.36 8.00 -2.48
C LYS B 97 10.18 8.73 -3.54
N GLU B 98 10.65 8.04 -4.59
CA GLU B 98 11.48 8.63 -5.68
C GLU B 98 10.63 9.48 -6.63
N HIS B 99 9.33 9.17 -6.77
CA HIS B 99 8.41 9.84 -7.72
C HIS B 99 7.17 10.34 -6.96
N THR B 100 7.32 11.35 -6.10
CA THR B 100 6.21 11.92 -5.27
C THR B 100 5.14 12.57 -6.17
N ASP B 101 5.48 12.85 -7.42
CA ASP B 101 4.56 13.49 -8.42
C ASP B 101 3.63 12.43 -9.03
N LEU B 102 3.91 11.13 -8.87
CA LEU B 102 3.08 10.04 -9.46
C LEU B 102 2.28 9.36 -8.34
N ASN B 103 1.18 8.71 -8.69
CA ASN B 103 0.30 8.00 -7.72
C ASN B 103 0.48 6.49 -7.86
N TYR B 104 0.54 5.78 -6.73
CA TYR B 104 0.83 4.34 -6.66
C TYR B 104 -0.27 3.63 -5.86
N VAL B 105 -0.64 2.42 -6.27
CA VAL B 105 -1.62 1.56 -5.55
C VAL B 105 -0.95 0.22 -5.27
N LEU B 106 -1.04 -0.26 -4.03
CA LEU B 106 -0.61 -1.63 -3.68
C LEU B 106 -1.85 -2.51 -3.46
N ILE B 107 -1.97 -3.58 -4.22
CA ILE B 107 -3.07 -4.58 -4.06
C ILE B 107 -2.57 -5.73 -3.19
N ASP B 108 -3.29 -5.99 -2.10
CA ASP B 108 -3.19 -7.16 -1.19
C ASP B 108 -2.25 -6.89 0.00
N ASP B 109 -1.82 -5.65 0.22
CA ASP B 109 -1.03 -5.30 1.43
C ASP B 109 -1.13 -3.80 1.68
N VAL B 110 -0.58 -3.34 2.81
CA VAL B 110 -0.73 -1.94 3.30
C VAL B 110 0.64 -1.27 3.33
N ILE B 111 0.73 -0.07 2.75
CA ILE B 111 1.85 0.87 2.96
C ILE B 111 1.30 2.06 3.75
N LYS B 112 1.96 2.42 4.86
CA LYS B 112 1.53 3.52 5.76
C LYS B 112 2.38 4.77 5.49
N ASP B 113 1.77 5.94 5.72
CA ASP B 113 2.45 7.27 5.84
C ASP B 113 3.08 7.67 4.50
N GLN B 114 2.46 7.29 3.38
CA GLN B 114 2.88 7.71 2.02
C GLN B 114 1.67 8.27 1.30
N LYS B 115 1.62 9.60 1.14
CA LYS B 115 0.47 10.39 0.62
C LYS B 115 0.15 10.04 -0.83
N ASN B 116 1.12 9.55 -1.60
CA ASN B 116 0.93 9.18 -3.03
C ASN B 116 0.75 7.65 -3.16
N VAL B 117 0.45 6.94 -2.06
CA VAL B 117 0.18 5.47 -2.08
C VAL B 117 -1.19 5.16 -1.46
N ALA B 118 -2.00 4.38 -2.18
CA ALA B 118 -3.25 3.77 -1.68
C ALA B 118 -3.02 2.26 -1.53
N SER B 119 -3.69 1.64 -0.58
CA SER B 119 -3.57 0.21 -0.22
C SER B 119 -4.95 -0.45 -0.31
N VAL B 120 -5.00 -1.65 -0.87
CA VAL B 120 -6.27 -2.39 -1.09
C VAL B 120 -6.11 -3.77 -0.49
N THR B 121 -7.02 -4.17 0.39
CA THR B 121 -7.05 -5.54 0.96
C THR B 121 -8.42 -6.15 0.69
N PHE B 122 -8.46 -7.47 0.62
CA PHE B 122 -9.67 -8.30 0.46
C PHE B 122 -9.74 -9.28 1.63
N ALA B 123 -10.95 -9.46 2.17
CA ALA B 123 -11.31 -10.51 3.16
C ALA B 123 -11.44 -11.87 2.47
N ASP B 124 -10.31 -12.41 2.02
CA ASP B 124 -10.24 -13.69 1.29
C ASP B 124 -10.54 -14.86 2.24
N ASN B 125 -10.44 -14.63 3.55
CA ASN B 125 -10.89 -15.61 4.58
C ASN B 125 -12.39 -15.86 4.42
N GLU B 126 -13.17 -14.81 4.18
CA GLU B 126 -14.66 -14.89 4.10
C GLU B 126 -15.07 -15.67 2.85
N SER B 127 -14.49 -15.35 1.68
CA SER B 127 -14.74 -16.14 0.45
C SER B 127 -14.23 -17.58 0.63
N GLY B 128 -13.08 -17.75 1.30
CA GLY B 128 -12.48 -19.08 1.56
C GLY B 128 -13.41 -19.96 2.37
N TYR B 129 -13.99 -19.39 3.43
CA TYR B 129 -15.00 -20.05 4.30
C TYR B 129 -16.13 -20.63 3.42
N LEU B 130 -16.70 -19.82 2.53
CA LEU B 130 -17.81 -20.25 1.66
C LEU B 130 -17.34 -21.40 0.77
N ALA B 131 -16.08 -21.34 0.30
CA ALA B 131 -15.50 -22.42 -0.54
C ALA B 131 -15.39 -23.70 0.31
N GLY B 132 -15.00 -23.56 1.57
CA GLY B 132 -14.91 -24.67 2.55
C GLY B 132 -16.25 -25.35 2.80
N VAL B 133 -17.31 -24.56 2.98
CA VAL B 133 -18.70 -25.07 3.18
C VAL B 133 -19.09 -25.85 1.94
N ALA B 134 -18.85 -25.29 0.75
CA ALA B 134 -19.15 -25.93 -0.54
C ALA B 134 -18.39 -27.26 -0.64
N ALA B 135 -17.10 -27.25 -0.31
CA ALA B 135 -16.23 -28.44 -0.43
C ALA B 135 -16.74 -29.56 0.49
N ALA B 136 -17.07 -29.21 1.74
CA ALA B 136 -17.56 -30.14 2.80
C ALA B 136 -18.91 -30.75 2.41
N LYS B 137 -19.71 -30.05 1.63
CA LYS B 137 -21.06 -30.51 1.21
C LYS B 137 -20.97 -31.38 -0.03
N THR B 138 -19.79 -31.55 -0.66
CA THR B 138 -19.70 -32.35 -1.91
C THR B 138 -18.65 -33.48 -1.80
N THR B 139 -17.69 -33.42 -0.86
CA THR B 139 -16.68 -34.52 -0.68
C THR B 139 -17.39 -35.85 -0.41
N LYS B 140 -16.99 -36.91 -1.13
CA LYS B 140 -17.41 -38.31 -0.85
C LYS B 140 -16.30 -39.01 -0.06
N THR B 141 -15.03 -38.75 -0.38
CA THR B 141 -13.84 -39.33 0.28
C THR B 141 -13.59 -38.69 1.65
N LYS B 142 -14.28 -37.58 1.96
CA LYS B 142 -14.07 -36.81 3.22
C LYS B 142 -12.62 -36.32 3.31
N GLN B 143 -11.92 -36.13 2.18
CA GLN B 143 -10.56 -35.54 2.15
C GLN B 143 -10.46 -34.50 1.03
N VAL B 144 -9.99 -33.30 1.35
CA VAL B 144 -9.88 -32.15 0.39
C VAL B 144 -8.48 -31.56 0.48
N GLY B 145 -8.05 -30.90 -0.60
CA GLY B 145 -6.71 -30.33 -0.79
C GLY B 145 -6.74 -28.82 -0.92
N PHE B 146 -5.67 -28.19 -0.42
CA PHE B 146 -5.37 -26.74 -0.53
C PHE B 146 -3.95 -26.59 -1.07
N VAL B 147 -3.79 -26.01 -2.25
CA VAL B 147 -2.50 -25.69 -2.92
C VAL B 147 -2.29 -24.17 -2.87
N GLY B 148 -1.44 -23.71 -1.95
CA GLY B 148 -1.08 -22.30 -1.77
C GLY B 148 0.06 -21.94 -2.69
N GLY B 149 0.19 -20.67 -3.05
CA GLY B 149 1.35 -20.15 -3.79
C GLY B 149 2.54 -20.00 -2.87
N ILE B 150 2.60 -18.88 -2.15
CA ILE B 150 3.72 -18.52 -1.25
C ILE B 150 3.13 -18.30 0.14
N GLU B 151 3.69 -19.00 1.13
CA GLU B 151 3.32 -18.83 2.56
C GLU B 151 3.41 -17.36 2.89
N SER B 152 2.36 -16.81 3.48
CA SER B 152 2.13 -15.35 3.63
C SER B 152 0.86 -15.10 4.42
N GLU B 153 0.76 -13.92 5.02
CA GLU B 153 -0.44 -13.39 5.69
C GLU B 153 -1.62 -13.52 4.72
N VAL B 154 -1.42 -13.20 3.45
CA VAL B 154 -2.49 -13.13 2.41
C VAL B 154 -3.05 -14.54 2.15
N ILE B 155 -2.18 -15.49 1.87
CA ILE B 155 -2.66 -16.87 1.52
C ILE B 155 -3.14 -17.57 2.80
N SER B 156 -2.63 -17.16 3.97
CA SER B 156 -3.05 -17.73 5.27
C SER B 156 -4.49 -17.34 5.56
N ARG B 157 -4.93 -16.16 5.13
CA ARG B 157 -6.37 -15.79 5.22
C ARG B 157 -7.20 -16.78 4.43
N PHE B 158 -6.81 -17.08 3.19
CA PHE B 158 -7.55 -18.05 2.34
C PHE B 158 -7.60 -19.41 3.06
N GLU B 159 -6.46 -19.85 3.58
CA GLU B 159 -6.26 -21.19 4.17
C GLU B 159 -7.10 -21.29 5.46
N ALA B 160 -6.98 -20.31 6.35
CA ALA B 160 -7.67 -20.29 7.66
C ALA B 160 -9.18 -20.28 7.43
N GLY B 161 -9.65 -19.43 6.51
CA GLY B 161 -11.08 -19.34 6.15
C GLY B 161 -11.58 -20.66 5.57
N PHE B 162 -10.81 -21.26 4.66
CA PHE B 162 -11.16 -22.53 3.99
C PHE B 162 -11.29 -23.64 5.03
N LYS B 163 -10.30 -23.80 5.90
CA LYS B 163 -10.30 -24.85 6.96
C LYS B 163 -11.50 -24.66 7.87
N ALA B 164 -11.76 -23.43 8.33
CA ALA B 164 -12.86 -23.09 9.24
C ALA B 164 -14.22 -23.43 8.58
N GLY B 165 -14.35 -23.18 7.28
CA GLY B 165 -15.60 -23.41 6.54
C GLY B 165 -15.89 -24.88 6.42
N VAL B 166 -14.87 -25.68 6.13
CA VAL B 166 -14.97 -27.17 6.08
C VAL B 166 -15.43 -27.67 7.46
N ALA B 167 -14.81 -27.17 8.54
CA ALA B 167 -15.01 -27.62 9.93
C ALA B 167 -16.43 -27.28 10.41
N SER B 168 -17.01 -26.19 9.91
CA SER B 168 -18.38 -25.73 10.26
C SER B 168 -19.44 -26.75 9.83
N VAL B 169 -19.14 -27.56 8.81
CA VAL B 169 -20.07 -28.57 8.24
C VAL B 169 -19.73 -29.93 8.85
N ASP B 170 -18.46 -30.35 8.80
CA ASP B 170 -17.98 -31.68 9.25
C ASP B 170 -16.51 -31.60 9.66
N PRO B 171 -16.19 -31.53 10.98
CA PRO B 171 -14.80 -31.45 11.44
C PRO B 171 -13.97 -32.72 11.17
N SER B 172 -14.63 -33.84 10.83
CA SER B 172 -14.00 -35.15 10.51
C SER B 172 -13.25 -35.09 9.18
N ILE B 173 -13.56 -34.11 8.31
CA ILE B 173 -12.95 -33.96 6.96
C ILE B 173 -11.48 -33.54 7.12
N LYS B 174 -10.57 -34.19 6.38
CA LYS B 174 -9.12 -33.86 6.39
C LYS B 174 -8.83 -32.83 5.29
N VAL B 175 -8.10 -31.78 5.64
CA VAL B 175 -7.62 -30.75 4.67
C VAL B 175 -6.11 -30.92 4.52
N GLN B 176 -5.66 -31.43 3.38
CA GLN B 176 -4.22 -31.52 3.05
C GLN B 176 -3.78 -30.16 2.51
N VAL B 177 -2.76 -29.57 3.12
CA VAL B 177 -2.18 -28.24 2.75
C VAL B 177 -0.78 -28.46 2.22
N ASP B 178 -0.49 -27.90 1.04
CA ASP B 178 0.86 -27.87 0.43
C ASP B 178 1.03 -26.52 -0.25
N TYR B 179 2.23 -25.95 -0.18
CA TYR B 179 2.59 -24.68 -0.85
C TYR B 179 3.58 -24.95 -1.97
N ALA B 180 3.43 -24.25 -3.08
CA ALA B 180 4.25 -24.43 -4.30
C ALA B 180 5.54 -23.61 -4.18
N GLY B 181 5.53 -22.53 -3.42
CA GLY B 181 6.64 -21.57 -3.35
C GLY B 181 6.65 -20.61 -4.52
N SER B 182 5.57 -20.56 -5.32
CA SER B 182 5.48 -19.65 -6.49
C SER B 182 4.02 -19.43 -6.90
N PHE B 183 3.75 -18.27 -7.48
CA PHE B 183 2.46 -17.92 -8.15
C PHE B 183 2.58 -18.07 -9.66
N GLY B 184 3.71 -18.56 -10.20
CA GLY B 184 3.90 -18.65 -11.67
C GLY B 184 4.59 -19.93 -12.12
N ASP B 185 4.32 -21.05 -11.45
CA ASP B 185 4.99 -22.35 -11.66
C ASP B 185 3.94 -23.45 -11.83
N ALA B 186 3.41 -23.60 -13.05
CA ALA B 186 2.35 -24.58 -13.40
C ALA B 186 2.78 -26.01 -13.07
N ALA B 187 4.02 -26.38 -13.40
CA ALA B 187 4.56 -27.75 -13.23
C ALA B 187 4.50 -28.14 -11.74
N LYS B 188 4.78 -27.20 -10.85
CA LYS B 188 4.74 -27.45 -9.39
C LYS B 188 3.30 -27.70 -8.94
N GLY B 189 2.35 -26.92 -9.48
CA GLY B 189 0.91 -27.13 -9.22
C GLY B 189 0.44 -28.52 -9.62
N LYS B 190 0.86 -28.98 -10.79
CA LYS B 190 0.48 -30.32 -11.33
C LYS B 190 1.00 -31.42 -10.39
N THR B 191 2.26 -31.37 -9.96
CA THR B 191 2.84 -32.45 -9.11
C THR B 191 2.18 -32.41 -7.71
N ILE B 192 1.89 -31.23 -7.15
CA ILE B 192 1.23 -31.15 -5.82
C ILE B 192 -0.21 -31.69 -5.92
N ALA B 193 -0.93 -31.31 -6.97
CA ALA B 193 -2.33 -31.76 -7.21
C ALA B 193 -2.34 -33.28 -7.38
N ALA B 194 -1.44 -33.81 -8.21
CA ALA B 194 -1.28 -35.28 -8.46
C ALA B 194 -1.18 -36.01 -7.13
N ALA B 195 -0.32 -35.53 -6.23
CA ALA B 195 -0.04 -36.18 -4.92
C ALA B 195 -1.26 -36.08 -4.00
N GLN B 196 -1.93 -34.92 -4.00
CA GLN B 196 -3.13 -34.66 -3.13
C GLN B 196 -4.28 -35.56 -3.57
N TYR B 197 -4.50 -35.71 -4.89
CA TYR B 197 -5.57 -36.57 -5.46
C TYR B 197 -5.24 -38.06 -5.21
N ALA B 198 -4.01 -38.47 -5.50
CA ALA B 198 -3.51 -39.85 -5.27
C ALA B 198 -3.66 -40.25 -3.79
N ALA B 199 -3.51 -39.29 -2.86
CA ALA B 199 -3.64 -39.52 -1.41
C ALA B 199 -5.10 -39.54 -0.98
N GLY B 200 -6.04 -39.26 -1.87
CA GLY B 200 -7.50 -39.48 -1.67
C GLY B 200 -8.31 -38.19 -1.54
N ALA B 201 -7.77 -37.03 -1.91
CA ALA B 201 -8.55 -35.77 -2.00
C ALA B 201 -9.46 -35.89 -3.24
N ASP B 202 -10.74 -35.52 -3.14
CA ASP B 202 -11.62 -35.49 -4.36
C ASP B 202 -11.90 -34.03 -4.76
N ILE B 203 -11.42 -33.07 -3.96
CA ILE B 203 -11.54 -31.61 -4.27
C ILE B 203 -10.21 -30.93 -3.93
N VAL B 204 -9.69 -30.12 -4.84
CA VAL B 204 -8.52 -29.24 -4.55
C VAL B 204 -8.92 -27.78 -4.80
N TYR B 205 -8.76 -26.95 -3.77
CA TYR B 205 -8.80 -25.48 -3.85
C TYR B 205 -7.40 -24.96 -4.15
N GLN B 206 -7.23 -24.34 -5.32
CA GLN B 206 -5.91 -23.80 -5.76
C GLN B 206 -5.91 -22.28 -5.56
N VAL B 207 -5.03 -21.83 -4.66
CA VAL B 207 -4.86 -20.40 -4.28
C VAL B 207 -3.41 -20.04 -4.54
N ALA B 208 -3.03 -20.04 -5.81
CA ALA B 208 -1.61 -20.04 -6.23
C ALA B 208 -1.44 -19.34 -7.58
N GLY B 209 -2.34 -18.43 -7.92
CA GLY B 209 -2.25 -17.68 -9.19
C GLY B 209 -2.09 -18.61 -10.37
N GLY B 210 -1.07 -18.37 -11.20
CA GLY B 210 -0.77 -19.14 -12.44
C GLY B 210 -0.30 -20.55 -12.16
N THR B 211 0.23 -20.81 -10.95
CA THR B 211 0.59 -22.18 -10.49
C THR B 211 -0.65 -23.08 -10.59
N GLY B 212 -1.83 -22.49 -10.42
CA GLY B 212 -3.14 -23.18 -10.51
C GLY B 212 -3.41 -23.83 -11.84
N ALA B 213 -2.85 -23.31 -12.94
CA ALA B 213 -3.00 -23.92 -14.28
C ALA B 213 -2.58 -25.40 -14.24
N GLY B 214 -1.57 -25.73 -13.43
CA GLY B 214 -1.11 -27.12 -13.23
C GLY B 214 -2.14 -27.97 -12.53
N VAL B 215 -2.82 -27.41 -11.53
CA VAL B 215 -3.87 -28.15 -10.78
C VAL B 215 -5.03 -28.48 -11.74
N PHE B 216 -5.39 -27.55 -12.62
CA PHE B 216 -6.45 -27.78 -13.64
C PHE B 216 -6.01 -28.89 -14.60
N ALA B 217 -4.74 -28.83 -15.05
CA ALA B 217 -4.15 -29.81 -16.01
C ALA B 217 -4.19 -31.22 -15.40
N GLU B 218 -3.84 -31.35 -14.12
CA GLU B 218 -3.82 -32.67 -13.42
C GLU B 218 -5.24 -33.23 -13.31
N ALA B 219 -6.19 -32.42 -12.83
CA ALA B 219 -7.60 -32.84 -12.65
C ALA B 219 -8.21 -33.22 -14.01
N LYS B 220 -7.88 -32.49 -15.07
CA LYS B 220 -8.41 -32.79 -16.43
C LYS B 220 -7.95 -34.19 -16.84
N SER B 221 -6.63 -34.43 -16.74
CA SER B 221 -5.95 -35.71 -17.08
C SER B 221 -6.59 -36.89 -16.33
N LEU B 222 -6.77 -36.78 -15.01
CA LEU B 222 -7.38 -37.84 -14.19
C LEU B 222 -8.81 -38.10 -14.68
N ASN B 223 -9.57 -37.02 -14.90
CA ASN B 223 -11.03 -37.08 -15.16
C ASN B 223 -11.28 -37.60 -16.59
N GLU B 224 -10.38 -37.31 -17.52
CA GLU B 224 -10.45 -37.75 -18.95
C GLU B 224 -10.35 -39.29 -19.02
N SER B 225 -9.54 -39.89 -18.15
CA SER B 225 -9.34 -41.36 -18.06
C SER B 225 -10.20 -41.95 -16.93
N ARG B 226 -11.46 -41.52 -16.82
CA ARG B 226 -12.39 -42.01 -15.77
C ARG B 226 -13.85 -41.73 -16.17
N PRO B 227 -14.83 -42.44 -15.58
CA PRO B 227 -16.23 -42.09 -15.75
C PRO B 227 -16.60 -40.77 -15.05
N GLU B 228 -17.60 -40.10 -15.61
CA GLU B 228 -18.11 -38.76 -15.16
C GLU B 228 -18.48 -38.81 -13.68
N ASN B 229 -19.12 -39.89 -13.23
CA ASN B 229 -19.63 -40.04 -11.82
C ASN B 229 -18.46 -40.15 -10.84
N GLU B 230 -17.24 -40.47 -11.31
CA GLU B 230 -16.04 -40.69 -10.46
C GLU B 230 -15.07 -39.51 -10.60
N LYS B 231 -15.53 -38.37 -11.11
CA LYS B 231 -14.64 -37.22 -11.41
C LYS B 231 -14.16 -36.61 -10.09
N VAL B 232 -13.06 -35.89 -10.18
CA VAL B 232 -12.36 -35.16 -9.11
C VAL B 232 -12.55 -33.65 -9.38
N TRP B 233 -12.76 -32.83 -8.36
CA TRP B 233 -13.15 -31.40 -8.47
C TRP B 233 -11.95 -30.48 -8.25
N VAL B 234 -12.01 -29.30 -8.88
CA VAL B 234 -11.15 -28.10 -8.58
C VAL B 234 -12.05 -26.96 -8.14
N ILE B 235 -11.62 -26.20 -7.14
CA ILE B 235 -12.28 -24.91 -6.76
C ILE B 235 -11.46 -23.77 -7.36
N GLY B 236 -12.11 -22.93 -8.16
CA GLY B 236 -11.51 -21.76 -8.82
C GLY B 236 -11.23 -20.64 -7.85
N VAL B 237 -10.40 -19.68 -8.28
CA VAL B 237 -9.94 -18.58 -7.39
C VAL B 237 -9.88 -17.27 -8.19
N ASP B 238 -10.25 -16.16 -7.54
CA ASP B 238 -10.10 -14.76 -8.00
C ASP B 238 -11.14 -14.45 -9.09
N ARG B 239 -11.16 -15.20 -10.18
CA ARG B 239 -12.17 -15.08 -11.26
C ARG B 239 -13.05 -16.34 -11.25
N ASP B 240 -14.22 -16.25 -11.87
CA ASP B 240 -15.08 -17.42 -12.17
C ASP B 240 -14.34 -18.25 -13.22
N GLN B 241 -13.83 -19.44 -12.84
CA GLN B 241 -12.93 -20.26 -13.68
C GLN B 241 -13.70 -21.45 -14.29
N GLU B 242 -15.04 -21.40 -14.31
CA GLU B 242 -15.90 -22.47 -14.86
C GLU B 242 -15.41 -22.92 -16.23
N ALA B 243 -15.02 -21.98 -17.10
CA ALA B 243 -14.64 -22.31 -18.50
C ALA B 243 -13.37 -23.20 -18.52
N GLU B 244 -12.53 -23.17 -17.47
CA GLU B 244 -11.28 -23.98 -17.42
C GLU B 244 -11.56 -25.43 -17.00
N GLY B 245 -12.77 -25.76 -16.56
CA GLY B 245 -13.13 -27.10 -16.06
C GLY B 245 -13.77 -28.01 -17.10
N LYS B 246 -13.88 -27.59 -18.34
CA LYS B 246 -14.53 -28.37 -19.43
C LYS B 246 -13.66 -29.56 -19.82
N TYR B 247 -14.28 -30.74 -19.94
CA TYR B 247 -13.61 -31.98 -20.40
C TYR B 247 -14.63 -33.03 -20.85
N THR B 248 -14.15 -34.07 -21.51
CA THR B 248 -14.91 -35.26 -21.93
C THR B 248 -14.46 -36.44 -21.08
N SER B 249 -15.38 -37.06 -20.35
CA SER B 249 -15.18 -38.25 -19.51
C SER B 249 -14.75 -39.45 -20.38
N LYS B 250 -14.30 -40.55 -19.76
CA LYS B 250 -13.87 -41.78 -20.48
C LYS B 250 -15.11 -42.42 -21.14
N ASP B 251 -16.24 -42.45 -20.44
CA ASP B 251 -17.56 -42.97 -20.91
C ASP B 251 -18.25 -41.98 -21.89
N GLY B 252 -17.50 -41.01 -22.44
CA GLY B 252 -17.91 -40.14 -23.55
C GLY B 252 -18.82 -38.99 -23.15
N LYS B 253 -19.00 -38.73 -21.84
CA LYS B 253 -19.87 -37.63 -21.32
C LYS B 253 -19.09 -36.31 -21.30
N GLU B 254 -19.69 -35.24 -21.81
CA GLU B 254 -19.11 -33.86 -21.74
C GLU B 254 -19.55 -33.24 -20.41
N SER B 255 -18.61 -32.75 -19.61
CA SER B 255 -18.85 -32.35 -18.20
C SER B 255 -17.90 -31.21 -17.80
N ASN B 256 -17.92 -30.86 -16.52
CA ASN B 256 -17.15 -29.74 -15.96
C ASN B 256 -16.72 -30.12 -14.54
N PHE B 257 -15.43 -30.04 -14.23
CA PHE B 257 -14.87 -30.40 -12.89
C PHE B 257 -14.60 -29.16 -12.03
N VAL B 258 -15.04 -27.96 -12.44
CA VAL B 258 -15.03 -26.80 -11.50
C VAL B 258 -16.29 -26.87 -10.64
N LEU B 259 -16.12 -27.01 -9.32
CA LEU B 259 -17.24 -27.08 -8.36
C LEU B 259 -17.77 -25.66 -8.14
N VAL B 260 -16.86 -24.76 -7.84
CA VAL B 260 -17.19 -23.42 -7.26
C VAL B 260 -15.97 -22.53 -7.50
N SER B 261 -16.10 -21.21 -7.48
CA SER B 261 -14.93 -20.28 -7.60
C SER B 261 -15.05 -19.20 -6.54
N THR B 262 -13.98 -18.91 -5.81
CA THR B 262 -13.91 -17.70 -4.98
C THR B 262 -13.67 -16.55 -5.94
N LEU B 263 -14.29 -15.40 -5.68
CA LEU B 263 -14.14 -14.19 -6.54
C LEU B 263 -13.41 -13.14 -5.74
N LYS B 264 -12.53 -12.40 -6.40
CA LYS B 264 -11.76 -11.28 -5.83
C LYS B 264 -11.76 -10.22 -6.92
N GLN B 265 -12.47 -9.09 -6.72
CA GLN B 265 -12.77 -8.14 -7.81
C GLN B 265 -11.61 -7.15 -7.96
N VAL B 266 -10.44 -7.68 -8.33
CA VAL B 266 -9.21 -6.88 -8.53
C VAL B 266 -9.44 -5.91 -9.70
N GLY B 267 -9.96 -6.41 -10.82
CA GLY B 267 -10.28 -5.60 -12.01
C GLY B 267 -11.17 -4.43 -11.68
N THR B 268 -12.27 -4.66 -10.95
CA THR B 268 -13.20 -3.59 -10.52
C THR B 268 -12.41 -2.51 -9.77
N THR B 269 -11.55 -2.91 -8.83
CA THR B 269 -10.77 -1.95 -8.00
C THR B 269 -9.84 -1.11 -8.90
N VAL B 270 -9.16 -1.75 -9.84
CA VAL B 270 -8.20 -1.08 -10.75
C VAL B 270 -8.96 -0.01 -11.53
N LYS B 271 -10.12 -0.39 -12.08
CA LYS B 271 -10.97 0.52 -12.90
C LYS B 271 -11.46 1.67 -12.02
N ASP B 272 -12.00 1.39 -10.83
CA ASP B 272 -12.62 2.43 -9.96
C ASP B 272 -11.52 3.41 -9.52
N ILE B 273 -10.35 2.92 -9.12
CA ILE B 273 -9.28 3.82 -8.61
C ILE B 273 -8.65 4.58 -9.78
N SER B 274 -8.54 3.98 -10.96
CA SER B 274 -8.05 4.67 -12.17
C SER B 274 -8.95 5.86 -12.45
N ASN B 275 -10.27 5.68 -12.38
CA ASN B 275 -11.27 6.77 -12.59
C ASN B 275 -11.08 7.85 -11.52
N LYS B 276 -10.88 7.47 -10.26
CA LYS B 276 -10.69 8.46 -9.18
C LYS B 276 -9.39 9.23 -9.41
N ALA B 277 -8.33 8.56 -9.85
CA ALA B 277 -7.01 9.19 -10.11
C ALA B 277 -7.15 10.19 -11.27
N GLU B 278 -7.84 9.81 -12.35
CA GLU B 278 -8.01 10.71 -13.52
C GLU B 278 -8.76 11.98 -13.08
N ARG B 279 -9.72 11.86 -12.16
CA ARG B 279 -10.57 12.98 -11.71
C ARG B 279 -9.89 13.78 -10.59
N GLY B 280 -8.62 13.50 -10.26
CA GLY B 280 -7.88 14.18 -9.18
C GLY B 280 -8.47 13.91 -7.79
N GLU B 281 -9.05 12.73 -7.58
CA GLU B 281 -9.59 12.30 -6.26
C GLU B 281 -8.92 10.99 -5.82
N PHE B 282 -7.63 10.87 -6.09
CA PHE B 282 -6.86 9.66 -5.76
C PHE B 282 -6.83 9.54 -4.24
N PRO B 283 -7.26 8.38 -3.66
CA PRO B 283 -7.28 8.21 -2.21
C PRO B 283 -5.92 7.85 -1.58
N GLY B 284 -4.93 8.72 -1.77
CA GLY B 284 -3.58 8.60 -1.21
C GLY B 284 -3.62 8.53 0.31
N GLY B 285 -2.85 7.60 0.88
CA GLY B 285 -2.72 7.40 2.34
C GLY B 285 -3.85 6.56 2.91
N GLN B 286 -4.84 6.15 2.11
CA GLN B 286 -6.03 5.42 2.62
C GLN B 286 -5.88 3.92 2.37
N VAL B 287 -6.55 3.13 3.21
CA VAL B 287 -6.60 1.65 3.11
C VAL B 287 -8.02 1.30 2.71
N ILE B 288 -8.21 0.65 1.57
CA ILE B 288 -9.56 0.28 1.07
C ILE B 288 -9.76 -1.21 1.36
N VAL B 289 -10.75 -1.55 2.20
CA VAL B 289 -11.05 -2.94 2.63
C VAL B 289 -12.30 -3.45 1.91
N TYR B 290 -12.13 -4.46 1.08
CA TYR B 290 -13.24 -5.18 0.40
C TYR B 290 -13.51 -6.48 1.18
N SER B 291 -14.77 -6.79 1.37
CA SER B 291 -15.23 -8.01 2.07
C SER B 291 -16.45 -8.57 1.38
N LEU B 292 -17.07 -9.58 1.97
CA LEU B 292 -18.31 -10.22 1.45
C LEU B 292 -19.43 -9.17 1.37
N LYS B 293 -19.48 -8.24 2.35
CA LYS B 293 -20.53 -7.20 2.50
C LYS B 293 -20.67 -6.40 1.23
N ASP B 294 -19.57 -5.91 0.68
CA ASP B 294 -19.55 -4.98 -0.49
C ASP B 294 -19.34 -5.78 -1.78
N LYS B 295 -19.35 -7.12 -1.71
CA LYS B 295 -19.19 -8.05 -2.87
C LYS B 295 -17.82 -7.86 -3.55
N GLY B 296 -16.83 -7.33 -2.82
CA GLY B 296 -15.41 -7.31 -3.25
C GLY B 296 -14.87 -8.74 -3.34
N VAL B 297 -15.32 -9.62 -2.45
CA VAL B 297 -15.13 -11.09 -2.57
C VAL B 297 -16.50 -11.73 -2.59
N ASP B 298 -16.62 -12.91 -3.18
CA ASP B 298 -17.89 -13.69 -3.25
C ASP B 298 -17.54 -15.15 -3.54
N LEU B 299 -18.56 -16.00 -3.67
CA LEU B 299 -18.43 -17.36 -4.23
C LEU B 299 -19.36 -17.49 -5.43
N ALA B 300 -18.82 -17.92 -6.57
CA ALA B 300 -19.58 -18.35 -7.75
C ALA B 300 -19.98 -19.81 -7.50
N VAL B 301 -21.27 -20.08 -7.51
CA VAL B 301 -21.86 -21.37 -7.02
C VAL B 301 -22.01 -22.40 -8.16
N THR B 302 -21.59 -22.06 -9.37
CA THR B 302 -21.42 -22.89 -10.60
C THR B 302 -22.12 -24.27 -10.50
N ASN B 303 -21.39 -25.32 -10.13
CA ASN B 303 -21.83 -26.73 -10.31
C ASN B 303 -22.12 -27.38 -8.96
N LEU B 304 -22.32 -26.57 -7.94
CA LEU B 304 -22.67 -27.04 -6.58
C LEU B 304 -24.10 -27.61 -6.58
N SER B 305 -24.31 -28.66 -5.80
CA SER B 305 -25.66 -29.24 -5.47
C SER B 305 -26.52 -28.17 -4.78
N GLU B 306 -27.85 -28.31 -4.86
CA GLU B 306 -28.79 -27.31 -4.25
C GLU B 306 -28.63 -27.31 -2.72
N GLU B 307 -28.37 -28.48 -2.11
CA GLU B 307 -28.04 -28.60 -0.67
C GLU B 307 -26.83 -27.71 -0.34
N GLY B 308 -25.75 -27.84 -1.12
CA GLY B 308 -24.53 -27.01 -1.00
C GLY B 308 -24.87 -25.54 -1.09
N LYS B 309 -25.65 -25.14 -2.10
CA LYS B 309 -26.07 -23.73 -2.32
C LYS B 309 -26.75 -23.19 -1.06
N LYS B 310 -27.65 -23.97 -0.45
CA LYS B 310 -28.39 -23.55 0.77
C LYS B 310 -27.39 -23.32 1.91
N ALA B 311 -26.46 -24.26 2.12
CA ALA B 311 -25.43 -24.21 3.18
C ALA B 311 -24.55 -22.95 3.00
N VAL B 312 -24.17 -22.67 1.74
CA VAL B 312 -23.33 -21.49 1.40
C VAL B 312 -24.11 -20.23 1.75
N GLU B 313 -25.36 -20.12 1.29
CA GLU B 313 -26.18 -18.89 1.47
C GLU B 313 -26.43 -18.64 2.97
N ASP B 314 -26.59 -19.72 3.75
CA ASP B 314 -26.79 -19.66 5.22
C ASP B 314 -25.49 -19.18 5.87
N ALA B 315 -24.35 -19.74 5.44
CA ALA B 315 -23.01 -19.37 5.96
C ALA B 315 -22.73 -17.90 5.60
N LYS B 316 -23.05 -17.50 4.37
CA LYS B 316 -22.86 -16.09 3.93
C LYS B 316 -23.61 -15.18 4.90
N ALA B 317 -24.89 -15.47 5.13
CA ALA B 317 -25.80 -14.66 6.00
C ALA B 317 -25.20 -14.50 7.40
N LYS B 318 -24.67 -15.58 7.96
CA LYS B 318 -24.06 -15.59 9.32
C LYS B 318 -22.78 -14.76 9.37
N ILE B 319 -22.01 -14.68 8.26
CA ILE B 319 -20.76 -13.88 8.20
C ILE B 319 -21.14 -12.40 8.15
N LEU B 320 -22.12 -12.05 7.32
CA LEU B 320 -22.62 -10.65 7.18
C LEU B 320 -23.23 -10.16 8.51
N ASP B 321 -23.95 -11.02 9.24
CA ASP B 321 -24.64 -10.61 10.50
C ASP B 321 -23.60 -10.44 11.63
N GLY B 322 -22.57 -11.28 11.70
CA GLY B 322 -21.58 -11.23 12.79
C GLY B 322 -21.65 -12.44 13.69
N SER B 323 -22.65 -13.30 13.49
CA SER B 323 -22.86 -14.61 14.19
C SER B 323 -21.64 -15.51 14.02
N VAL B 324 -21.02 -15.52 12.84
CA VAL B 324 -19.79 -16.33 12.54
C VAL B 324 -18.64 -15.34 12.32
N LYS B 325 -17.56 -15.48 13.09
CA LYS B 325 -16.31 -14.72 12.88
C LYS B 325 -15.30 -15.64 12.22
N VAL B 326 -15.05 -15.45 10.92
CA VAL B 326 -14.07 -16.27 10.18
C VAL B 326 -12.67 -15.85 10.63
N PRO B 327 -11.78 -16.80 11.01
CA PRO B 327 -10.42 -16.44 11.40
C PRO B 327 -9.57 -15.99 10.19
N GLU B 328 -8.53 -15.19 10.43
CA GLU B 328 -7.61 -14.65 9.38
C GLU B 328 -6.31 -15.45 9.40
N LYS B 329 -6.15 -16.27 10.43
CA LYS B 329 -5.00 -17.17 10.66
C LYS B 329 -5.53 -18.47 11.24
N SER C 2 -9.94 -39.70 32.87
CA SER C 2 -9.60 -39.57 34.32
C SER C 2 -8.18 -40.10 34.56
N HIS C 3 -7.93 -40.74 35.70
CA HIS C 3 -6.71 -41.59 35.90
C HIS C 3 -7.12 -43.09 35.97
N HIS C 4 -6.29 -43.85 35.29
CA HIS C 4 -6.42 -45.29 35.07
C HIS C 4 -5.41 -45.87 36.06
N HIS C 5 -5.33 -47.17 36.12
CA HIS C 5 -4.37 -47.92 36.96
C HIS C 5 -2.97 -47.90 36.34
N HIS C 6 -2.01 -48.46 37.06
CA HIS C 6 -0.60 -48.62 36.62
C HIS C 6 -0.01 -49.81 37.31
N HIS C 7 1.01 -50.39 36.67
CA HIS C 7 1.75 -51.57 37.17
C HIS C 7 3.24 -51.22 37.29
N HIS C 8 3.85 -51.69 38.36
CA HIS C 8 5.32 -51.72 38.58
C HIS C 8 5.85 -53.13 38.27
N MET C 9 7.00 -53.26 37.61
CA MET C 9 7.76 -54.55 37.55
C MET C 9 8.97 -54.45 38.50
N SER C 10 9.47 -55.57 39.01
CA SER C 10 10.68 -55.66 39.86
C SER C 10 11.99 -55.61 39.02
N GLY C 11 11.97 -56.10 37.76
CA GLY C 11 13.17 -56.39 36.95
C GLY C 11 14.16 -55.23 36.80
N GLU C 12 15.46 -55.51 36.75
CA GLU C 12 16.54 -54.49 36.84
C GLU C 12 17.40 -54.44 35.58
N ASN C 13 16.98 -55.06 34.47
CA ASN C 13 17.85 -55.19 33.26
C ASN C 13 17.27 -54.35 32.11
N LEU C 14 16.39 -53.37 32.39
CA LEU C 14 15.79 -52.51 31.34
C LEU C 14 16.73 -51.31 31.09
N TYR C 15 17.03 -51.06 29.83
CA TYR C 15 17.87 -49.93 29.35
C TYR C 15 17.14 -49.21 28.23
N PHE C 16 17.48 -47.96 28.00
CA PHE C 16 16.90 -47.23 26.86
C PHE C 16 18.06 -46.75 26.02
N GLN C 17 17.89 -46.90 24.70
CA GLN C 17 18.73 -46.31 23.63
C GLN C 17 18.52 -44.81 23.70
N GLY C 18 19.61 -44.05 23.76
CA GLY C 18 19.62 -42.58 23.72
C GLY C 18 19.52 -42.03 22.30
N ALA C 19 19.16 -40.77 22.17
CA ALA C 19 19.01 -40.12 20.84
C ALA C 19 20.40 -40.05 20.19
N SER C 20 20.45 -40.00 18.86
CA SER C 20 21.66 -39.62 18.09
C SER C 20 21.31 -38.37 17.29
N ALA C 21 21.97 -37.27 17.62
CA ALA C 21 21.58 -35.90 17.23
C ALA C 21 22.63 -35.32 16.30
N ALA C 22 22.21 -34.78 15.17
CA ALA C 22 23.09 -34.11 14.18
C ALA C 22 22.54 -32.73 13.86
N ILE C 23 23.44 -31.79 13.58
CA ILE C 23 23.07 -30.49 12.99
C ILE C 23 23.51 -30.46 11.52
N VAL C 24 22.60 -30.02 10.67
CA VAL C 24 22.93 -29.57 9.30
C VAL C 24 23.00 -28.04 9.31
N THR C 25 24.15 -27.54 8.94
CA THR C 25 24.61 -26.16 9.11
C THR C 25 24.19 -25.35 7.87
N ASP C 26 23.86 -24.08 8.02
CA ASP C 26 23.71 -23.14 6.88
C ASP C 26 25.12 -22.67 6.45
N THR C 27 25.19 -21.78 5.47
CA THR C 27 26.43 -21.36 4.75
C THR C 27 27.52 -20.82 5.70
N GLY C 28 27.17 -20.23 6.86
CA GLY C 28 28.19 -19.68 7.79
C GLY C 28 29.21 -20.72 8.24
N GLY C 29 28.80 -21.96 8.48
CA GLY C 29 29.68 -23.02 8.99
C GLY C 29 29.86 -22.97 10.50
N VAL C 30 30.34 -24.06 11.10
CA VAL C 30 30.46 -24.23 12.58
C VAL C 30 31.56 -23.30 13.13
N ASP C 31 32.27 -22.58 12.27
CA ASP C 31 33.31 -21.58 12.67
C ASP C 31 32.87 -20.16 12.30
N ASP C 32 31.56 -19.91 12.20
CA ASP C 32 31.00 -18.56 11.89
C ASP C 32 31.06 -17.63 13.12
N LYS C 33 31.51 -18.10 14.29
CA LYS C 33 31.65 -17.26 15.53
C LYS C 33 30.29 -16.79 16.04
N SER C 34 29.19 -17.31 15.49
CA SER C 34 27.83 -16.78 15.72
C SER C 34 26.79 -17.91 15.67
N PHE C 35 25.95 -17.92 14.65
CA PHE C 35 24.71 -18.72 14.60
C PHE C 35 25.03 -20.22 14.60
N ASN C 36 25.74 -20.70 13.57
CA ASN C 36 26.00 -22.15 13.38
C ASN C 36 26.95 -22.62 14.49
N GLN C 37 27.91 -21.77 14.87
CA GLN C 37 28.88 -22.11 15.95
C GLN C 37 28.12 -22.33 17.26
N SER C 38 27.15 -21.46 17.58
CA SER C 38 26.30 -21.60 18.80
C SER C 38 25.63 -22.99 18.79
N ALA C 39 25.05 -23.38 17.67
CA ALA C 39 24.37 -24.68 17.48
C ALA C 39 25.36 -25.82 17.79
N TRP C 40 26.55 -25.74 17.21
CA TRP C 40 27.61 -26.77 17.33
C TRP C 40 28.10 -26.86 18.80
N GLU C 41 28.29 -25.73 19.46
CA GLU C 41 28.72 -25.68 20.88
C GLU C 41 27.65 -26.33 21.78
N GLY C 42 26.39 -26.12 21.46
CA GLY C 42 25.27 -26.75 22.18
C GLY C 42 25.23 -28.24 21.97
N LEU C 43 25.44 -28.69 20.73
CA LEU C 43 25.42 -30.14 20.44
C LEU C 43 26.61 -30.82 21.12
N GLN C 44 27.78 -30.17 21.12
CA GLN C 44 29.00 -30.68 21.79
C GLN C 44 28.72 -30.80 23.29
N ALA C 45 28.06 -29.80 23.88
CA ALA C 45 27.76 -29.78 25.32
C ALA C 45 26.73 -30.88 25.63
N TRP C 46 25.75 -31.09 24.74
CA TRP C 46 24.79 -32.22 24.90
C TRP C 46 25.55 -33.55 24.85
N GLY C 47 26.43 -33.72 23.88
CA GLY C 47 27.26 -34.94 23.70
C GLY C 47 28.08 -35.26 24.93
N LYS C 48 28.72 -34.24 25.51
CA LYS C 48 29.53 -34.34 26.76
C LYS C 48 28.65 -34.85 27.91
N GLU C 49 27.46 -34.29 28.07
CA GLU C 49 26.50 -34.68 29.14
C GLU C 49 26.14 -36.17 28.98
N HIS C 50 26.11 -36.68 27.75
CA HIS C 50 25.69 -38.09 27.43
C HIS C 50 26.90 -39.02 27.21
N ASN C 51 28.12 -38.55 27.48
CA ASN C 51 29.36 -39.36 27.40
CA ASN C 51 29.36 -39.36 27.40
C ASN C 51 29.58 -39.82 25.94
N LEU C 52 29.29 -38.93 24.99
CA LEU C 52 29.41 -39.22 23.55
C LEU C 52 30.64 -38.49 23.02
N SER C 53 30.98 -38.72 21.75
CA SER C 53 32.04 -37.98 21.04
C SER C 53 31.63 -37.81 19.57
N LYS C 54 32.33 -36.93 18.85
CA LYS C 54 31.99 -36.58 17.46
C LYS C 54 32.02 -37.87 16.62
N ASP C 55 30.97 -38.08 15.82
CA ASP C 55 30.76 -39.25 14.94
C ASP C 55 30.50 -40.51 15.77
N ASN C 56 30.26 -40.37 17.09
CA ASN C 56 29.81 -41.47 17.97
C ASN C 56 28.69 -40.96 18.89
N GLY C 57 27.55 -40.61 18.29
CA GLY C 57 26.34 -40.11 18.97
C GLY C 57 25.91 -38.72 18.51
N PHE C 58 26.85 -37.92 18.00
CA PHE C 58 26.54 -36.57 17.48
C PHE C 58 27.57 -36.17 16.43
N THR C 59 27.16 -35.32 15.50
CA THR C 59 28.08 -34.73 14.50
C THR C 59 27.40 -33.54 13.82
N TYR C 60 28.13 -32.94 12.89
CA TYR C 60 27.61 -31.83 12.06
C TYR C 60 27.90 -32.13 10.59
N PHE C 61 27.02 -31.69 9.71
CA PHE C 61 27.22 -31.66 8.25
C PHE C 61 27.22 -30.19 7.80
N GLN C 62 28.36 -29.71 7.32
CA GLN C 62 28.52 -28.32 6.83
C GLN C 62 27.87 -28.21 5.45
N SER C 63 27.05 -27.19 5.24
CA SER C 63 26.49 -26.80 3.92
C SER C 63 27.27 -25.60 3.40
N THR C 64 27.69 -25.63 2.13
CA THR C 64 28.41 -24.53 1.44
C THR C 64 27.48 -23.83 0.43
N SER C 65 26.36 -24.46 0.06
CA SER C 65 25.34 -23.95 -0.87
C SER C 65 23.98 -24.59 -0.57
N GLU C 66 22.93 -24.05 -1.17
CA GLU C 66 21.52 -24.54 -1.01
C GLU C 66 21.44 -26.02 -1.42
N ALA C 67 22.15 -26.41 -2.48
CA ALA C 67 22.12 -27.79 -3.04
C ALA C 67 22.62 -28.80 -2.01
N ASP C 68 23.50 -28.38 -1.09
CA ASP C 68 24.06 -29.25 -0.03
C ASP C 68 23.00 -29.65 1.00
N TYR C 69 21.94 -28.86 1.19
CA TYR C 69 20.98 -29.04 2.32
C TYR C 69 20.38 -30.44 2.27
N ALA C 70 19.75 -30.78 1.15
CA ALA C 70 19.05 -32.07 0.91
C ALA C 70 20.02 -33.24 1.07
N ASN C 71 21.22 -33.13 0.48
CA ASN C 71 22.27 -34.18 0.51
C ASN C 71 22.72 -34.39 1.95
N ASN C 72 22.95 -33.31 2.70
CA ASN C 72 23.40 -33.40 4.12
C ASN C 72 22.29 -34.04 4.98
N LEU C 73 21.03 -33.64 4.79
CA LEU C 73 19.89 -34.18 5.57
C LEU C 73 19.78 -35.69 5.30
N GLN C 74 19.89 -36.10 4.05
CA GLN C 74 19.74 -37.53 3.63
C GLN C 74 20.90 -38.33 4.24
N GLN C 75 22.13 -37.79 4.21
CA GLN C 75 23.32 -38.41 4.82
C GLN C 75 23.10 -38.56 6.34
N ALA C 76 22.55 -37.53 6.99
CA ALA C 76 22.26 -37.50 8.45
C ALA C 76 21.28 -38.61 8.82
N ALA C 77 20.32 -38.91 7.93
CA ALA C 77 19.28 -39.95 8.13
C ALA C 77 19.91 -41.36 8.28
N GLY C 78 21.13 -41.56 7.79
CA GLY C 78 21.88 -42.83 7.92
C GLY C 78 22.07 -43.25 9.37
N SER C 79 22.54 -42.37 10.25
CA SER C 79 22.98 -42.73 11.62
C SER C 79 22.26 -41.92 12.73
N TYR C 80 21.53 -40.85 12.39
CA TYR C 80 20.95 -39.90 13.37
C TYR C 80 19.43 -39.96 13.29
N ASN C 81 18.75 -39.85 14.44
CA ASN C 81 17.26 -39.88 14.53
C ASN C 81 16.74 -38.56 15.08
N LEU C 82 17.62 -37.59 15.38
CA LEU C 82 17.21 -36.19 15.69
C LEU C 82 18.10 -35.27 14.88
N ILE C 83 17.50 -34.55 13.91
CA ILE C 83 18.27 -33.81 12.88
C ILE C 83 17.82 -32.35 12.91
N PHE C 84 18.75 -31.45 13.14
CA PHE C 84 18.54 -29.99 13.22
C PHE C 84 18.89 -29.35 11.88
N GLY C 85 17.93 -28.67 11.25
CA GLY C 85 18.17 -27.71 10.17
C GLY C 85 18.44 -26.32 10.74
N VAL C 86 19.70 -25.86 10.72
CA VAL C 86 20.12 -24.59 11.37
C VAL C 86 20.05 -23.45 10.33
N GLY C 87 18.88 -22.82 10.19
CA GLY C 87 18.68 -21.64 9.34
C GLY C 87 17.37 -21.70 8.58
N PHE C 88 16.74 -20.55 8.37
CA PHE C 88 15.44 -20.43 7.67
C PHE C 88 15.56 -21.00 6.24
N ALA C 89 16.70 -20.82 5.59
CA ALA C 89 16.95 -21.28 4.19
C ALA C 89 16.75 -22.80 4.08
N LEU C 90 16.86 -23.54 5.18
CA LEU C 90 16.73 -25.03 5.15
C LEU C 90 15.26 -25.46 5.24
N ASN C 91 14.30 -24.52 5.26
CA ASN C 91 12.85 -24.82 5.42
C ASN C 91 12.42 -25.96 4.46
N ASN C 92 12.53 -25.77 3.14
CA ASN C 92 11.98 -26.75 2.15
C ASN C 92 12.70 -28.10 2.26
N ALA C 93 14.03 -28.10 2.40
CA ALA C 93 14.82 -29.35 2.48
C ALA C 93 14.40 -30.13 3.74
N VAL C 94 14.12 -29.44 4.85
CA VAL C 94 13.64 -30.12 6.09
C VAL C 94 12.23 -30.67 5.87
N LYS C 95 11.31 -29.90 5.28
CA LYS C 95 9.94 -30.38 4.95
C LYS C 95 10.04 -31.71 4.19
N ASP C 96 10.86 -31.77 3.14
CA ASP C 96 11.02 -32.95 2.24
C ASP C 96 11.66 -34.11 2.98
N ALA C 97 12.69 -33.87 3.79
CA ALA C 97 13.38 -34.95 4.53
C ALA C 97 12.43 -35.55 5.58
N ALA C 98 11.67 -34.71 6.29
CA ALA C 98 10.69 -35.16 7.33
C ALA C 98 9.59 -36.04 6.70
N LYS C 99 9.14 -35.71 5.49
CA LYS C 99 8.10 -36.47 4.76
C LYS C 99 8.65 -37.84 4.33
N GLU C 100 9.90 -37.93 3.87
CA GLU C 100 10.54 -39.19 3.40
C GLU C 100 10.91 -40.10 4.60
N HIS C 101 11.20 -39.52 5.77
CA HIS C 101 11.67 -40.25 6.96
C HIS C 101 10.76 -39.96 8.16
N THR C 102 9.51 -40.43 8.16
CA THR C 102 8.50 -40.14 9.21
C THR C 102 8.93 -40.76 10.56
N ASP C 103 9.87 -41.69 10.55
CA ASP C 103 10.36 -42.41 11.77
C ASP C 103 11.46 -41.59 12.44
N LEU C 104 11.98 -40.54 11.80
CA LEU C 104 13.04 -39.67 12.38
C LEU C 104 12.42 -38.32 12.77
N ASN C 105 13.06 -37.61 13.70
CA ASN C 105 12.57 -36.31 14.24
C ASN C 105 13.45 -35.20 13.71
N TYR C 106 12.84 -34.09 13.30
CA TYR C 106 13.54 -32.95 12.66
C TYR C 106 13.20 -31.66 13.40
N VAL C 107 14.16 -30.76 13.52
CA VAL C 107 13.99 -29.43 14.12
C VAL C 107 14.44 -28.40 13.07
N LEU C 108 13.60 -27.40 12.81
CA LEU C 108 13.98 -26.23 11.98
C LEU C 108 14.22 -25.04 12.91
N ILE C 109 15.41 -24.47 12.86
CA ILE C 109 15.76 -23.22 13.60
C ILE C 109 15.56 -22.01 12.68
N ASP C 110 14.74 -21.05 13.14
CA ASP C 110 14.56 -19.67 12.62
C ASP C 110 13.39 -19.59 11.63
N ASP C 111 12.55 -20.61 11.54
CA ASP C 111 11.35 -20.57 10.67
C ASP C 111 10.40 -21.68 11.13
N VAL C 112 9.17 -21.65 10.59
CA VAL C 112 8.07 -22.55 11.05
C VAL C 112 7.67 -23.46 9.90
N ILE C 113 7.57 -24.75 10.20
CA ILE C 113 6.92 -25.78 9.34
C ILE C 113 5.65 -26.21 10.07
N LYS C 114 4.51 -26.14 9.37
CA LYS C 114 3.20 -26.50 9.95
C LYS C 114 2.79 -27.89 9.47
N ASP C 115 1.99 -28.58 10.30
CA ASP C 115 1.25 -29.83 9.95
C ASP C 115 2.20 -31.01 9.74
N GLN C 116 3.40 -31.02 10.33
CA GLN C 116 4.28 -32.23 10.22
C GLN C 116 4.65 -32.66 11.64
N LYS C 117 4.13 -33.84 12.05
CA LYS C 117 4.22 -34.37 13.43
C LYS C 117 5.67 -34.64 13.84
N ASN C 118 6.56 -34.91 12.88
CA ASN C 118 7.97 -35.23 13.19
C ASN C 118 8.84 -33.98 12.99
N VAL C 119 8.25 -32.79 12.90
CA VAL C 119 9.01 -31.51 12.79
C VAL C 119 8.62 -30.55 13.92
N ALA C 120 9.62 -30.04 14.61
CA ALA C 120 9.54 -28.93 15.58
C ALA C 120 10.20 -27.71 14.96
N SER C 121 9.69 -26.53 15.30
CA SER C 121 10.12 -25.22 14.77
C SER C 121 10.53 -24.35 15.94
N VAL C 122 11.59 -23.58 15.77
CA VAL C 122 12.16 -22.71 16.81
C VAL C 122 12.31 -21.32 16.20
N THR C 123 11.76 -20.30 16.85
CA THR C 123 11.92 -18.88 16.44
C THR C 123 12.43 -18.11 17.64
N PHE C 124 13.13 -17.03 17.37
CA PHE C 124 13.68 -16.07 18.35
C PHE C 124 13.13 -14.68 18.02
N ALA C 125 12.76 -13.92 19.05
CA ALA C 125 12.37 -12.49 18.99
C ALA C 125 13.63 -11.63 18.85
N ASP C 126 14.29 -11.74 17.69
CA ASP C 126 15.57 -11.04 17.43
C ASP C 126 15.31 -9.52 17.31
N ASN C 127 14.06 -9.13 17.07
CA ASN C 127 13.66 -7.70 17.11
C ASN C 127 13.92 -7.13 18.51
N GLU C 128 13.62 -7.90 19.56
CA GLU C 128 13.73 -7.45 20.98
C GLU C 128 15.21 -7.28 21.35
N SER C 129 16.07 -8.25 21.03
CA SER C 129 17.53 -8.13 21.25
C SER C 129 18.09 -7.00 20.38
N GLY C 130 17.59 -6.86 19.16
CA GLY C 130 18.02 -5.80 18.22
C GLY C 130 17.75 -4.42 18.80
N TYR C 131 16.55 -4.22 19.34
CA TYR C 131 16.13 -2.96 20.03
C TYR C 131 17.17 -2.59 21.08
N LEU C 132 17.54 -3.52 21.95
CA LEU C 132 18.54 -3.28 23.03
C LEU C 132 19.88 -2.87 22.41
N ALA C 133 20.26 -3.50 21.29
CA ALA C 133 21.52 -3.16 20.59
C ALA C 133 21.42 -1.72 20.04
N GLY C 134 20.24 -1.34 19.54
CA GLY C 134 19.96 0.02 19.04
C GLY C 134 20.08 1.06 20.14
N VAL C 135 19.52 0.80 21.32
CA VAL C 135 19.61 1.71 22.49
C VAL C 135 21.08 1.89 22.87
N ALA C 136 21.82 0.78 22.93
CA ALA C 136 23.27 0.79 23.24
C ALA C 136 24.01 1.63 22.20
N ALA C 137 23.71 1.44 20.91
CA ALA C 137 24.42 2.12 19.80
C ALA C 137 24.18 3.64 19.91
N ALA C 138 22.93 4.04 20.13
CA ALA C 138 22.46 5.44 20.21
C ALA C 138 23.10 6.15 21.41
N LYS C 139 23.43 5.41 22.47
CA LYS C 139 24.00 6.01 23.70
C LYS C 139 25.53 6.11 23.60
N THR C 140 26.16 5.62 22.54
CA THR C 140 27.65 5.67 22.43
C THR C 140 28.11 6.37 21.14
N THR C 141 27.26 6.52 20.11
CA THR C 141 27.62 7.25 18.86
C THR C 141 28.05 8.69 19.19
N LYS C 142 29.17 9.12 18.63
CA LYS C 142 29.62 10.55 18.64
C LYS C 142 29.26 11.19 17.30
N THR C 143 29.41 10.46 16.19
CA THR C 143 29.15 10.95 14.80
C THR C 143 27.64 10.99 14.52
N LYS C 144 26.83 10.38 15.39
CA LYS C 144 25.35 10.24 15.23
C LYS C 144 25.04 9.52 13.91
N GLN C 145 25.94 8.63 13.47
CA GLN C 145 25.69 7.74 12.31
C GLN C 145 26.16 6.31 12.63
N VAL C 146 25.27 5.33 12.42
CA VAL C 146 25.53 3.89 12.72
C VAL C 146 25.16 3.05 11.49
N GLY C 147 25.79 1.86 11.40
CA GLY C 147 25.64 0.92 10.27
C GLY C 147 25.00 -0.41 10.68
N PHE C 148 24.21 -0.97 9.77
CA PHE C 148 23.60 -2.32 9.84
C PHE C 148 23.97 -3.11 8.59
N VAL C 149 24.72 -4.20 8.75
CA VAL C 149 25.13 -5.14 7.67
C VAL C 149 24.33 -6.45 7.85
N GLY C 150 23.30 -6.63 7.02
CA GLY C 150 22.45 -7.83 6.98
C GLY C 150 23.09 -8.90 6.12
N GLY C 151 22.77 -10.18 6.35
CA GLY C 151 23.17 -11.29 5.47
C GLY C 151 22.28 -11.33 4.25
N ILE C 152 21.11 -11.95 4.36
CA ILE C 152 20.16 -12.15 3.23
C ILE C 152 18.85 -11.49 3.63
N GLU C 153 18.31 -10.62 2.78
CA GLU C 153 16.99 -9.96 3.00
C GLU C 153 15.99 -11.09 3.21
N SER C 154 15.21 -11.01 4.29
CA SER C 154 14.39 -12.11 4.83
C SER C 154 13.56 -11.60 6.00
N GLU C 155 12.46 -12.29 6.29
CA GLU C 155 11.61 -12.09 7.50
C GLU C 155 12.53 -12.08 8.73
N VAL C 156 13.50 -12.99 8.78
CA VAL C 156 14.38 -13.21 9.96
C VAL C 156 15.27 -11.98 10.18
N ILE C 157 15.99 -11.55 9.16
CA ILE C 157 16.96 -10.42 9.31
C ILE C 157 16.17 -9.11 9.38
N SER C 158 14.95 -9.06 8.84
CA SER C 158 14.07 -7.86 8.92
C SER C 158 13.64 -7.62 10.38
N ARG C 159 13.44 -8.69 11.16
CA ARG C 159 13.15 -8.56 12.60
C ARG C 159 14.34 -7.88 13.28
N PHE C 160 15.57 -8.31 12.99
CA PHE C 160 16.78 -7.72 13.59
C PHE C 160 16.82 -6.24 13.23
N GLU C 161 16.58 -5.94 11.96
CA GLU C 161 16.73 -4.58 11.37
C GLU C 161 15.68 -3.66 11.99
N ALA C 162 14.43 -4.08 11.98
CA ALA C 162 13.28 -3.30 12.48
C ALA C 162 13.49 -2.99 13.96
N GLY C 163 13.89 -3.99 14.76
CA GLY C 163 14.17 -3.80 16.19
C GLY C 163 15.33 -2.85 16.42
N PHE C 164 16.40 -3.01 15.65
CA PHE C 164 17.62 -2.17 15.79
C PHE C 164 17.27 -0.70 15.47
N LYS C 165 16.58 -0.46 14.35
CA LYS C 165 16.17 0.91 13.95
C LYS C 165 15.29 1.54 15.04
N ALA C 166 14.29 0.81 15.52
CA ALA C 166 13.33 1.29 16.55
C ALA C 166 14.09 1.65 17.83
N GLY C 167 15.09 0.85 18.21
CA GLY C 167 15.86 1.05 19.45
C GLY C 167 16.71 2.31 19.36
N VAL C 168 17.36 2.52 18.21
CA VAL C 168 18.18 3.73 17.95
C VAL C 168 17.26 4.97 18.03
N ALA C 169 16.08 4.89 17.42
CA ALA C 169 15.11 6.00 17.32
C ALA C 169 14.57 6.36 18.71
N SER C 170 14.44 5.39 19.61
CA SER C 170 13.90 5.57 20.99
C SER C 170 14.84 6.46 21.82
N VAL C 171 16.14 6.46 21.50
CA VAL C 171 17.16 7.28 22.24
C VAL C 171 17.26 8.65 21.56
N ASP C 172 17.43 8.66 20.24
CA ASP C 172 17.68 9.87 19.43
C ASP C 172 17.23 9.65 17.98
N PRO C 173 16.06 10.17 17.55
CA PRO C 173 15.58 9.97 16.17
C PRO C 173 16.45 10.62 15.10
N SER C 174 17.31 11.57 15.49
CA SER C 174 18.23 12.32 14.61
C SER C 174 19.36 11.43 14.09
N ILE C 175 19.65 10.31 14.78
CA ILE C 175 20.76 9.37 14.42
C ILE C 175 20.41 8.66 13.10
N LYS C 176 21.38 8.63 12.18
CA LYS C 176 21.20 8.04 10.83
C LYS C 176 21.66 6.59 10.86
N VAL C 177 20.82 5.69 10.36
CA VAL C 177 21.17 4.23 10.28
C VAL C 177 21.35 3.85 8.80
N GLN C 178 22.59 3.56 8.41
CA GLN C 178 22.88 3.06 7.05
C GLN C 178 22.64 1.54 7.02
N VAL C 179 21.82 1.07 6.07
CA VAL C 179 21.48 -0.37 5.92
C VAL C 179 22.04 -0.90 4.61
N ASP C 180 22.83 -1.98 4.66
CA ASP C 180 23.38 -2.67 3.46
C ASP C 180 23.33 -4.18 3.71
N TYR C 181 22.99 -4.96 2.70
CA TYR C 181 22.89 -6.44 2.77
C TYR C 181 23.98 -7.07 1.91
N ALA C 182 24.64 -8.10 2.43
CA ALA C 182 25.75 -8.82 1.76
C ALA C 182 25.21 -9.80 0.73
N GLY C 183 23.99 -10.30 0.92
CA GLY C 183 23.36 -11.34 0.08
C GLY C 183 23.89 -12.74 0.41
N SER C 184 24.62 -12.90 1.52
CA SER C 184 25.21 -14.20 1.96
C SER C 184 25.55 -14.17 3.45
N PHE C 185 25.53 -15.36 4.08
CA PHE C 185 25.95 -15.59 5.48
C PHE C 185 27.37 -16.18 5.53
N GLY C 186 28.04 -16.35 4.39
CA GLY C 186 29.34 -17.02 4.34
C GLY C 186 30.43 -16.26 3.59
N ASP C 187 30.27 -14.95 3.30
CA ASP C 187 31.30 -14.21 2.53
C ASP C 187 31.92 -13.06 3.33
N ALA C 188 33.03 -13.35 4.01
CA ALA C 188 33.78 -12.38 4.85
C ALA C 188 34.21 -11.16 4.02
N ALA C 189 34.71 -11.36 2.81
CA ALA C 189 35.23 -10.27 1.96
C ALA C 189 34.12 -9.25 1.66
N LYS C 190 32.89 -9.71 1.45
CA LYS C 190 31.72 -8.81 1.20
C LYS C 190 31.43 -7.99 2.47
N GLY C 191 31.54 -8.61 3.65
CA GLY C 191 31.36 -7.90 4.93
C GLY C 191 32.37 -6.79 5.10
N LYS C 192 33.63 -7.06 4.78
CA LYS C 192 34.75 -6.08 4.89
C LYS C 192 34.46 -4.87 3.99
N THR C 193 34.06 -5.07 2.74
CA THR C 193 33.83 -3.94 1.79
C THR C 193 32.59 -3.14 2.26
N ILE C 194 31.53 -3.78 2.75
CA ILE C 194 30.33 -3.03 3.24
C ILE C 194 30.71 -2.22 4.49
N ALA C 195 31.44 -2.81 5.42
CA ALA C 195 31.89 -2.15 6.67
C ALA C 195 32.80 -0.95 6.31
N ALA C 196 33.77 -1.15 5.42
CA ALA C 196 34.71 -0.10 4.94
C ALA C 196 33.89 1.10 4.45
N ALA C 197 32.86 0.86 3.64
CA ALA C 197 32.02 1.93 3.02
C ALA C 197 31.20 2.63 4.10
N GLN C 198 30.65 1.87 5.07
CA GLN C 198 29.78 2.42 6.13
C GLN C 198 30.62 3.30 7.07
N TYR C 199 31.85 2.89 7.41
CA TYR C 199 32.77 3.65 8.29
C TYR C 199 33.24 4.91 7.55
N ALA C 200 33.69 4.75 6.30
CA ALA C 200 34.14 5.87 5.42
C ALA C 200 33.02 6.92 5.28
N ALA C 201 31.76 6.51 5.25
CA ALA C 201 30.58 7.41 5.11
C ALA C 201 30.23 8.07 6.46
N GLY C 202 30.88 7.68 7.57
CA GLY C 202 30.77 8.40 8.85
C GLY C 202 30.13 7.60 9.99
N ALA C 203 29.88 6.31 9.82
CA ALA C 203 29.41 5.42 10.91
C ALA C 203 30.54 5.25 11.92
N ASP C 204 30.27 5.31 13.23
CA ASP C 204 31.30 4.96 14.24
C ASP C 204 30.96 3.62 14.93
N ILE C 205 29.79 3.05 14.60
CA ILE C 205 29.34 1.73 15.11
C ILE C 205 28.69 0.96 13.96
N VAL C 206 29.09 -0.30 13.75
CA VAL C 206 28.40 -1.19 12.79
C VAL C 206 27.90 -2.45 13.53
N TYR C 207 26.60 -2.71 13.42
CA TYR C 207 25.96 -3.96 13.85
C TYR C 207 25.95 -4.94 12.67
N GLN C 208 26.67 -6.06 12.81
CA GLN C 208 26.73 -7.11 11.75
C GLN C 208 25.79 -8.25 12.11
N VAL C 209 24.78 -8.47 11.28
CA VAL C 209 23.80 -9.58 11.40
C VAL C 209 23.87 -10.41 10.12
N ALA C 210 25.00 -11.08 9.91
CA ALA C 210 25.29 -11.74 8.62
C ALA C 210 26.12 -13.00 8.81
N GLY C 211 26.00 -13.67 9.95
CA GLY C 211 26.72 -14.92 10.21
C GLY C 211 28.20 -14.73 10.00
N GLY C 212 28.84 -15.61 9.20
CA GLY C 212 30.28 -15.60 8.90
C GLY C 212 30.71 -14.39 8.07
N THR C 213 29.78 -13.77 7.34
CA THR C 213 30.03 -12.50 6.60
C THR C 213 30.53 -11.44 7.57
N GLY C 214 30.06 -11.49 8.82
CA GLY C 214 30.44 -10.54 9.90
C GLY C 214 31.91 -10.55 10.23
N ALA C 215 32.62 -11.67 10.02
CA ALA C 215 34.08 -11.76 10.23
C ALA C 215 34.80 -10.65 9.44
N GLY C 216 34.29 -10.28 8.28
CA GLY C 216 34.84 -9.17 7.46
C GLY C 216 34.64 -7.85 8.13
N VAL C 217 33.50 -7.62 8.78
CA VAL C 217 33.21 -6.36 9.51
C VAL C 217 34.21 -6.22 10.68
N PHE C 218 34.51 -7.32 11.37
CA PHE C 218 35.52 -7.37 12.45
C PHE C 218 36.90 -7.04 11.87
N ALA C 219 37.26 -7.66 10.74
CA ALA C 219 38.56 -7.49 10.06
C ALA C 219 38.76 -6.02 9.68
N GLU C 220 37.73 -5.36 9.13
CA GLU C 220 37.79 -3.95 8.69
C GLU C 220 38.00 -3.04 9.89
N ALA C 221 37.19 -3.21 10.94
CA ALA C 221 37.24 -2.39 12.18
C ALA C 221 38.60 -2.58 12.86
N LYS C 222 39.13 -3.79 12.86
CA LYS C 222 40.46 -4.06 13.48
C LYS C 222 41.53 -3.25 12.73
N SER C 223 41.55 -3.32 11.40
CA SER C 223 42.53 -2.61 10.53
C SER C 223 42.44 -1.09 10.76
N LEU C 224 41.25 -0.49 10.77
CA LEU C 224 41.09 0.96 11.06
C LEU C 224 41.66 1.29 12.44
N ASN C 225 41.31 0.49 13.44
CA ASN C 225 41.61 0.77 14.88
C ASN C 225 43.09 0.53 15.16
N GLU C 226 43.73 -0.42 14.46
CA GLU C 226 45.18 -0.74 14.61
C GLU C 226 46.03 0.46 14.16
N SER C 227 45.57 1.18 13.12
CA SER C 227 46.20 2.41 12.60
C SER C 227 45.48 3.65 13.16
N ARG C 228 45.21 3.68 14.46
CA ARG C 228 44.52 4.81 15.13
C ARG C 228 44.83 4.78 16.64
N PRO C 229 44.74 5.92 17.34
CA PRO C 229 44.78 5.92 18.80
C PRO C 229 43.51 5.29 19.40
N GLU C 230 43.65 4.74 20.60
CA GLU C 230 42.59 4.00 21.35
C GLU C 230 41.32 4.86 21.46
N ASN C 231 41.45 6.16 21.74
CA ASN C 231 40.31 7.07 22.02
C ASN C 231 39.54 7.34 20.72
N GLU C 232 40.13 7.07 19.56
CA GLU C 232 39.54 7.36 18.21
C GLU C 232 38.99 6.08 17.58
N LYS C 233 38.88 4.99 18.35
CA LYS C 233 38.50 3.67 17.81
C LYS C 233 37.03 3.70 17.34
N VAL C 234 36.73 2.77 16.44
CA VAL C 234 35.40 2.57 15.80
C VAL C 234 34.83 1.24 16.34
N TRP C 235 33.50 1.17 16.60
CA TRP C 235 32.89 0.03 17.33
C TRP C 235 32.20 -0.96 16.37
N VAL C 236 32.11 -2.22 16.79
CA VAL C 236 31.22 -3.25 16.16
C VAL C 236 30.31 -3.82 17.24
N ILE C 237 29.06 -4.11 16.88
CA ILE C 237 28.13 -4.86 17.74
C ILE C 237 28.09 -6.32 17.29
N GLY C 238 28.38 -7.23 18.22
CA GLY C 238 28.37 -8.70 18.02
C GLY C 238 26.97 -9.26 17.86
N VAL C 239 26.86 -10.48 17.37
CA VAL C 239 25.54 -11.12 17.09
C VAL C 239 25.60 -12.61 17.47
N ASP C 240 24.49 -13.14 18.00
CA ASP C 240 24.22 -14.58 18.27
C ASP C 240 25.01 -15.06 19.50
N ARG C 241 26.34 -14.92 19.49
CA ARG C 241 27.21 -15.28 20.63
C ARG C 241 27.82 -13.99 21.18
N ASP C 242 28.33 -14.04 22.41
CA ASP C 242 29.17 -12.95 22.97
C ASP C 242 30.47 -12.97 22.17
N GLN C 243 30.71 -11.96 21.32
CA GLN C 243 31.84 -11.95 20.34
C GLN C 243 32.98 -11.05 20.86
N GLU C 244 33.00 -10.78 22.17
CA GLU C 244 34.02 -9.92 22.83
C GLU C 244 35.43 -10.33 22.39
N ALA C 245 35.71 -11.63 22.31
CA ALA C 245 37.06 -12.16 22.01
C ALA C 245 37.50 -11.73 20.60
N GLU C 246 36.56 -11.42 19.69
CA GLU C 246 36.92 -11.05 18.28
C GLU C 246 37.30 -9.56 18.19
N GLY C 247 37.06 -8.80 19.26
CA GLY C 247 37.29 -7.34 19.28
C GLY C 247 38.65 -6.94 19.82
N LYS C 248 39.49 -7.89 20.22
CA LYS C 248 40.82 -7.60 20.84
C LYS C 248 41.75 -7.08 19.75
N TYR C 249 42.47 -6.00 20.04
CA TYR C 249 43.49 -5.41 19.15
C TYR C 249 44.41 -4.51 19.97
N THR C 250 45.55 -4.16 19.38
CA THR C 250 46.54 -3.22 19.97
C THR C 250 46.49 -1.92 19.15
N SER C 251 46.22 -0.81 19.82
CA SER C 251 46.05 0.55 19.23
C SER C 251 47.36 1.04 18.60
N LYS C 252 47.33 2.15 17.86
CA LYS C 252 48.53 2.77 17.24
C LYS C 252 49.48 3.29 18.33
N ASP C 253 48.92 3.86 19.41
CA ASP C 253 49.66 4.36 20.61
C ASP C 253 50.01 3.21 21.57
N GLY C 254 49.90 1.95 21.14
CA GLY C 254 50.34 0.76 21.89
C GLY C 254 49.40 0.30 22.99
N LYS C 255 48.25 0.98 23.20
CA LYS C 255 47.23 0.56 24.20
C LYS C 255 46.51 -0.71 23.71
N GLU C 256 46.38 -1.72 24.56
CA GLU C 256 45.60 -2.94 24.21
C GLU C 256 44.13 -2.66 24.56
N SER C 257 43.22 -2.89 23.62
CA SER C 257 41.81 -2.46 23.76
C SER C 257 40.87 -3.48 23.09
N ASN C 258 39.60 -3.12 23.02
CA ASN C 258 38.54 -4.01 22.48
C ASN C 258 37.51 -3.12 21.78
N PHE C 259 37.19 -3.41 20.52
CA PHE C 259 36.22 -2.59 19.73
C PHE C 259 34.83 -3.23 19.67
N VAL C 260 34.59 -4.30 20.42
CA VAL C 260 33.19 -4.84 20.55
C VAL C 260 32.50 -4.05 21.66
N LEU C 261 31.46 -3.30 21.32
CA LEU C 261 30.70 -2.46 22.30
C LEU C 261 29.77 -3.40 23.08
N VAL C 262 29.03 -4.22 22.35
CA VAL C 262 27.89 -5.01 22.89
C VAL C 262 27.66 -6.19 21.94
N SER C 263 26.98 -7.25 22.36
CA SER C 263 26.64 -8.41 21.49
C SER C 263 25.20 -8.79 21.71
N THR C 264 24.41 -8.97 20.66
CA THR C 264 23.08 -9.61 20.78
C THR C 264 23.31 -11.10 20.94
N LEU C 265 22.52 -11.76 21.77
CA LEU C 265 22.65 -13.21 22.07
C LEU C 265 21.41 -13.90 21.51
N LYS C 266 21.64 -15.06 20.92
CA LYS C 266 20.58 -15.96 20.39
C LYS C 266 21.02 -17.37 20.82
N GLN C 267 20.31 -17.98 21.77
CA GLN C 267 20.83 -19.18 22.47
C GLN C 267 20.50 -20.43 21.65
N VAL C 268 21.06 -20.53 20.45
CA VAL C 268 20.80 -21.66 19.51
C VAL C 268 21.33 -22.95 20.15
N GLY C 269 22.56 -22.92 20.68
CA GLY C 269 23.17 -24.08 21.35
C GLY C 269 22.31 -24.61 22.48
N THR C 270 21.84 -23.71 23.35
CA THR C 270 20.96 -24.10 24.48
C THR C 270 19.72 -24.81 23.95
N THR C 271 19.09 -24.33 22.89
CA THR C 271 17.89 -24.97 22.31
C THR C 271 18.22 -26.38 21.79
N VAL C 272 19.35 -26.53 21.10
CA VAL C 272 19.78 -27.83 20.54
C VAL C 272 19.91 -28.82 21.70
N LYS C 273 20.59 -28.40 22.76
CA LYS C 273 20.83 -29.24 23.96
C LYS C 273 19.50 -29.60 24.63
N ASP C 274 18.63 -28.60 24.84
CA ASP C 274 17.34 -28.79 25.55
C ASP C 274 16.45 -29.73 24.74
N ILE C 275 16.36 -29.56 23.43
CA ILE C 275 15.45 -30.38 22.58
C ILE C 275 16.01 -31.80 22.44
N SER C 276 17.34 -31.94 22.39
CA SER C 276 17.96 -33.28 22.35
C SER C 276 17.60 -34.04 23.63
N ASN C 277 17.66 -33.38 24.78
CA ASN C 277 17.28 -33.98 26.09
C ASN C 277 15.78 -34.30 26.11
N LYS C 278 14.93 -33.46 25.53
CA LYS C 278 13.48 -33.75 25.45
C LYS C 278 13.28 -34.99 24.59
N ALA C 279 14.00 -35.11 23.47
CA ALA C 279 13.93 -36.31 22.60
C ALA C 279 14.41 -37.56 23.35
N GLU C 280 15.50 -37.51 24.11
CA GLU C 280 16.04 -38.69 24.82
C GLU C 280 14.99 -39.19 25.82
N ARG C 281 14.20 -38.29 26.42
CA ARG C 281 13.18 -38.65 27.44
C ARG C 281 11.77 -38.79 26.81
N GLY C 282 11.69 -38.98 25.52
CA GLY C 282 10.45 -39.32 24.78
C GLY C 282 9.45 -38.16 24.72
N GLU C 283 9.90 -36.91 24.76
CA GLU C 283 9.02 -35.71 24.71
C GLU C 283 9.46 -34.79 23.58
N PHE C 284 9.85 -35.33 22.42
CA PHE C 284 10.14 -34.46 21.24
C PHE C 284 8.87 -33.67 20.90
N PRO C 285 8.92 -32.32 20.83
CA PRO C 285 7.72 -31.53 20.60
C PRO C 285 7.37 -31.37 19.11
N GLY C 286 7.10 -32.49 18.45
CA GLY C 286 6.69 -32.49 17.03
C GLY C 286 5.39 -31.73 16.82
N GLY C 287 5.34 -30.92 15.76
CA GLY C 287 4.15 -30.14 15.36
C GLY C 287 4.08 -28.83 16.11
N GLN C 288 5.01 -28.53 17.01
CA GLN C 288 4.93 -27.32 17.87
C GLN C 288 5.93 -26.28 17.39
N VAL C 289 5.68 -25.03 17.73
CA VAL C 289 6.58 -23.88 17.50
C VAL C 289 7.05 -23.45 18.87
N ILE C 290 8.36 -23.43 19.08
CA ILE C 290 8.97 -22.96 20.34
C ILE C 290 9.47 -21.53 20.12
N VAL C 291 8.91 -20.58 20.86
CA VAL C 291 9.18 -19.12 20.69
C VAL C 291 10.03 -18.65 21.86
N TYR C 292 11.25 -18.20 21.56
CA TYR C 292 12.19 -17.60 22.54
C TYR C 292 12.12 -16.09 22.38
N SER C 293 12.14 -15.38 23.49
CA SER C 293 12.10 -13.91 23.53
C SER C 293 12.97 -13.43 24.68
N LEU C 294 12.91 -12.13 24.96
CA LEU C 294 13.71 -11.51 26.04
C LEU C 294 13.29 -12.10 27.40
N LYS C 295 12.01 -12.42 27.55
CA LYS C 295 11.43 -12.87 28.86
C LYS C 295 12.15 -14.14 29.31
N ASP C 296 12.32 -15.12 28.43
CA ASP C 296 12.88 -16.45 28.78
C ASP C 296 14.39 -16.46 28.54
N LYS C 297 14.99 -15.30 28.22
CA LYS C 297 16.45 -15.11 28.00
C LYS C 297 16.95 -15.99 26.82
N GLY C 298 16.06 -16.37 25.90
CA GLY C 298 16.44 -16.98 24.61
C GLY C 298 17.19 -16.00 23.74
N VAL C 299 16.84 -14.72 23.83
CA VAL C 299 17.65 -13.60 23.27
C VAL C 299 18.00 -12.67 24.43
N ASP C 300 19.11 -11.96 24.33
CA ASP C 300 19.58 -11.02 25.37
C ASP C 300 20.62 -10.09 24.74
N LEU C 301 21.20 -9.18 25.52
CA LEU C 301 22.35 -8.36 25.12
C LEU C 301 23.49 -8.58 26.11
N ALA C 302 24.68 -8.92 25.61
CA ALA C 302 25.94 -8.97 26.39
C ALA C 302 26.48 -7.54 26.45
N VAL C 303 26.59 -6.98 27.64
CA VAL C 303 26.80 -5.52 27.87
C VAL C 303 28.30 -5.19 27.97
N THR C 304 29.19 -6.17 27.81
CA THR C 304 30.68 -6.08 27.73
C THR C 304 31.24 -4.66 28.00
N ASN C 305 31.42 -3.83 26.96
CA ASN C 305 32.25 -2.59 27.04
C ASN C 305 31.37 -1.35 26.95
N LEU C 306 30.07 -1.50 27.20
CA LEU C 306 29.10 -0.37 27.22
C LEU C 306 29.36 0.49 28.47
N SER C 307 29.17 1.81 28.33
CA SER C 307 29.22 2.79 29.45
C SER C 307 28.06 2.53 30.42
N GLU C 308 28.16 3.00 31.67
CA GLU C 308 27.11 2.82 32.71
C GLU C 308 25.82 3.52 32.27
N GLU C 309 25.92 4.69 31.62
CA GLU C 309 24.74 5.40 31.07
C GLU C 309 24.04 4.49 30.05
N GLY C 310 24.81 3.91 29.12
CA GLY C 310 24.29 2.92 28.15
C GLY C 310 23.58 1.77 28.84
N LYS C 311 24.22 1.18 29.85
CA LYS C 311 23.68 0.04 30.64
C LYS C 311 22.33 0.42 31.24
N LYS C 312 22.21 1.63 31.80
CA LYS C 312 20.94 2.11 32.44
C LYS C 312 19.84 2.14 31.39
N ALA C 313 20.13 2.74 30.22
CA ALA C 313 19.16 2.90 29.12
C ALA C 313 18.72 1.52 28.61
N VAL C 314 19.67 0.59 28.49
CA VAL C 314 19.38 -0.81 28.03
C VAL C 314 18.43 -1.47 29.04
N GLU C 315 18.78 -1.41 30.33
CA GLU C 315 17.99 -2.09 31.39
C GLU C 315 16.58 -1.49 31.45
N ASP C 316 16.45 -0.18 31.25
CA ASP C 316 15.14 0.53 31.22
C ASP C 316 14.35 0.05 30.01
N ALA C 317 14.99 -0.03 28.85
CA ALA C 317 14.38 -0.49 27.59
C ALA C 317 13.95 -1.97 27.74
N LYS C 318 14.81 -2.79 28.33
CA LYS C 318 14.47 -4.22 28.56
C LYS C 318 13.18 -4.30 29.39
N ALA C 319 13.13 -3.55 30.49
CA ALA C 319 11.98 -3.54 31.44
C ALA C 319 10.69 -3.16 30.71
N LYS C 320 10.76 -2.16 29.83
CA LYS C 320 9.60 -1.66 29.05
C LYS C 320 9.13 -2.71 28.04
N ILE C 321 10.04 -3.52 27.47
CA ILE C 321 9.67 -4.60 26.50
C ILE C 321 8.93 -5.71 27.24
N LEU C 322 9.43 -6.08 28.41
CA LEU C 322 8.81 -7.12 29.27
C LEU C 322 7.43 -6.65 29.79
N ASP C 323 7.32 -5.37 30.17
CA ASP C 323 6.08 -4.70 30.67
C ASP C 323 4.98 -4.73 29.60
N GLY C 324 5.34 -4.46 28.36
CA GLY C 324 4.41 -4.25 27.23
C GLY C 324 4.29 -2.78 26.88
N SER C 325 4.95 -1.88 27.64
CA SER C 325 5.00 -0.42 27.38
C SER C 325 5.62 -0.13 26.01
N VAL C 326 6.65 -0.88 25.60
CA VAL C 326 7.29 -0.78 24.26
C VAL C 326 6.99 -2.08 23.50
N LYS C 327 6.31 -1.99 22.35
CA LYS C 327 6.07 -3.15 21.45
C LYS C 327 7.00 -2.97 20.26
N VAL C 328 8.02 -3.82 20.18
CA VAL C 328 9.08 -3.71 19.13
C VAL C 328 8.48 -4.19 17.82
N PRO C 329 8.64 -3.45 16.70
CA PRO C 329 8.16 -3.91 15.39
C PRO C 329 8.96 -5.12 14.88
N GLU C 330 8.37 -5.92 13.98
CA GLU C 330 9.03 -7.11 13.41
C GLU C 330 9.46 -6.81 11.96
N LYS C 331 8.86 -5.76 11.36
CA LYS C 331 9.18 -5.37 9.97
C LYS C 331 9.59 -3.89 9.95
N SER D 2 39.99 49.85 31.33
CA SER D 2 40.06 49.69 32.81
C SER D 2 38.83 50.34 33.46
N HIS D 3 38.90 50.62 34.77
CA HIS D 3 37.81 51.23 35.57
C HIS D 3 38.11 52.69 35.95
N HIS D 4 39.24 53.23 35.49
CA HIS D 4 39.59 54.67 35.59
C HIS D 4 39.65 55.10 37.06
N HIS D 5 39.01 56.23 37.41
CA HIS D 5 38.69 56.66 38.79
C HIS D 5 37.15 56.80 38.89
N HIS D 6 36.63 57.14 40.07
CA HIS D 6 35.17 57.27 40.38
C HIS D 6 35.02 58.12 41.65
N HIS D 7 33.84 58.72 41.87
CA HIS D 7 33.54 59.63 43.01
C HIS D 7 32.32 59.12 43.81
N HIS D 8 32.35 59.25 45.13
CA HIS D 8 31.28 58.84 46.08
C HIS D 8 30.52 60.08 46.62
N MET D 9 29.26 59.89 47.04
CA MET D 9 28.44 60.91 47.75
C MET D 9 28.43 60.62 49.26
N SER D 10 28.14 61.62 50.12
CA SER D 10 28.26 61.54 51.62
C SER D 10 26.93 61.71 52.37
N GLY D 11 25.99 62.55 51.89
CA GLY D 11 24.71 62.87 52.55
C GLY D 11 23.88 61.66 52.94
N GLU D 12 22.86 61.84 53.77
CA GLU D 12 21.95 60.75 54.23
C GLU D 12 20.49 61.04 53.81
N ASN D 13 20.25 61.99 52.90
CA ASN D 13 18.86 62.33 52.45
C ASN D 13 18.64 61.84 51.01
N LEU D 14 19.42 60.85 50.56
CA LEU D 14 19.28 60.21 49.22
C LEU D 14 18.14 59.19 49.25
N TYR D 15 17.26 59.26 48.27
CA TYR D 15 16.15 58.30 48.02
C TYR D 15 16.16 57.93 46.52
N PHE D 16 15.92 56.68 46.17
CA PHE D 16 15.79 56.29 44.74
C PHE D 16 14.33 55.96 44.46
N GLN D 17 13.77 56.68 43.47
CA GLN D 17 12.42 56.47 42.90
C GLN D 17 12.40 55.08 42.26
N GLY D 18 11.42 54.27 42.63
CA GLY D 18 11.28 52.90 42.09
C GLY D 18 10.36 52.90 40.89
N ALA D 19 10.25 51.78 40.18
CA ALA D 19 9.26 51.63 39.09
C ALA D 19 7.84 51.67 39.68
N SER D 20 6.86 52.10 38.90
CA SER D 20 5.41 51.85 39.14
C SER D 20 4.87 51.01 37.97
N ALA D 21 4.41 49.80 38.28
CA ALA D 21 4.16 48.74 37.28
C ALA D 21 2.69 48.42 37.24
N ALA D 22 2.11 48.39 36.03
CA ALA D 22 0.70 48.00 35.79
C ALA D 22 0.63 46.90 34.72
N ILE D 23 -0.38 46.05 34.84
CA ILE D 23 -0.75 45.09 33.77
C ILE D 23 -2.05 45.55 33.13
N VAL D 24 -2.10 45.51 31.80
CA VAL D 24 -3.35 45.58 31.03
C VAL D 24 -3.69 44.16 30.60
N THR D 25 -4.84 43.71 31.03
CA THR D 25 -5.32 42.32 31.00
C THR D 25 -6.04 42.06 29.67
N ASP D 26 -5.90 40.87 29.10
CA ASP D 26 -6.74 40.42 27.94
C ASP D 26 -8.10 39.97 28.49
N THR D 27 -8.97 39.47 27.61
CA THR D 27 -10.40 39.14 27.85
C THR D 27 -10.61 38.23 29.08
N GLY D 28 -9.67 37.32 29.39
CA GLY D 28 -9.86 36.34 30.48
C GLY D 28 -10.10 37.01 31.83
N GLY D 29 -9.43 38.13 32.10
CA GLY D 29 -9.53 38.81 33.41
C GLY D 29 -8.62 38.19 34.46
N VAL D 30 -8.37 38.94 35.54
CA VAL D 30 -7.42 38.54 36.62
C VAL D 30 -7.98 37.37 37.42
N ASP D 31 -9.21 36.92 37.14
CA ASP D 31 -9.82 35.71 37.77
C ASP D 31 -10.01 34.59 36.73
N ASP D 32 -9.18 34.55 35.69
CA ASP D 32 -9.22 33.48 34.65
C ASP D 32 -8.58 32.17 35.14
N LYS D 33 -8.02 32.14 36.35
CA LYS D 33 -7.42 30.91 36.96
C LYS D 33 -6.17 30.46 36.19
N SER D 34 -5.68 31.28 35.25
CA SER D 34 -4.67 30.87 34.26
C SER D 34 -3.77 32.05 33.89
N PHE D 35 -3.88 32.53 32.66
CA PHE D 35 -2.90 33.45 32.02
C PHE D 35 -2.85 34.80 32.74
N ASN D 36 -3.97 35.52 32.76
CA ASN D 36 -4.04 36.89 33.31
C ASN D 36 -3.86 36.80 34.82
N GLN D 37 -4.44 35.79 35.47
CA GLN D 37 -4.33 35.60 36.93
C GLN D 37 -2.85 35.41 37.29
N SER D 38 -2.11 34.60 36.53
CA SER D 38 -0.64 34.39 36.75
C SER D 38 0.08 35.75 36.75
N ALA D 39 -0.20 36.59 35.76
CA ALA D 39 0.38 37.95 35.62
C ALA D 39 0.08 38.76 36.89
N TRP D 40 -1.17 38.76 37.32
CA TRP D 40 -1.68 39.55 38.47
C TRP D 40 -1.02 39.05 39.77
N GLU D 41 -0.88 37.74 39.95
CA GLU D 41 -0.23 37.13 41.14
C GLU D 41 1.24 37.56 41.19
N GLY D 42 1.90 37.61 40.03
CA GLY D 42 3.29 38.06 39.93
C GLY D 42 3.42 39.53 40.27
N LEU D 43 2.51 40.37 39.78
CA LEU D 43 2.56 41.83 40.06
C LEU D 43 2.29 42.07 41.55
N GLN D 44 1.34 41.36 42.13
CA GLN D 44 1.03 41.44 43.59
C GLN D 44 2.26 41.05 44.40
N ALA D 45 2.96 39.98 43.99
CA ALA D 45 4.17 39.50 44.68
C ALA D 45 5.28 40.54 44.53
N TRP D 46 5.40 41.16 43.35
CA TRP D 46 6.39 42.26 43.14
C TRP D 46 6.05 43.43 44.07
N GLY D 47 4.78 43.82 44.13
CA GLY D 47 4.28 44.91 44.99
C GLY D 47 4.60 44.67 46.46
N LYS D 48 4.37 43.44 46.94
CA LYS D 48 4.66 42.99 48.33
C LYS D 48 6.17 43.17 48.62
N GLU D 49 7.02 42.72 47.70
CA GLU D 49 8.51 42.81 47.85
C GLU D 49 8.91 44.30 47.99
N HIS D 50 8.17 45.22 47.36
CA HIS D 50 8.50 46.68 47.32
C HIS D 50 7.64 47.48 48.30
N ASN D 51 6.88 46.80 49.17
CA ASN D 51 6.08 47.42 50.26
C ASN D 51 5.01 48.34 49.66
N LEU D 52 4.40 47.91 48.55
CA LEU D 52 3.37 48.68 47.82
C LEU D 52 2.00 48.04 48.07
N SER D 53 0.93 48.66 47.57
CA SER D 53 -0.45 48.11 47.60
C SER D 53 -1.19 48.51 46.32
N LYS D 54 -2.33 47.85 46.06
CA LYS D 54 -3.10 48.06 44.81
C LYS D 54 -3.48 49.55 44.71
N ASP D 55 -3.23 50.15 43.54
CA ASP D 55 -3.49 51.57 43.19
C ASP D 55 -2.52 52.48 43.96
N ASN D 56 -1.48 51.93 44.61
CA ASN D 56 -0.39 52.70 45.24
C ASN D 56 0.96 52.04 44.93
N GLY D 57 1.35 52.05 43.66
CA GLY D 57 2.62 51.49 43.15
C GLY D 57 2.41 50.43 42.07
N PHE D 58 1.26 49.75 42.10
CA PHE D 58 0.90 48.73 41.10
C PHE D 58 -0.62 48.61 41.01
N THR D 59 -1.11 48.22 39.84
CA THR D 59 -2.54 47.89 39.65
C THR D 59 -2.74 47.12 38.35
N TYR D 60 -3.98 46.82 38.02
CA TYR D 60 -4.36 46.14 36.77
C TYR D 60 -5.54 46.89 36.16
N PHE D 61 -5.60 46.90 34.82
CA PHE D 61 -6.75 47.40 34.05
C PHE D 61 -7.33 46.21 33.28
N GLN D 62 -8.55 45.81 33.64
CA GLN D 62 -9.25 44.66 33.02
C GLN D 62 -9.81 45.13 31.67
N SER D 63 -9.56 44.36 30.62
CA SER D 63 -10.15 44.55 29.27
C SER D 63 -11.24 43.50 29.08
N THR D 64 -12.41 43.92 28.58
CA THR D 64 -13.57 43.02 28.27
C THR D 64 -13.70 42.82 26.75
N SER D 65 -13.05 43.68 25.95
CA SER D 65 -13.05 43.63 24.47
C SER D 65 -11.78 44.30 23.93
N GLU D 66 -11.52 44.12 22.63
CA GLU D 66 -10.36 44.71 21.91
C GLU D 66 -10.35 46.24 22.09
N ALA D 67 -11.52 46.88 22.04
CA ALA D 67 -11.68 48.36 22.10
C ALA D 67 -11.15 48.88 23.44
N ASP D 68 -11.20 48.08 24.50
CA ASP D 68 -10.74 48.46 25.87
C ASP D 68 -9.21 48.63 25.92
N TYR D 69 -8.46 47.93 25.05
CA TYR D 69 -6.98 47.83 25.14
C TYR D 69 -6.37 49.24 25.16
N ALA D 70 -6.66 50.03 24.12
CA ALA D 70 -6.09 51.39 23.92
C ALA D 70 -6.44 52.30 25.11
N ASN D 71 -7.70 52.25 25.56
CA ASN D 71 -8.21 53.09 26.68
C ASN D 71 -7.45 52.70 27.96
N ASN D 72 -7.28 51.41 28.21
CA ASN D 72 -6.60 50.89 29.44
C ASN D 72 -5.12 51.31 29.40
N LEU D 73 -4.45 51.14 28.24
CA LEU D 73 -3.01 51.50 28.11
C LEU D 73 -2.80 53.00 28.36
N GLN D 74 -3.68 53.83 27.79
CA GLN D 74 -3.57 55.31 27.91
C GLN D 74 -3.79 55.70 29.37
N GLN D 75 -4.77 55.09 30.04
CA GLN D 75 -5.05 55.30 31.49
C GLN D 75 -3.81 54.92 32.32
N ALA D 76 -3.18 53.78 32.00
CA ALA D 76 -1.97 53.27 32.69
C ALA D 76 -0.82 54.26 32.59
N ALA D 77 -0.71 54.97 31.46
CA ALA D 77 0.37 55.95 31.17
C ALA D 77 0.31 57.13 32.15
N GLY D 78 -0.84 57.38 32.77
CA GLY D 78 -1.04 58.44 33.78
C GLY D 78 -0.08 58.31 34.95
N SER D 79 0.01 57.12 35.56
CA SER D 79 0.66 56.91 36.87
C SER D 79 1.77 55.84 36.83
N TYR D 80 1.86 55.04 35.77
CA TYR D 80 2.78 53.87 35.70
C TYR D 80 3.81 54.11 34.59
N ASN D 81 5.07 53.69 34.82
CA ASN D 81 6.17 53.85 33.84
C ASN D 81 6.68 52.49 33.36
N LEU D 82 6.10 51.38 33.86
CA LEU D 82 6.31 50.04 33.28
C LEU D 82 4.93 49.41 33.07
N ILE D 83 4.56 49.16 31.82
CA ILE D 83 3.18 48.73 31.47
C ILE D 83 3.27 47.42 30.69
N PHE D 84 2.59 46.40 31.20
CA PHE D 84 2.54 45.04 30.60
C PHE D 84 1.25 44.91 29.79
N GLY D 85 1.40 44.59 28.50
CA GLY D 85 0.29 44.08 27.66
C GLY D 85 0.23 42.56 27.75
N VAL D 86 -0.75 42.02 28.46
CA VAL D 86 -0.85 40.56 28.73
C VAL D 86 -1.71 39.89 27.65
N GLY D 87 -1.11 39.51 26.53
CA GLY D 87 -1.78 38.74 25.46
C GLY D 87 -1.34 39.20 24.08
N PHE D 88 -1.22 38.28 23.12
CA PHE D 88 -0.84 38.58 21.71
C PHE D 88 -1.80 39.61 21.11
N ALA D 89 -3.09 39.54 21.46
CA ALA D 89 -4.15 40.43 20.91
C ALA D 89 -3.82 41.91 21.19
N LEU D 90 -3.00 42.19 22.20
CA LEU D 90 -2.66 43.60 22.58
C LEU D 90 -1.49 44.12 21.76
N ASN D 91 -0.98 43.36 20.77
CA ASN D 91 0.22 43.74 19.95
C ASN D 91 0.07 45.18 19.44
N ASN D 92 -0.95 45.46 18.62
CA ASN D 92 -1.13 46.77 17.94
C ASN D 92 -1.26 47.91 18.97
N ALA D 93 -2.10 47.72 19.99
CA ALA D 93 -2.37 48.76 21.00
C ALA D 93 -1.06 49.10 21.74
N VAL D 94 -0.23 48.09 22.03
CA VAL D 94 1.08 48.33 22.71
C VAL D 94 2.02 49.06 21.75
N LYS D 95 2.12 48.66 20.47
CA LYS D 95 2.95 49.37 19.45
C LYS D 95 2.63 50.86 19.48
N ASP D 96 1.33 51.20 19.41
CA ASP D 96 0.81 52.60 19.33
C ASP D 96 1.14 53.35 20.64
N ALA D 97 0.91 52.72 21.79
CA ALA D 97 1.15 53.36 23.11
C ALA D 97 2.64 53.63 23.30
N ALA D 98 3.51 52.68 22.94
CA ALA D 98 4.99 52.82 23.06
C ALA D 98 5.51 53.97 22.20
N LYS D 99 4.94 54.17 21.01
CA LYS D 99 5.32 55.28 20.08
C LYS D 99 4.89 56.63 20.64
N GLU D 100 3.70 56.73 21.26
CA GLU D 100 3.17 58.01 21.84
C GLU D 100 3.87 58.36 23.16
N HIS D 101 4.38 57.37 23.89
CA HIS D 101 5.00 57.55 25.24
C HIS D 101 6.41 56.94 25.24
N THR D 102 7.37 57.50 24.49
CA THR D 102 8.75 56.97 24.37
C THR D 102 9.49 57.04 25.72
N ASP D 103 8.97 57.82 26.67
CA ASP D 103 9.55 57.99 28.03
C ASP D 103 9.15 56.82 28.94
N LEU D 104 8.15 56.00 28.55
CA LEU D 104 7.67 54.88 29.39
C LEU D 104 8.11 53.56 28.76
N ASN D 105 8.19 52.51 29.58
CA ASN D 105 8.65 51.17 29.14
C ASN D 105 7.44 50.23 29.05
N TYR D 106 7.39 49.42 28.00
CA TYR D 106 6.25 48.54 27.68
C TYR D 106 6.77 47.11 27.49
N VAL D 107 6.00 46.14 27.96
CA VAL D 107 6.29 44.69 27.77
C VAL D 107 5.07 44.08 27.09
N LEU D 108 5.30 43.35 26.01
CA LEU D 108 4.24 42.54 25.34
C LEU D 108 4.48 41.07 25.70
N ILE D 109 3.48 40.43 26.29
CA ILE D 109 3.53 38.98 26.62
C ILE D 109 2.82 38.21 25.49
N ASP D 110 3.55 37.26 24.90
CA ASP D 110 3.09 36.19 23.97
C ASP D 110 3.20 36.63 22.50
N ASP D 111 3.89 37.73 22.21
CA ASP D 111 4.15 38.14 20.80
C ASP D 111 5.35 39.09 20.78
N VAL D 112 5.85 39.39 19.57
CA VAL D 112 7.09 40.18 19.37
C VAL D 112 6.75 41.50 18.67
N ILE D 113 7.26 42.60 19.21
CA ILE D 113 7.32 43.94 18.54
C ILE D 113 8.79 44.23 18.26
N LYS D 114 9.13 44.56 17.00
CA LYS D 114 10.53 44.82 16.57
C LYS D 114 10.77 46.33 16.47
N ASP D 115 12.04 46.73 16.68
CA ASP D 115 12.58 48.07 16.36
C ASP D 115 11.90 49.16 17.23
N GLN D 116 11.55 48.81 18.47
CA GLN D 116 11.00 49.77 19.46
C GLN D 116 11.81 49.61 20.74
N LYS D 117 12.66 50.61 21.03
CA LYS D 117 13.67 50.62 22.12
C LYS D 117 12.99 50.58 23.49
N ASN D 118 11.75 51.05 23.60
CA ASN D 118 11.00 51.08 24.89
C ASN D 118 10.02 49.89 24.97
N VAL D 119 10.17 48.87 24.11
CA VAL D 119 9.33 47.65 24.14
C VAL D 119 10.21 46.40 24.27
N ALA D 120 9.87 45.57 25.26
CA ALA D 120 10.39 44.19 25.43
C ALA D 120 9.28 43.21 25.07
N SER D 121 9.67 42.10 24.45
CA SER D 121 8.75 41.05 23.98
C SER D 121 9.10 39.75 24.70
N VAL D 122 8.08 39.04 25.14
CA VAL D 122 8.25 37.78 25.93
C VAL D 122 7.46 36.70 25.20
N THR D 123 8.13 35.60 24.88
CA THR D 123 7.49 34.41 24.30
C THR D 123 7.81 33.22 25.20
N PHE D 124 6.91 32.26 25.17
CA PHE D 124 7.03 30.96 25.86
C PHE D 124 6.95 29.84 24.83
N ALA D 125 7.81 28.84 24.97
CA ALA D 125 7.78 27.56 24.21
C ALA D 125 6.65 26.68 24.75
N ASP D 126 5.41 27.10 24.50
CA ASP D 126 4.18 26.42 24.94
C ASP D 126 4.02 25.10 24.18
N ASN D 127 4.68 24.98 23.02
CA ASN D 127 4.74 23.69 22.28
C ASN D 127 5.43 22.63 23.18
N GLU D 128 6.49 23.01 23.89
CA GLU D 128 7.30 22.08 24.73
C GLU D 128 6.47 21.60 25.92
N SER D 129 5.82 22.51 26.65
CA SER D 129 4.93 22.14 27.78
C SER D 129 3.74 21.34 27.22
N GLY D 130 3.22 21.72 26.05
CA GLY D 130 2.09 21.04 25.40
C GLY D 130 2.42 19.58 25.09
N TYR D 131 3.61 19.34 24.54
CA TYR D 131 4.17 17.99 24.26
C TYR D 131 4.07 17.14 25.54
N LEU D 132 4.58 17.65 26.66
CA LEU D 132 4.58 16.91 27.95
C LEU D 132 3.13 16.59 28.35
N ALA D 133 2.20 17.52 28.11
CA ALA D 133 0.77 17.31 28.42
C ALA D 133 0.22 16.20 27.52
N GLY D 134 0.64 16.17 26.25
CA GLY D 134 0.27 15.13 25.28
C GLY D 134 0.75 13.74 25.69
N VAL D 135 2.01 13.64 26.14
CA VAL D 135 2.61 12.37 26.63
C VAL D 135 1.78 11.89 27.84
N ALA D 136 1.49 12.80 28.77
CA ALA D 136 0.69 12.49 29.98
C ALA D 136 -0.69 12.00 29.56
N ALA D 137 -1.34 12.67 28.62
CA ALA D 137 -2.71 12.37 28.16
C ALA D 137 -2.73 10.96 27.56
N ALA D 138 -1.76 10.67 26.68
CA ALA D 138 -1.61 9.39 25.94
C ALA D 138 -1.37 8.23 26.91
N LYS D 139 -0.73 8.49 28.05
CA LYS D 139 -0.39 7.43 29.03
C LYS D 139 -1.56 7.18 30.00
N THR D 140 -2.66 7.94 29.92
CA THR D 140 -3.80 7.75 30.86
C THR D 140 -5.13 7.51 30.13
N THR D 141 -5.28 7.87 28.84
CA THR D 141 -6.53 7.62 28.06
C THR D 141 -6.85 6.13 28.06
N LYS D 142 -8.11 5.77 28.37
CA LYS D 142 -8.64 4.39 28.19
C LYS D 142 -9.43 4.30 26.89
N THR D 143 -10.18 5.36 26.55
CA THR D 143 -11.03 5.44 25.32
C THR D 143 -10.16 5.68 24.08
N LYS D 144 -8.88 6.04 24.27
CA LYS D 144 -7.94 6.41 23.17
C LYS D 144 -8.51 7.59 22.37
N GLN D 145 -9.28 8.46 23.01
CA GLN D 145 -9.76 9.72 22.38
C GLN D 145 -9.62 10.88 23.39
N VAL D 146 -8.96 11.97 22.95
CA VAL D 146 -8.69 13.17 23.82
C VAL D 146 -9.13 14.43 23.08
N GLY D 147 -9.43 15.48 23.85
CA GLY D 147 -9.92 16.78 23.34
C GLY D 147 -8.96 17.93 23.61
N PHE D 148 -8.95 18.89 22.68
CA PHE D 148 -8.24 20.19 22.77
C PHE D 148 -9.24 21.32 22.52
N VAL D 149 -9.46 22.18 23.52
CA VAL D 149 -10.34 23.37 23.44
C VAL D 149 -9.46 24.62 23.43
N GLY D 150 -9.28 25.22 22.26
CA GLY D 150 -8.51 26.46 22.07
C GLY D 150 -9.39 27.67 22.31
N GLY D 151 -8.80 28.80 22.67
CA GLY D 151 -9.50 30.09 22.76
C GLY D 151 -9.68 30.68 21.36
N ILE D 152 -8.65 31.34 20.84
CA ILE D 152 -8.68 32.04 19.52
C ILE D 152 -7.58 31.44 18.66
N GLU D 153 -7.94 31.00 17.45
CA GLU D 153 -6.99 30.46 16.44
C GLU D 153 -5.92 31.52 16.26
N SER D 154 -4.65 31.13 16.35
CA SER D 154 -3.50 32.05 16.47
C SER D 154 -2.20 31.24 16.45
N GLU D 155 -1.11 31.90 16.08
CA GLU D 155 0.29 31.41 16.18
C GLU D 155 0.49 30.83 17.59
N VAL D 156 0.02 31.55 18.62
CA VAL D 156 0.28 31.24 20.05
C VAL D 156 -0.43 29.93 20.42
N ILE D 157 -1.72 29.82 20.14
CA ILE D 157 -2.51 28.61 20.54
C ILE D 157 -2.11 27.45 19.62
N SER D 158 -1.65 27.71 18.41
CA SER D 158 -1.18 26.68 17.46
C SER D 158 0.08 26.00 17.98
N ARG D 159 0.95 26.74 18.68
CA ARG D 159 2.13 26.14 19.36
C ARG D 159 1.65 25.11 20.39
N PHE D 160 0.67 25.48 21.22
CA PHE D 160 0.11 24.56 22.24
C PHE D 160 -0.44 23.31 21.54
N GLU D 161 -1.21 23.53 20.48
CA GLU D 161 -1.96 22.47 19.75
C GLU D 161 -0.96 21.51 19.09
N ALA D 162 0.00 22.06 18.34
CA ALA D 162 1.00 21.30 17.58
C ALA D 162 1.83 20.46 18.56
N GLY D 163 2.28 21.06 19.66
CA GLY D 163 3.05 20.36 20.73
C GLY D 163 2.23 19.25 21.36
N PHE D 164 0.96 19.54 21.68
CA PHE D 164 0.05 18.56 22.33
C PHE D 164 -0.17 17.36 21.40
N LYS D 165 -0.49 17.60 20.13
CA LYS D 165 -0.73 16.52 19.12
C LYS D 165 0.54 15.67 19.00
N ALA D 166 1.71 16.30 18.86
CA ALA D 166 3.00 15.62 18.67
C ALA D 166 3.31 14.75 19.88
N GLY D 167 3.00 15.23 21.09
CA GLY D 167 3.27 14.51 22.34
C GLY D 167 2.42 13.26 22.45
N VAL D 168 1.15 13.37 22.10
CA VAL D 168 0.20 12.21 22.07
C VAL D 168 0.73 11.17 21.07
N ALA D 169 1.15 11.62 19.89
CA ALA D 169 1.57 10.76 18.76
C ALA D 169 2.86 10.01 19.10
N SER D 170 3.73 10.61 19.92
CA SER D 170 5.03 10.04 20.35
C SER D 170 4.81 8.76 21.18
N VAL D 171 3.66 8.64 21.84
CA VAL D 171 3.31 7.50 22.73
C VAL D 171 2.48 6.49 21.93
N ASP D 172 1.41 6.95 21.27
CA ASP D 172 0.42 6.09 20.55
C ASP D 172 -0.25 6.89 19.44
N PRO D 173 0.19 6.75 18.16
CA PRO D 173 -0.41 7.49 17.05
C PRO D 173 -1.87 7.12 16.75
N SER D 174 -2.35 5.99 17.29
CA SER D 174 -3.74 5.48 17.14
C SER D 174 -4.74 6.39 17.87
N ILE D 175 -4.28 7.18 18.85
CA ILE D 175 -5.15 8.07 19.69
C ILE D 175 -5.69 9.21 18.83
N LYS D 176 -6.99 9.48 18.94
CA LYS D 176 -7.70 10.57 18.21
C LYS D 176 -7.68 11.85 19.04
N VAL D 177 -7.25 12.96 18.45
CA VAL D 177 -7.24 14.29 19.13
C VAL D 177 -8.30 15.18 18.47
N GLN D 178 -9.40 15.43 19.18
CA GLN D 178 -10.48 16.32 18.67
C GLN D 178 -10.09 17.76 19.00
N VAL D 179 -10.04 18.64 17.99
CA VAL D 179 -9.66 20.08 18.17
C VAL D 179 -10.88 20.96 17.88
N ASP D 180 -11.23 21.85 18.80
CA ASP D 180 -12.34 22.83 18.64
C ASP D 180 -11.92 24.15 19.32
N TYR D 181 -12.25 25.28 18.70
CA TYR D 181 -11.91 26.63 19.19
C TYR D 181 -13.19 27.38 19.58
N ALA D 182 -13.13 28.13 20.67
CA ALA D 182 -14.29 28.87 21.23
C ALA D 182 -14.44 30.23 20.54
N GLY D 183 -13.36 30.79 20.01
CA GLY D 183 -13.33 32.16 19.47
C GLY D 183 -13.24 33.22 20.56
N SER D 184 -12.95 32.84 21.81
CA SER D 184 -12.82 33.79 22.95
C SER D 184 -11.99 33.18 24.09
N PHE D 185 -11.30 34.04 24.85
CA PHE D 185 -10.59 33.69 26.10
C PHE D 185 -11.44 34.07 27.32
N GLY D 186 -12.66 34.57 27.15
CA GLY D 186 -13.51 34.99 28.29
C GLY D 186 -14.96 34.57 28.19
N ASP D 187 -15.24 33.40 27.59
CA ASP D 187 -16.62 32.90 27.31
C ASP D 187 -16.78 31.48 27.90
N ALA D 188 -17.09 31.40 29.19
CA ALA D 188 -17.22 30.13 29.95
C ALA D 188 -18.30 29.22 29.33
N ALA D 189 -19.43 29.79 28.94
CA ALA D 189 -20.58 29.04 28.38
C ALA D 189 -20.15 28.28 27.13
N LYS D 190 -19.32 28.90 26.29
CA LYS D 190 -18.82 28.29 25.04
C LYS D 190 -17.89 27.11 25.38
N GLY D 191 -17.05 27.27 26.41
CA GLY D 191 -16.17 26.19 26.90
C GLY D 191 -16.97 24.98 27.35
N LYS D 192 -18.05 25.21 28.10
CA LYS D 192 -18.92 24.14 28.62
C LYS D 192 -19.55 23.36 27.46
N THR D 193 -20.10 24.02 26.45
CA THR D 193 -20.79 23.33 25.32
C THR D 193 -19.75 22.57 24.48
N ILE D 194 -18.56 23.12 24.26
CA ILE D 194 -17.50 22.41 23.46
C ILE D 194 -17.02 21.18 24.24
N ALA D 195 -16.79 21.32 25.55
CA ALA D 195 -16.34 20.21 26.43
C ALA D 195 -17.40 19.10 26.43
N ALA D 196 -18.67 19.49 26.63
CA ALA D 196 -19.84 18.56 26.64
C ALA D 196 -19.80 17.70 25.37
N ALA D 197 -19.61 18.33 24.21
CA ALA D 197 -19.61 17.67 22.88
C ALA D 197 -18.41 16.74 22.74
N GLN D 198 -17.23 17.16 23.22
CA GLN D 198 -15.97 16.39 23.10
C GLN D 198 -16.06 15.14 24.00
N TYR D 199 -16.61 15.28 25.21
CA TYR D 199 -16.79 14.16 26.18
C TYR D 199 -17.86 13.19 25.65
N ALA D 200 -19.02 13.72 25.22
CA ALA D 200 -20.14 12.94 24.66
C ALA D 200 -19.66 12.14 23.44
N ALA D 201 -18.73 12.66 22.66
CA ALA D 201 -18.15 12.00 21.46
C ALA D 201 -17.09 10.96 21.85
N GLY D 202 -16.73 10.87 23.13
CA GLY D 202 -15.91 9.75 23.68
C GLY D 202 -14.50 10.14 24.14
N ALA D 203 -14.22 11.43 24.28
CA ALA D 203 -12.95 11.91 24.90
C ALA D 203 -13.03 11.61 26.40
N ASP D 204 -11.96 11.10 27.02
CA ASP D 204 -11.92 10.95 28.50
C ASP D 204 -10.95 12.00 29.11
N ILE D 205 -10.27 12.78 28.27
CA ILE D 205 -9.34 13.87 28.71
C ILE D 205 -9.57 15.08 27.79
N VAL D 206 -9.73 16.27 28.37
CA VAL D 206 -9.73 17.54 27.60
C VAL D 206 -8.64 18.46 28.13
N TYR D 207 -7.75 18.90 27.23
CA TYR D 207 -6.77 19.99 27.47
C TYR D 207 -7.41 21.32 27.06
N GLN D 208 -7.63 22.21 28.03
CA GLN D 208 -8.26 23.54 27.78
C GLN D 208 -7.17 24.61 27.72
N VAL D 209 -7.01 25.23 26.56
CA VAL D 209 -6.03 26.31 26.30
C VAL D 209 -6.80 27.54 25.83
N ALA D 210 -7.59 28.11 26.73
CA ALA D 210 -8.66 29.05 26.36
C ALA D 210 -8.90 30.08 27.47
N GLY D 211 -7.90 30.33 28.32
CA GLY D 211 -8.02 31.30 29.41
C GLY D 211 -9.24 31.02 30.25
N GLY D 212 -10.08 32.04 30.47
CA GLY D 212 -11.30 31.99 31.31
C GLY D 212 -12.40 31.16 30.67
N THR D 213 -12.36 30.96 29.34
CA THR D 213 -13.30 30.03 28.63
C THR D 213 -13.18 28.65 29.26
N GLY D 214 -12.00 28.30 29.76
CA GLY D 214 -11.67 27.02 30.41
C GLY D 214 -12.52 26.75 31.64
N ALA D 215 -12.98 27.78 32.36
CA ALA D 215 -13.89 27.62 33.53
C ALA D 215 -15.10 26.76 33.14
N GLY D 216 -15.59 26.92 31.91
CA GLY D 216 -16.69 26.10 31.35
C GLY D 216 -16.31 24.63 31.21
N VAL D 217 -15.09 24.35 30.76
CA VAL D 217 -14.58 22.95 30.60
C VAL D 217 -14.52 22.29 31.98
N PHE D 218 -14.08 23.02 33.00
CA PHE D 218 -14.02 22.53 34.41
C PHE D 218 -15.45 22.24 34.89
N ALA D 219 -16.38 23.16 34.63
CA ALA D 219 -17.80 23.07 35.05
C ALA D 219 -18.42 21.81 34.44
N GLU D 220 -18.17 21.55 33.15
CA GLU D 220 -18.74 20.38 32.44
C GLU D 220 -18.20 19.07 33.03
N ALA D 221 -16.88 18.97 33.21
CA ALA D 221 -16.21 17.77 33.74
C ALA D 221 -16.66 17.51 35.18
N LYS D 222 -16.85 18.57 35.97
CA LYS D 222 -17.31 18.44 37.38
C LYS D 222 -18.71 17.80 37.38
N SER D 223 -19.63 18.35 36.59
CA SER D 223 -21.04 17.90 36.42
C SER D 223 -21.08 16.42 36.04
N LEU D 224 -20.33 16.01 35.01
CA LEU D 224 -20.29 14.59 34.57
C LEU D 224 -19.80 13.71 35.73
N ASN D 225 -18.71 14.13 36.38
CA ASN D 225 -17.98 13.31 37.37
C ASN D 225 -18.78 13.20 38.68
N GLU D 226 -19.55 14.25 39.02
CA GLU D 226 -20.40 14.29 40.25
C GLU D 226 -21.49 13.22 40.16
N SER D 227 -22.03 12.98 38.96
CA SER D 227 -23.07 11.95 38.68
C SER D 227 -22.42 10.68 38.11
N ARG D 228 -21.32 10.22 38.72
CA ARG D 228 -20.60 9.00 38.26
C ARG D 228 -19.71 8.46 39.37
N PRO D 229 -19.33 7.16 39.32
CA PRO D 229 -18.31 6.63 40.23
C PRO D 229 -16.91 7.18 39.94
N GLU D 230 -16.09 7.26 40.99
CA GLU D 230 -14.72 7.83 40.98
C GLU D 230 -13.87 7.14 39.90
N ASN D 231 -13.98 5.82 39.78
CA ASN D 231 -13.15 4.99 38.85
C ASN D 231 -13.50 5.32 37.38
N GLU D 232 -14.67 5.91 37.12
CA GLU D 232 -15.19 6.19 35.75
C GLU D 232 -15.07 7.69 35.42
N LYS D 233 -14.29 8.45 36.19
CA LYS D 233 -14.24 9.92 36.04
C LYS D 233 -13.53 10.28 34.73
N VAL D 234 -13.80 11.50 34.28
CA VAL D 234 -13.29 12.13 33.03
C VAL D 234 -12.29 13.23 33.45
N TRP D 235 -11.17 13.38 32.73
CA TRP D 235 -10.04 14.26 33.15
C TRP D 235 -10.05 15.61 32.42
N VAL D 236 -9.52 16.64 33.08
CA VAL D 236 -9.13 17.95 32.47
C VAL D 236 -7.63 18.15 32.67
N ILE D 237 -6.95 18.69 31.65
CA ILE D 237 -5.54 19.16 31.80
C ILE D 237 -5.56 20.68 31.98
N GLY D 238 -4.97 21.14 33.09
CA GLY D 238 -4.84 22.56 33.45
C GLY D 238 -3.86 23.29 32.56
N VAL D 239 -3.91 24.61 32.56
CA VAL D 239 -3.07 25.46 31.67
C VAL D 239 -2.60 26.70 32.44
N ASP D 240 -1.36 27.12 32.19
CA ASP D 240 -0.72 28.38 32.65
C ASP D 240 -0.36 28.29 34.14
N ARG D 241 -1.34 28.04 35.00
CA ARG D 241 -1.13 27.83 36.45
C ARG D 241 -1.40 26.35 36.78
N ASP D 242 -0.88 25.90 37.92
CA ASP D 242 -1.28 24.63 38.55
C ASP D 242 -2.75 24.79 38.96
N GLN D 243 -3.67 24.11 38.27
CA GLN D 243 -5.13 24.29 38.43
C GLN D 243 -5.72 23.12 39.24
N GLU D 244 -4.88 22.38 39.98
CA GLU D 244 -5.30 21.23 40.83
C GLU D 244 -6.51 21.64 41.69
N ALA D 245 -6.52 22.85 42.26
CA ALA D 245 -7.56 23.31 43.19
C ALA D 245 -8.95 23.32 42.50
N GLU D 246 -8.99 23.47 41.17
CA GLU D 246 -10.27 23.63 40.43
C GLU D 246 -10.87 22.26 40.10
N GLY D 247 -10.12 21.18 40.33
CA GLY D 247 -10.53 19.80 39.96
C GLY D 247 -11.18 19.04 41.11
N LYS D 248 -11.37 19.68 42.28
CA LYS D 248 -11.95 19.02 43.48
C LYS D 248 -13.45 18.78 43.25
N TYR D 249 -13.91 17.58 43.57
CA TYR D 249 -15.34 17.18 43.51
C TYR D 249 -15.58 15.96 44.38
N THR D 250 -16.87 15.67 44.63
CA THR D 250 -17.35 14.45 45.32
C THR D 250 -18.01 13.55 44.28
N SER D 251 -17.51 12.32 44.14
CA SER D 251 -18.02 11.26 43.24
C SER D 251 -19.47 10.90 43.61
N LYS D 252 -20.18 10.14 42.77
CA LYS D 252 -21.56 9.66 43.08
C LYS D 252 -21.52 8.69 44.29
N ASP D 253 -20.48 7.85 44.35
CA ASP D 253 -20.09 6.96 45.47
C ASP D 253 -19.80 7.67 46.80
N GLY D 254 -19.78 9.01 46.82
CA GLY D 254 -19.45 9.82 48.01
C GLY D 254 -17.95 9.92 48.29
N LYS D 255 -17.10 9.53 47.33
CA LYS D 255 -15.62 9.69 47.44
C LYS D 255 -15.23 11.12 47.04
N GLU D 256 -14.38 11.77 47.83
CA GLU D 256 -13.78 13.10 47.48
C GLU D 256 -12.54 12.83 46.63
N SER D 257 -12.46 13.45 45.46
CA SER D 257 -11.43 13.15 44.42
C SER D 257 -11.06 14.42 43.65
N ASN D 258 -10.26 14.27 42.59
CA ASN D 258 -9.75 15.40 41.78
C ASN D 258 -9.64 14.95 40.32
N PHE D 259 -10.25 15.69 39.38
CA PHE D 259 -10.26 15.34 37.94
C PHE D 259 -9.23 16.15 37.14
N VAL D 260 -8.36 16.92 37.81
CA VAL D 260 -7.19 17.53 37.10
C VAL D 260 -6.09 16.48 37.04
N LEU D 261 -5.70 16.07 35.83
CA LEU D 261 -4.64 15.06 35.63
C LEU D 261 -3.28 15.73 35.85
N VAL D 262 -3.11 16.87 35.18
CA VAL D 262 -1.79 17.50 34.94
C VAL D 262 -2.08 18.94 34.54
N SER D 263 -1.12 19.86 34.72
CA SER D 263 -1.27 21.28 34.33
C SER D 263 -0.01 21.71 33.59
N THR D 264 -0.15 22.33 32.42
CA THR D 264 0.98 23.03 31.79
C THR D 264 1.17 24.33 32.58
N LEU D 265 2.42 24.72 32.79
CA LEU D 265 2.77 25.93 33.58
C LEU D 265 3.38 26.92 32.59
N LYS D 266 3.01 28.18 32.74
CA LYS D 266 3.56 29.32 31.98
C LYS D 266 3.79 30.41 33.02
N GLN D 267 5.05 30.71 33.33
CA GLN D 267 5.36 31.52 34.54
C GLN D 267 5.27 33.00 34.16
N VAL D 268 4.07 33.44 33.81
CA VAL D 268 3.78 34.85 33.43
C VAL D 268 4.07 35.73 34.65
N GLY D 269 3.54 35.36 35.82
CA GLY D 269 3.77 36.09 37.08
C GLY D 269 5.25 36.32 37.34
N THR D 270 6.05 35.25 37.28
CA THR D 270 7.51 35.32 37.52
C THR D 270 8.14 36.31 36.54
N THR D 271 7.76 36.31 35.28
CA THR D 271 8.31 37.24 34.25
C THR D 271 7.97 38.69 34.62
N VAL D 272 6.73 38.94 35.02
CA VAL D 272 6.26 40.30 35.40
C VAL D 272 7.14 40.79 36.55
N LYS D 273 7.31 39.95 37.57
CA LYS D 273 8.11 40.29 38.78
C LYS D 273 9.57 40.52 38.38
N ASP D 274 10.17 39.63 37.59
CA ASP D 274 11.60 39.70 37.23
C ASP D 274 11.85 40.95 36.38
N ILE D 275 10.98 41.25 35.41
CA ILE D 275 11.19 42.43 34.52
C ILE D 275 10.92 43.71 35.29
N SER D 276 9.95 43.71 36.22
CA SER D 276 9.68 44.88 37.07
C SER D 276 10.93 45.20 37.89
N ASN D 277 11.58 44.19 38.46
CA ASN D 277 12.83 44.35 39.24
C ASN D 277 13.95 44.87 38.33
N LYS D 278 14.05 44.37 37.10
CA LYS D 278 15.10 44.83 36.16
C LYS D 278 14.83 46.29 35.80
N ALA D 279 13.57 46.68 35.60
CA ALA D 279 13.19 48.07 35.26
C ALA D 279 13.57 48.99 36.43
N GLU D 280 13.25 48.60 37.67
CA GLU D 280 13.55 49.43 38.86
C GLU D 280 15.06 49.65 38.95
N ARG D 281 15.88 48.65 38.61
CA ARG D 281 17.37 48.70 38.73
C ARG D 281 18.00 49.31 37.47
N GLY D 282 17.21 49.92 36.58
CA GLY D 282 17.71 50.58 35.36
C GLY D 282 18.27 49.61 34.32
N GLU D 283 17.77 48.38 34.26
CA GLU D 283 18.20 47.36 33.26
C GLU D 283 16.99 46.83 32.50
N PHE D 284 16.02 47.68 32.16
CA PHE D 284 14.88 47.28 31.30
C PHE D 284 15.41 46.77 29.96
N PRO D 285 15.08 45.52 29.54
CA PRO D 285 15.57 44.97 28.28
C PRO D 285 14.82 45.43 27.02
N GLY D 286 14.77 46.74 26.79
CA GLY D 286 14.10 47.35 25.62
C GLY D 286 14.71 46.85 24.33
N GLY D 287 13.86 46.48 23.36
CA GLY D 287 14.28 46.05 22.01
C GLY D 287 14.64 44.58 21.97
N GLN D 288 14.58 43.88 23.10
CA GLN D 288 15.01 42.46 23.18
C GLN D 288 13.77 41.56 23.13
N VAL D 289 14.00 40.31 22.72
CA VAL D 289 12.99 39.23 22.80
C VAL D 289 13.47 38.27 23.88
N ILE D 290 12.67 38.06 24.91
CA ILE D 290 12.99 37.10 26.00
C ILE D 290 12.23 35.81 25.73
N VAL D 291 12.96 34.71 25.50
CA VAL D 291 12.37 33.38 25.19
C VAL D 291 12.49 32.48 26.43
N TYR D 292 11.34 32.09 26.97
CA TYR D 292 11.24 31.09 28.05
C TYR D 292 10.87 29.75 27.43
N SER D 293 11.52 28.70 27.91
CA SER D 293 11.31 27.32 27.41
C SER D 293 11.40 26.37 28.60
N LEU D 294 11.37 25.07 28.32
CA LEU D 294 11.48 24.01 29.35
C LEU D 294 12.83 24.15 30.07
N LYS D 295 13.88 24.52 29.33
CA LYS D 295 15.28 24.61 29.84
C LYS D 295 15.34 25.50 31.08
N ASP D 296 14.77 26.70 31.01
CA ASP D 296 14.86 27.73 32.08
C ASP D 296 13.64 27.63 33.02
N LYS D 297 12.79 26.61 32.84
CA LYS D 297 11.58 26.35 33.68
C LYS D 297 10.58 27.52 33.57
N GLY D 298 10.63 28.30 32.50
CA GLY D 298 9.60 29.30 32.13
C GLY D 298 8.29 28.61 31.79
N VAL D 299 8.37 27.42 31.19
CA VAL D 299 7.21 26.49 31.05
C VAL D 299 7.60 25.18 31.73
N ASP D 300 6.61 24.42 32.20
CA ASP D 300 6.83 23.12 32.86
C ASP D 300 5.51 22.35 32.85
N LEU D 301 5.49 21.15 33.42
CA LEU D 301 4.25 20.38 33.65
C LEU D 301 4.17 20.06 35.14
N ALA D 302 3.06 20.43 35.78
CA ALA D 302 2.71 20.02 37.17
C ALA D 302 2.08 18.64 37.08
N VAL D 303 2.66 17.65 37.74
CA VAL D 303 2.42 16.20 37.47
C VAL D 303 1.34 15.65 38.43
N THR D 304 0.68 16.51 39.19
CA THR D 304 -0.37 16.27 40.23
C THR D 304 -0.83 14.80 40.31
N ASN D 305 -1.79 14.37 39.48
CA ASN D 305 -2.56 13.11 39.68
C ASN D 305 -2.19 12.09 38.60
N LEU D 306 -1.07 12.31 37.91
CA LEU D 306 -0.53 11.37 36.89
C LEU D 306 -0.06 10.07 37.56
N SER D 307 -0.27 8.95 36.88
CA SER D 307 0.27 7.60 37.22
C SER D 307 1.81 7.64 37.17
N GLU D 308 2.47 6.73 37.88
CA GLU D 308 3.95 6.62 37.93
C GLU D 308 4.50 6.33 36.52
N GLU D 309 3.80 5.51 35.73
CA GLU D 309 4.18 5.23 34.31
C GLU D 309 4.20 6.55 33.54
N GLY D 310 3.12 7.34 33.65
CA GLY D 310 3.01 8.67 33.04
C GLY D 310 4.18 9.56 33.44
N LYS D 311 4.48 9.64 34.75
CA LYS D 311 5.59 10.48 35.29
C LYS D 311 6.90 10.11 34.59
N LYS D 312 7.17 8.81 34.43
CA LYS D 312 8.44 8.32 33.81
C LYS D 312 8.49 8.78 32.35
N ALA D 313 7.39 8.62 31.62
CA ALA D 313 7.27 8.98 30.19
C ALA D 313 7.47 10.50 30.02
N VAL D 314 6.89 11.29 30.93
CA VAL D 314 7.03 12.77 30.91
C VAL D 314 8.50 13.13 31.13
N GLU D 315 9.13 12.57 32.16
CA GLU D 315 10.54 12.90 32.53
C GLU D 315 11.49 12.49 31.38
N ASP D 316 11.19 11.38 30.70
CA ASP D 316 11.98 10.88 29.54
C ASP D 316 11.80 11.86 28.37
N ALA D 317 10.56 12.27 28.11
CA ALA D 317 10.23 13.24 27.04
C ALA D 317 10.89 14.59 27.34
N LYS D 318 10.82 15.04 28.59
CA LYS D 318 11.47 16.31 29.01
C LYS D 318 12.96 16.22 28.67
N ALA D 319 13.63 15.14 29.07
CA ALA D 319 15.09 14.91 28.87
C ALA D 319 15.45 15.00 27.39
N LYS D 320 14.63 14.40 26.52
CA LYS D 320 14.86 14.37 25.05
C LYS D 320 14.67 15.76 24.43
N ILE D 321 13.80 16.60 25.01
CA ILE D 321 13.56 18.00 24.52
C ILE D 321 14.79 18.85 24.89
N LEU D 322 15.28 18.70 26.11
CA LEU D 322 16.47 19.44 26.62
C LEU D 322 17.73 19.03 25.82
N ASP D 323 17.86 17.74 25.48
CA ASP D 323 18.98 17.15 24.70
C ASP D 323 19.04 17.74 23.28
N GLY D 324 17.89 17.84 22.63
CA GLY D 324 17.78 18.20 21.20
C GLY D 324 17.37 17.01 20.36
N SER D 325 17.32 15.81 20.95
CA SER D 325 16.90 14.54 20.29
C SER D 325 15.47 14.65 19.75
N VAL D 326 14.57 15.32 20.48
CA VAL D 326 13.16 15.55 20.04
C VAL D 326 12.99 17.04 19.74
N LYS D 327 12.62 17.37 18.50
CA LYS D 327 12.29 18.76 18.09
C LYS D 327 10.77 18.86 18.01
N VAL D 328 10.14 19.48 19.01
CA VAL D 328 8.68 19.65 19.07
C VAL D 328 8.28 20.69 18.03
N PRO D 329 7.28 20.42 17.16
CA PRO D 329 6.85 21.39 16.16
C PRO D 329 6.08 22.56 16.78
N GLU D 330 5.87 23.64 16.01
CA GLU D 330 5.22 24.90 16.43
C GLU D 330 3.91 25.14 15.67
#